data_6E98
#
_entry.id   6E98
#
_entity_poly.entity_id   1
_entity_poly.type   'polypeptide(L)'
_entity_poly.pdbx_seq_one_letter_code
;GSWGQCSTGSIQCCQNVVPGDSDLGTLLLDELGIVLEDPTVLIGDGCDPITVAGSSDACSATAVCCSDNNVSGVIAIGCL
PVTL
;
_entity_poly.pdbx_strand_id   A
#
# COMPACT_ATOMS: atom_id res chain seq x y z
N GLY A 1 -0.10 -17.07 -12.92
CA GLY A 1 -0.15 -15.69 -12.36
C GLY A 1 -0.44 -15.69 -10.87
N SER A 2 0.33 -14.91 -10.12
CA SER A 2 0.15 -14.84 -8.68
C SER A 2 0.39 -13.42 -8.18
N TRP A 3 -0.66 -12.82 -7.63
CA TRP A 3 -0.57 -11.50 -7.01
C TRP A 3 -0.03 -11.62 -5.60
N GLY A 4 -0.70 -12.43 -4.79
CA GLY A 4 -0.32 -12.62 -3.42
C GLY A 4 -1.45 -13.18 -2.60
N GLN A 5 -1.14 -13.72 -1.43
CA GLN A 5 -2.15 -14.31 -0.59
C GLN A 5 -2.75 -13.27 0.35
N CYS A 6 -3.98 -12.88 0.05
CA CYS A 6 -4.71 -11.92 0.87
C CYS A 6 -6.06 -11.60 0.24
N SER A 7 -7.12 -11.97 0.93
CA SER A 7 -8.47 -11.70 0.46
C SER A 7 -9.04 -10.46 1.16
N THR A 8 -8.16 -9.70 1.79
CA THR A 8 -8.54 -8.48 2.47
C THR A 8 -8.60 -7.30 1.49
N GLY A 9 -8.14 -7.55 0.27
CA GLY A 9 -8.18 -6.53 -0.75
C GLY A 9 -7.26 -6.85 -1.91
N SER A 10 -6.38 -5.92 -2.23
CA SER A 10 -5.43 -6.10 -3.30
C SER A 10 -4.02 -6.16 -2.72
N ILE A 11 -3.14 -6.90 -3.36
CA ILE A 11 -1.76 -6.97 -2.92
C ILE A 11 -0.87 -6.05 -3.72
N GLN A 12 0.02 -5.40 -3.01
CA GLN A 12 1.00 -4.49 -3.62
C GLN A 12 2.29 -4.47 -2.83
N CYS A 13 3.31 -3.88 -3.42
CA CYS A 13 4.61 -3.76 -2.79
C CYS A 13 4.95 -2.29 -2.58
N CYS A 14 4.88 -1.86 -1.33
CA CYS A 14 5.03 -0.45 -1.00
C CYS A 14 6.47 -0.10 -0.68
N GLN A 15 6.93 0.97 -1.29
CA GLN A 15 8.24 1.52 -1.01
C GLN A 15 8.22 2.20 0.36
N ASN A 16 7.10 2.83 0.69
CA ASN A 16 6.92 3.49 1.98
C ASN A 16 5.63 3.03 2.66
N VAL A 17 5.74 2.13 3.61
CA VAL A 17 4.59 1.74 4.41
C VAL A 17 4.54 2.59 5.67
N VAL A 18 3.69 3.60 5.63
CA VAL A 18 3.62 4.56 6.72
C VAL A 18 2.19 4.74 7.20
N PRO A 19 1.99 4.87 8.52
CA PRO A 19 0.68 5.19 9.09
C PRO A 19 0.13 6.51 8.55
N GLY A 20 -1.16 6.55 8.30
CA GLY A 20 -1.78 7.74 7.76
C GLY A 20 -1.76 8.90 8.75
N ASP A 21 -1.58 8.59 10.02
CA ASP A 21 -1.48 9.60 11.06
C ASP A 21 -0.01 9.77 11.48
N SER A 22 0.86 9.12 10.74
CA SER A 22 2.30 9.22 10.94
C SER A 22 2.79 10.57 10.45
N ASP A 23 3.91 11.04 10.99
CA ASP A 23 4.49 12.29 10.52
C ASP A 23 4.74 12.22 9.03
N LEU A 24 5.21 11.07 8.59
CA LEU A 24 5.43 10.83 7.18
C LEU A 24 4.09 10.70 6.46
N GLY A 25 3.29 9.72 6.86
CA GLY A 25 2.04 9.43 6.17
C GLY A 25 1.11 10.62 6.08
N THR A 26 1.02 11.37 7.16
CA THR A 26 0.12 12.53 7.21
C THR A 26 0.62 13.62 6.27
N LEU A 27 1.94 13.80 6.22
CA LEU A 27 2.54 14.76 5.33
C LEU A 27 2.29 14.34 3.88
N LEU A 28 2.37 13.03 3.65
CA LEU A 28 2.23 12.49 2.30
C LEU A 28 0.81 12.65 1.79
N LEU A 29 -0.17 12.25 2.60
CA LEU A 29 -1.55 12.30 2.17
C LEU A 29 -2.07 13.74 2.14
N ASP A 30 -1.45 14.61 2.93
CA ASP A 30 -1.80 16.02 2.91
C ASP A 30 -1.36 16.62 1.58
N GLU A 31 -0.29 16.08 1.04
CA GLU A 31 0.25 16.49 -0.23
C GLU A 31 -0.61 15.94 -1.36
N LEU A 32 -1.45 14.98 -1.00
CA LEU A 32 -2.27 14.27 -1.96
C LEU A 32 -3.75 14.59 -1.78
N GLY A 33 -4.04 15.46 -0.82
CA GLY A 33 -5.41 15.88 -0.57
C GLY A 33 -6.34 14.74 -0.20
N ILE A 34 -5.82 13.75 0.49
CA ILE A 34 -6.60 12.57 0.84
C ILE A 34 -7.43 12.81 2.09
N VAL A 35 -8.73 12.59 1.97
CA VAL A 35 -9.61 12.70 3.12
C VAL A 35 -9.67 11.36 3.84
N LEU A 36 -9.29 11.36 5.11
CA LEU A 36 -9.24 10.13 5.89
C LEU A 36 -10.53 9.91 6.68
N GLU A 37 -11.06 8.71 6.56
CA GLU A 37 -12.16 8.27 7.42
C GLU A 37 -11.58 7.59 8.64
N ASP A 38 -10.41 7.00 8.44
CA ASP A 38 -9.69 6.31 9.48
C ASP A 38 -8.21 6.59 9.29
N PRO A 39 -7.68 7.59 10.00
CA PRO A 39 -6.27 8.01 9.85
C PRO A 39 -5.30 6.95 10.38
N THR A 40 -5.86 5.93 10.99
CA THR A 40 -5.06 4.90 11.62
C THR A 40 -4.83 3.71 10.69
N VAL A 41 -5.04 3.95 9.40
CA VAL A 41 -4.73 2.95 8.39
C VAL A 41 -3.31 3.16 7.88
N LEU A 42 -2.72 2.11 7.36
CA LEU A 42 -1.39 2.19 6.78
C LEU A 42 -1.49 2.56 5.31
N ILE A 43 -0.87 3.66 4.94
CA ILE A 43 -0.84 4.07 3.56
C ILE A 43 0.50 3.75 2.95
N GLY A 44 0.47 3.16 1.77
CA GLY A 44 1.68 2.71 1.14
C GLY A 44 2.11 3.59 -0.01
N ASP A 45 3.00 4.51 0.27
CA ASP A 45 3.55 5.38 -0.75
C ASP A 45 4.59 4.60 -1.55
N GLY A 46 4.64 4.82 -2.85
CA GLY A 46 5.58 4.08 -3.67
C GLY A 46 5.18 2.63 -3.80
N CYS A 47 3.88 2.38 -3.93
CA CYS A 47 3.38 1.02 -3.92
C CYS A 47 2.94 0.58 -5.30
N ASP A 48 3.62 -0.43 -5.82
CA ASP A 48 3.25 -1.02 -7.10
C ASP A 48 2.51 -2.32 -6.85
N PRO A 49 1.38 -2.54 -7.55
CA PRO A 49 0.61 -3.77 -7.42
C PRO A 49 1.42 -4.99 -7.86
N ILE A 50 1.49 -6.00 -6.99
CA ILE A 50 2.31 -7.16 -7.27
C ILE A 50 1.58 -8.13 -8.19
N THR A 51 1.98 -8.12 -9.45
CA THR A 51 1.38 -9.01 -10.44
C THR A 51 2.47 -9.57 -11.34
N VAL A 52 3.70 -9.53 -10.85
CA VAL A 52 4.83 -10.07 -11.56
C VAL A 52 5.62 -11.02 -10.67
N ALA A 53 6.45 -11.88 -11.28
CA ALA A 53 7.34 -12.78 -10.57
C ALA A 53 6.58 -13.96 -9.94
N GLY A 54 5.70 -13.66 -8.99
CA GLY A 54 5.01 -14.73 -8.28
C GLY A 54 5.97 -15.57 -7.47
N SER A 55 6.92 -14.89 -6.84
CA SER A 55 7.94 -15.56 -6.04
C SER A 55 8.36 -14.63 -4.90
N SER A 56 9.46 -14.95 -4.21
CA SER A 56 9.95 -14.10 -3.14
C SER A 56 10.33 -12.72 -3.67
N ASP A 57 10.84 -12.67 -4.90
CA ASP A 57 11.25 -11.42 -5.53
C ASP A 57 10.06 -10.67 -6.12
N ALA A 58 8.88 -10.91 -5.60
CA ALA A 58 7.68 -10.23 -6.07
C ALA A 58 7.58 -8.84 -5.47
N CYS A 59 8.42 -8.59 -4.48
CA CYS A 59 8.46 -7.29 -3.83
C CYS A 59 9.88 -6.97 -3.39
N SER A 60 10.31 -5.75 -3.64
CA SER A 60 11.65 -5.32 -3.32
C SER A 60 11.71 -4.50 -2.03
N ALA A 61 10.60 -3.84 -1.71
CA ALA A 61 10.55 -2.98 -0.52
C ALA A 61 9.77 -3.63 0.62
N THR A 62 8.44 -3.54 0.56
CA THR A 62 7.60 -4.12 1.61
C THR A 62 6.29 -4.62 1.02
N ALA A 63 5.93 -5.86 1.35
CA ALA A 63 4.72 -6.46 0.81
C ALA A 63 3.53 -6.12 1.69
N VAL A 64 2.45 -5.68 1.06
CA VAL A 64 1.27 -5.25 1.78
C VAL A 64 -0.01 -5.61 1.02
N CYS A 65 -1.14 -5.40 1.69
CA CYS A 65 -2.43 -5.71 1.12
C CYS A 65 -3.41 -4.61 1.48
N CYS A 66 -3.76 -3.77 0.52
CA CYS A 66 -4.66 -2.65 0.75
C CYS A 66 -6.12 -3.02 0.58
N SER A 67 -6.92 -2.59 1.54
CA SER A 67 -8.35 -2.86 1.54
C SER A 67 -9.10 -1.83 0.71
N ASP A 68 -8.46 -0.70 0.45
CA ASP A 68 -9.06 0.38 -0.32
C ASP A 68 -8.53 0.33 -1.75
N ASN A 69 -9.25 0.95 -2.67
CA ASN A 69 -8.88 0.91 -4.09
C ASN A 69 -8.45 2.29 -4.57
N ASN A 70 -8.63 3.30 -3.72
CA ASN A 70 -8.29 4.67 -4.06
C ASN A 70 -6.79 4.90 -4.01
N VAL A 71 -6.19 5.05 -5.18
CA VAL A 71 -4.77 5.33 -5.28
C VAL A 71 -4.55 6.68 -5.97
N SER A 72 -3.54 7.41 -5.52
CA SER A 72 -3.23 8.70 -6.09
C SER A 72 -2.36 8.55 -7.34
N GLY A 73 -2.02 7.31 -7.65
CA GLY A 73 -1.15 7.02 -8.77
C GLY A 73 0.02 6.16 -8.39
N VAL A 74 0.51 6.31 -7.17
CA VAL A 74 1.61 5.48 -6.70
C VAL A 74 1.39 4.96 -5.28
N ILE A 75 0.45 5.56 -4.55
CA ILE A 75 0.22 5.16 -3.17
C ILE A 75 -0.76 4.01 -3.07
N ALA A 76 -1.06 3.67 -1.83
CA ALA A 76 -2.04 2.65 -1.51
C ALA A 76 -2.67 3.00 -0.15
N ILE A 77 -3.96 2.77 0.01
CA ILE A 77 -4.64 3.14 1.25
C ILE A 77 -5.21 1.91 1.98
N GLY A 78 -4.90 1.81 3.26
CA GLY A 78 -5.43 0.71 4.07
C GLY A 78 -4.70 -0.58 3.81
N CYS A 79 -3.38 -0.52 3.90
CA CYS A 79 -2.54 -1.67 3.60
C CYS A 79 -2.11 -2.40 4.85
N LEU A 80 -2.30 -3.71 4.84
CA LEU A 80 -1.81 -4.55 5.90
C LEU A 80 -0.50 -5.22 5.47
N PRO A 81 0.52 -5.18 6.32
CA PRO A 81 1.83 -5.76 6.01
C PRO A 81 1.78 -7.28 5.93
N VAL A 82 2.19 -7.81 4.79
CA VAL A 82 2.21 -9.24 4.58
C VAL A 82 3.59 -9.69 4.17
N THR A 83 3.87 -10.96 4.39
CA THR A 83 5.12 -11.56 4.00
C THR A 83 4.94 -13.07 3.83
N LEU A 84 5.56 -13.63 2.79
CA LEU A 84 5.47 -15.06 2.51
C LEU A 84 4.01 -15.48 2.31
N GLY A 1 -7.76 -14.21 -6.94
CA GLY A 1 -7.56 -12.81 -7.37
C GLY A 1 -6.28 -12.65 -8.15
N SER A 2 -6.31 -11.79 -9.17
CA SER A 2 -5.15 -11.59 -10.03
C SER A 2 -4.16 -10.61 -9.39
N TRP A 3 -4.62 -9.89 -8.38
CA TRP A 3 -3.80 -8.89 -7.72
C TRP A 3 -3.29 -9.43 -6.39
N GLY A 4 -2.96 -10.71 -6.37
CA GLY A 4 -2.48 -11.34 -5.16
C GLY A 4 -3.61 -11.96 -4.34
N GLN A 5 -3.30 -13.02 -3.62
CA GLN A 5 -4.28 -13.69 -2.78
C GLN A 5 -4.32 -13.03 -1.41
N CYS A 6 -5.41 -12.32 -1.13
CA CYS A 6 -5.54 -11.62 0.14
C CYS A 6 -7.00 -11.38 0.48
N SER A 7 -7.36 -11.62 1.73
CA SER A 7 -8.72 -11.43 2.20
C SER A 7 -8.98 -9.97 2.56
N THR A 8 -7.90 -9.22 2.76
CA THR A 8 -8.00 -7.80 3.10
C THR A 8 -8.20 -6.96 1.83
N GLY A 9 -7.76 -7.49 0.69
CA GLY A 9 -7.92 -6.79 -0.56
C GLY A 9 -6.87 -7.17 -1.57
N SER A 10 -6.37 -6.19 -2.30
CA SER A 10 -5.37 -6.42 -3.33
C SER A 10 -3.97 -6.25 -2.75
N ILE A 11 -3.07 -7.13 -3.14
CA ILE A 11 -1.70 -7.08 -2.63
C ILE A 11 -0.83 -6.22 -3.53
N GLN A 12 -0.02 -5.43 -2.88
CA GLN A 12 0.83 -4.47 -3.56
C GLN A 12 2.15 -4.33 -2.81
N CYS A 13 3.17 -3.87 -3.51
CA CYS A 13 4.48 -3.74 -2.91
C CYS A 13 4.83 -2.27 -2.76
N CYS A 14 4.73 -1.79 -1.53
CA CYS A 14 4.94 -0.39 -1.22
C CYS A 14 6.41 -0.10 -0.97
N GLN A 15 6.86 1.01 -1.55
CA GLN A 15 8.20 1.49 -1.31
C GLN A 15 8.26 2.09 0.10
N ASN A 16 7.14 2.67 0.52
CA ASN A 16 7.02 3.26 1.84
C ASN A 16 5.79 2.71 2.53
N VAL A 17 5.91 2.34 3.80
CA VAL A 17 4.76 1.92 4.58
C VAL A 17 4.67 2.73 5.86
N VAL A 18 3.72 3.64 5.89
CA VAL A 18 3.61 4.58 6.99
C VAL A 18 2.16 4.72 7.45
N PRO A 19 1.94 4.85 8.76
CA PRO A 19 0.62 5.17 9.31
C PRO A 19 0.09 6.48 8.74
N GLY A 20 -1.20 6.51 8.44
CA GLY A 20 -1.80 7.71 7.88
C GLY A 20 -1.80 8.87 8.85
N ASP A 21 -1.72 8.55 10.15
CA ASP A 21 -1.64 9.56 11.19
C ASP A 21 -0.18 9.80 11.57
N SER A 22 0.72 9.06 10.93
CA SER A 22 2.14 9.24 11.14
C SER A 22 2.58 10.58 10.58
N ASP A 23 3.61 11.15 11.16
CA ASP A 23 4.12 12.43 10.68
C ASP A 23 4.54 12.31 9.23
N LEU A 24 5.01 11.13 8.86
CA LEU A 24 5.29 10.81 7.48
C LEU A 24 4.00 10.71 6.68
N GLY A 25 3.18 9.73 7.03
CA GLY A 25 1.97 9.44 6.27
C GLY A 25 1.05 10.64 6.13
N THR A 26 0.91 11.40 7.20
CA THR A 26 0.03 12.56 7.19
C THR A 26 0.59 13.63 6.26
N LEU A 27 1.89 13.82 6.29
CA LEU A 27 2.55 14.77 5.42
C LEU A 27 2.41 14.31 3.97
N LEU A 28 2.54 13.00 3.76
CA LEU A 28 2.52 12.44 2.42
C LEU A 28 1.14 12.58 1.79
N LEU A 29 0.09 12.27 2.55
CA LEU A 29 -1.26 12.36 2.02
C LEU A 29 -1.73 13.82 1.98
N ASP A 30 -1.16 14.64 2.84
CA ASP A 30 -1.39 16.08 2.80
C ASP A 30 -0.83 16.64 1.51
N GLU A 31 0.29 16.07 1.12
CA GLU A 31 0.99 16.45 -0.10
C GLU A 31 0.25 15.91 -1.32
N LEU A 32 -0.68 15.02 -1.06
CA LEU A 32 -1.46 14.40 -2.11
C LEU A 32 -2.91 14.92 -2.12
N GLY A 33 -3.26 15.66 -1.08
CA GLY A 33 -4.60 16.21 -0.96
C GLY A 33 -5.63 15.15 -0.66
N ILE A 34 -5.26 14.15 0.12
CA ILE A 34 -6.16 13.05 0.44
C ILE A 34 -6.93 13.34 1.72
N VAL A 35 -8.24 13.16 1.68
CA VAL A 35 -9.06 13.28 2.87
C VAL A 35 -9.22 11.91 3.53
N LEU A 36 -8.64 11.78 4.71
CA LEU A 36 -8.69 10.52 5.45
C LEU A 36 -10.02 10.40 6.20
N GLU A 37 -10.62 9.24 6.11
CA GLU A 37 -11.81 8.92 6.87
C GLU A 37 -11.39 8.35 8.22
N ASP A 38 -10.30 7.61 8.20
CA ASP A 38 -9.71 7.05 9.39
C ASP A 38 -8.20 7.09 9.21
N PRO A 39 -7.52 8.04 9.86
CA PRO A 39 -6.08 8.23 9.68
C PRO A 39 -5.29 7.09 10.30
N THR A 40 -5.99 6.18 10.93
CA THR A 40 -5.36 5.09 11.68
C THR A 40 -5.04 3.91 10.77
N VAL A 41 -5.21 4.09 9.47
CA VAL A 41 -4.87 3.04 8.52
C VAL A 41 -3.44 3.20 8.03
N LEU A 42 -2.87 2.13 7.52
CA LEU A 42 -1.52 2.16 6.99
C LEU A 42 -1.55 2.52 5.51
N ILE A 43 -0.87 3.59 5.17
CA ILE A 43 -0.79 4.01 3.78
C ILE A 43 0.60 3.76 3.24
N GLY A 44 0.68 3.42 1.97
CA GLY A 44 1.94 3.10 1.36
C GLY A 44 2.29 4.06 0.25
N ASP A 45 3.56 4.41 0.14
CA ASP A 45 4.05 5.19 -0.99
C ASP A 45 4.81 4.27 -1.91
N GLY A 46 4.84 4.58 -3.19
CA GLY A 46 5.63 3.79 -4.12
C GLY A 46 5.17 2.35 -4.18
N CYS A 47 3.87 2.17 -4.25
CA CYS A 47 3.29 0.84 -4.16
C CYS A 47 2.82 0.36 -5.50
N ASP A 48 3.43 -0.69 -5.98
CA ASP A 48 3.02 -1.31 -7.23
C ASP A 48 2.21 -2.56 -6.91
N PRO A 49 1.02 -2.68 -7.53
CA PRO A 49 0.16 -3.85 -7.34
C PRO A 49 0.84 -5.12 -7.83
N ILE A 50 0.98 -6.10 -6.95
CA ILE A 50 1.69 -7.31 -7.30
C ILE A 50 0.76 -8.25 -8.04
N THR A 51 0.73 -8.08 -9.35
CA THR A 51 -0.14 -8.87 -10.20
C THR A 51 0.67 -9.56 -11.30
N VAL A 52 1.99 -9.49 -11.16
CA VAL A 52 2.88 -10.05 -12.15
C VAL A 52 3.20 -11.50 -11.83
N ALA A 53 3.08 -12.35 -12.83
CA ALA A 53 3.35 -13.77 -12.66
C ALA A 53 4.74 -14.12 -13.15
N GLY A 54 5.47 -14.88 -12.35
CA GLY A 54 6.82 -15.26 -12.71
C GLY A 54 7.85 -14.39 -12.02
N SER A 55 7.55 -14.00 -10.79
CA SER A 55 8.43 -13.13 -10.04
C SER A 55 8.53 -13.59 -8.60
N SER A 56 9.66 -14.18 -8.24
CA SER A 56 9.90 -14.61 -6.88
C SER A 56 10.21 -13.40 -5.99
N ASP A 57 10.94 -12.45 -6.56
CA ASP A 57 11.19 -11.18 -5.90
C ASP A 57 10.21 -10.14 -6.43
N ALA A 58 8.93 -10.45 -6.29
CA ALA A 58 7.86 -9.60 -6.80
C ALA A 58 7.78 -8.29 -6.02
N CYS A 59 8.41 -8.28 -4.87
CA CYS A 59 8.48 -7.08 -4.06
C CYS A 59 9.90 -6.83 -3.60
N SER A 60 10.37 -5.60 -3.77
CA SER A 60 11.74 -5.25 -3.43
C SER A 60 11.79 -4.35 -2.19
N ALA A 61 10.69 -3.66 -1.90
CA ALA A 61 10.65 -2.77 -0.75
C ALA A 61 9.88 -3.40 0.42
N THR A 62 8.56 -3.32 0.39
CA THR A 62 7.73 -3.88 1.46
C THR A 62 6.39 -4.35 0.91
N ALA A 63 6.03 -5.59 1.20
CA ALA A 63 4.79 -6.17 0.68
C ALA A 63 3.63 -5.88 1.63
N VAL A 64 2.52 -5.44 1.06
CA VAL A 64 1.35 -5.09 1.84
C VAL A 64 0.06 -5.47 1.09
N CYS A 65 -1.05 -5.38 1.79
CA CYS A 65 -2.35 -5.67 1.19
C CYS A 65 -3.34 -4.56 1.50
N CYS A 66 -3.79 -3.86 0.48
CA CYS A 66 -4.68 -2.72 0.67
C CYS A 66 -6.13 -3.08 0.38
N SER A 67 -7.01 -2.32 1.01
CA SER A 67 -8.45 -2.53 0.90
C SER A 67 -9.08 -1.51 -0.03
N ASP A 68 -8.37 -0.42 -0.25
CA ASP A 68 -8.84 0.64 -1.12
C ASP A 68 -8.07 0.62 -2.42
N ASN A 69 -8.74 0.90 -3.52
CA ASN A 69 -8.11 0.84 -4.84
C ASN A 69 -8.09 2.22 -5.49
N ASN A 70 -8.57 3.22 -4.78
CA ASN A 70 -8.62 4.58 -5.29
C ASN A 70 -7.35 5.32 -4.88
N VAL A 71 -6.23 4.78 -5.29
CA VAL A 71 -4.93 5.34 -4.96
C VAL A 71 -4.59 6.51 -5.90
N SER A 72 -3.61 7.31 -5.51
CA SER A 72 -3.23 8.51 -6.26
C SER A 72 -2.48 8.15 -7.53
N GLY A 73 -2.15 6.88 -7.67
CA GLY A 73 -1.40 6.44 -8.82
C GLY A 73 -0.17 5.64 -8.45
N VAL A 74 0.43 5.97 -7.31
CA VAL A 74 1.60 5.21 -6.86
C VAL A 74 1.52 4.88 -5.38
N ILE A 75 0.52 5.39 -4.69
CA ILE A 75 0.38 5.08 -3.27
C ILE A 75 -0.53 3.90 -3.04
N ALA A 76 -0.76 3.62 -1.77
CA ALA A 76 -1.69 2.58 -1.35
C ALA A 76 -2.39 3.01 -0.07
N ILE A 77 -3.67 2.66 0.08
CA ILE A 77 -4.46 3.09 1.23
C ILE A 77 -5.11 1.90 1.92
N GLY A 78 -4.90 1.82 3.24
CA GLY A 78 -5.49 0.75 4.01
C GLY A 78 -4.77 -0.56 3.79
N CYS A 79 -3.47 -0.54 3.99
CA CYS A 79 -2.64 -1.71 3.71
C CYS A 79 -2.20 -2.42 4.98
N LEU A 80 -2.17 -3.74 4.90
CA LEU A 80 -1.63 -4.57 5.97
C LEU A 80 -0.34 -5.24 5.50
N PRO A 81 0.70 -5.21 6.35
CA PRO A 81 2.02 -5.80 6.01
C PRO A 81 1.95 -7.31 5.83
N VAL A 82 2.39 -7.79 4.67
CA VAL A 82 2.44 -9.20 4.38
C VAL A 82 3.84 -9.60 3.95
N THR A 83 4.15 -10.87 4.09
CA THR A 83 5.46 -11.38 3.72
C THR A 83 5.35 -12.27 2.49
N LEU A 84 6.24 -12.03 1.52
CA LEU A 84 6.25 -12.77 0.26
C LEU A 84 4.87 -12.85 -0.37
N GLY A 1 -6.25 -14.78 -11.78
CA GLY A 1 -5.10 -15.53 -11.21
C GLY A 1 -3.78 -14.95 -11.64
N SER A 2 -2.69 -15.52 -11.14
CA SER A 2 -1.34 -15.01 -11.42
C SER A 2 -1.25 -13.53 -11.08
N TRP A 3 -1.64 -13.20 -9.85
CA TRP A 3 -1.66 -11.82 -9.40
C TRP A 3 -1.15 -11.74 -7.97
N GLY A 4 -1.99 -12.14 -7.02
CA GLY A 4 -1.66 -12.00 -5.62
C GLY A 4 -2.83 -11.44 -4.83
N GLN A 5 -3.87 -12.25 -4.70
CA GLN A 5 -5.06 -11.84 -3.99
C GLN A 5 -4.98 -12.23 -2.52
N CYS A 6 -4.94 -11.22 -1.67
CA CYS A 6 -4.88 -11.43 -0.23
C CYS A 6 -6.28 -11.41 0.36
N SER A 7 -7.07 -10.44 -0.06
CA SER A 7 -8.41 -10.27 0.41
C SER A 7 -9.28 -9.75 -0.74
N THR A 8 -10.38 -9.07 -0.43
CA THR A 8 -11.20 -8.45 -1.46
C THR A 8 -10.40 -7.39 -2.22
N GLY A 9 -9.36 -6.88 -1.57
CA GLY A 9 -8.49 -5.90 -2.19
C GLY A 9 -7.42 -6.54 -3.05
N SER A 10 -6.19 -6.05 -2.92
CA SER A 10 -5.09 -6.50 -3.74
C SER A 10 -3.78 -6.40 -2.97
N ILE A 11 -2.82 -7.23 -3.30
CA ILE A 11 -1.48 -7.10 -2.75
C ILE A 11 -0.65 -6.15 -3.60
N GLN A 12 0.13 -5.33 -2.93
CA GLN A 12 1.05 -4.41 -3.60
C GLN A 12 2.36 -4.33 -2.85
N CYS A 13 3.37 -3.80 -3.53
CA CYS A 13 4.69 -3.64 -2.96
C CYS A 13 4.94 -2.18 -2.67
N CYS A 14 4.83 -1.80 -1.42
CA CYS A 14 4.96 -0.41 -1.01
C CYS A 14 6.40 -0.06 -0.74
N GLN A 15 6.85 0.99 -1.39
CA GLN A 15 8.17 1.53 -1.16
C GLN A 15 8.24 2.13 0.24
N ASN A 16 7.12 2.69 0.69
CA ASN A 16 7.03 3.28 2.01
C ASN A 16 5.69 2.94 2.66
N VAL A 17 5.74 2.16 3.71
CA VAL A 17 4.54 1.82 4.45
C VAL A 17 4.44 2.67 5.72
N VAL A 18 3.57 3.66 5.69
CA VAL A 18 3.47 4.62 6.77
C VAL A 18 2.03 4.79 7.24
N PRO A 19 1.82 4.91 8.55
CA PRO A 19 0.51 5.25 9.11
C PRO A 19 0.03 6.59 8.58
N GLY A 20 -1.26 6.67 8.26
CA GLY A 20 -1.83 7.88 7.68
C GLY A 20 -1.75 9.07 8.60
N ASP A 21 -1.71 8.81 9.91
CA ASP A 21 -1.59 9.88 10.90
C ASP A 21 -0.14 9.97 11.39
N SER A 22 0.74 9.20 10.76
CA SER A 22 2.16 9.25 11.08
C SER A 22 2.74 10.56 10.59
N ASP A 23 3.87 10.97 11.13
CA ASP A 23 4.54 12.17 10.67
C ASP A 23 4.75 12.10 9.17
N LEU A 24 5.21 10.94 8.73
CA LEU A 24 5.43 10.70 7.30
C LEU A 24 4.10 10.65 6.56
N GLY A 25 3.25 9.70 6.95
CA GLY A 25 1.98 9.49 6.27
C GLY A 25 1.15 10.75 6.17
N THR A 26 1.17 11.56 7.22
CA THR A 26 0.37 12.78 7.26
C THR A 26 0.90 13.78 6.25
N LEU A 27 2.21 13.98 6.24
CA LEU A 27 2.85 14.89 5.30
C LEU A 27 2.62 14.39 3.88
N LEU A 28 2.67 13.08 3.70
CA LEU A 28 2.57 12.49 2.37
C LEU A 28 1.16 12.68 1.81
N LEU A 29 0.14 12.45 2.63
CA LEU A 29 -1.23 12.57 2.16
C LEU A 29 -1.69 14.02 2.19
N ASP A 30 -1.02 14.83 2.99
CA ASP A 30 -1.28 16.27 3.02
C ASP A 30 -0.86 16.88 1.69
N GLU A 31 0.20 16.34 1.13
CA GLU A 31 0.73 16.78 -0.14
C GLU A 31 -0.19 16.29 -1.26
N LEU A 32 -0.77 15.13 -1.03
CA LEU A 32 -1.62 14.47 -2.02
C LEU A 32 -3.08 14.90 -1.90
N GLY A 33 -3.38 15.62 -0.81
CA GLY A 33 -4.73 16.11 -0.58
C GLY A 33 -5.74 15.00 -0.37
N ILE A 34 -5.37 14.01 0.43
CA ILE A 34 -6.22 12.84 0.65
C ILE A 34 -7.15 13.05 1.84
N VAL A 35 -8.44 12.82 1.63
CA VAL A 35 -9.40 12.83 2.73
C VAL A 35 -9.44 11.47 3.40
N LEU A 36 -9.17 11.45 4.70
CA LEU A 36 -9.09 10.21 5.44
C LEU A 36 -10.42 9.88 6.12
N GLU A 37 -10.85 8.64 5.95
CA GLU A 37 -12.03 8.13 6.64
C GLU A 37 -11.57 7.49 7.95
N ASP A 38 -10.34 6.99 7.94
CA ASP A 38 -9.71 6.43 9.10
C ASP A 38 -8.22 6.72 8.99
N PRO A 39 -7.74 7.71 9.73
CA PRO A 39 -6.35 8.16 9.62
C PRO A 39 -5.36 7.19 10.25
N THR A 40 -5.87 6.12 10.83
CA THR A 40 -5.02 5.22 11.57
C THR A 40 -4.65 3.99 10.74
N VAL A 41 -5.07 4.01 9.48
CA VAL A 41 -4.72 2.95 8.54
C VAL A 41 -3.30 3.15 8.03
N LEU A 42 -2.74 2.11 7.45
CA LEU A 42 -1.42 2.19 6.85
C LEU A 42 -1.55 2.55 5.38
N ILE A 43 -0.94 3.66 5.01
CA ILE A 43 -0.91 4.08 3.62
C ILE A 43 0.45 3.78 3.01
N GLY A 44 0.43 3.22 1.83
CA GLY A 44 1.66 2.79 1.19
C GLY A 44 2.05 3.68 0.05
N ASP A 45 3.05 4.52 0.28
CA ASP A 45 3.57 5.37 -0.77
C ASP A 45 4.58 4.58 -1.60
N GLY A 46 4.55 4.77 -2.90
CA GLY A 46 5.48 4.06 -3.76
C GLY A 46 5.11 2.60 -3.90
N CYS A 47 3.81 2.34 -3.97
CA CYS A 47 3.32 0.97 -3.94
C CYS A 47 2.92 0.52 -5.33
N ASP A 48 3.61 -0.49 -5.83
CA ASP A 48 3.30 -1.06 -7.13
C ASP A 48 2.52 -2.37 -6.94
N PRO A 49 1.44 -2.55 -7.69
CA PRO A 49 0.66 -3.78 -7.68
C PRO A 49 1.52 -5.01 -7.95
N ILE A 50 1.57 -5.92 -6.99
CA ILE A 50 2.32 -7.14 -7.19
C ILE A 50 1.46 -8.12 -7.96
N THR A 51 1.79 -8.28 -9.22
CA THR A 51 1.03 -9.15 -10.09
C THR A 51 1.91 -10.27 -10.63
N VAL A 52 3.01 -10.50 -9.94
CA VAL A 52 3.93 -11.56 -10.30
C VAL A 52 3.82 -12.69 -9.28
N ALA A 53 3.73 -13.92 -9.77
CA ALA A 53 3.67 -15.08 -8.90
C ALA A 53 5.07 -15.54 -8.55
N GLY A 54 5.68 -14.84 -7.61
CA GLY A 54 7.02 -15.17 -7.16
C GLY A 54 7.36 -14.43 -5.90
N SER A 55 6.70 -14.81 -4.81
CA SER A 55 6.79 -14.08 -3.54
C SER A 55 8.22 -14.06 -2.99
N SER A 56 9.05 -14.99 -3.48
CA SER A 56 10.46 -15.03 -3.10
C SER A 56 11.13 -13.66 -3.30
N ASP A 57 10.80 -13.03 -4.42
CA ASP A 57 11.26 -11.67 -4.70
C ASP A 57 10.26 -10.96 -5.61
N ALA A 58 9.10 -10.67 -5.05
CA ALA A 58 8.03 -10.02 -5.79
C ALA A 58 7.90 -8.56 -5.38
N CYS A 59 8.72 -8.16 -4.44
CA CYS A 59 8.67 -6.81 -3.92
C CYS A 59 10.08 -6.29 -3.67
N SER A 60 10.30 -5.01 -3.99
CA SER A 60 11.60 -4.40 -3.80
C SER A 60 11.64 -3.53 -2.54
N ALA A 61 10.58 -3.59 -1.74
CA ALA A 61 10.53 -2.80 -0.51
C ALA A 61 9.75 -3.51 0.58
N THR A 62 8.42 -3.38 0.58
CA THR A 62 7.57 -4.00 1.59
C THR A 62 6.26 -4.52 0.98
N ALA A 63 5.93 -5.77 1.27
CA ALA A 63 4.73 -6.39 0.73
C ALA A 63 3.53 -6.09 1.63
N VAL A 64 2.45 -5.61 1.02
CA VAL A 64 1.28 -5.22 1.78
C VAL A 64 -0.01 -5.61 1.07
N CYS A 65 -1.11 -5.48 1.78
CA CYS A 65 -2.43 -5.82 1.27
C CYS A 65 -3.41 -4.70 1.57
N CYS A 66 -3.75 -3.90 0.57
CA CYS A 66 -4.67 -2.79 0.75
C CYS A 66 -6.11 -3.20 0.49
N SER A 67 -6.98 -2.69 1.34
CA SER A 67 -8.40 -2.95 1.24
C SER A 67 -9.09 -1.86 0.42
N ASP A 68 -8.43 -0.72 0.30
CA ASP A 68 -9.03 0.43 -0.36
C ASP A 68 -8.57 0.50 -1.82
N ASN A 69 -9.33 1.23 -2.63
CA ASN A 69 -9.09 1.27 -4.07
C ASN A 69 -8.74 2.69 -4.52
N ASN A 70 -8.84 3.66 -3.61
CA ASN A 70 -8.58 5.05 -3.95
C ASN A 70 -7.08 5.34 -3.96
N VAL A 71 -6.44 5.03 -5.08
CA VAL A 71 -5.02 5.25 -5.22
C VAL A 71 -4.75 6.51 -6.05
N SER A 72 -3.76 7.28 -5.64
CA SER A 72 -3.41 8.52 -6.32
C SER A 72 -2.55 8.24 -7.56
N GLY A 73 -2.20 6.97 -7.73
CA GLY A 73 -1.36 6.58 -8.84
C GLY A 73 -0.17 5.78 -8.39
N VAL A 74 0.32 6.07 -7.19
CA VAL A 74 1.48 5.35 -6.67
C VAL A 74 1.29 4.95 -5.21
N ILE A 75 0.23 5.43 -4.58
CA ILE A 75 0.00 5.11 -3.18
C ILE A 75 -0.97 3.96 -3.02
N ALA A 76 -1.21 3.63 -1.77
CA ALA A 76 -2.15 2.59 -1.39
C ALA A 76 -2.76 2.92 -0.03
N ILE A 77 -4.05 2.68 0.15
CA ILE A 77 -4.72 3.02 1.40
C ILE A 77 -5.28 1.78 2.08
N GLY A 78 -5.04 1.66 3.39
CA GLY A 78 -5.54 0.53 4.15
C GLY A 78 -4.77 -0.73 3.87
N CYS A 79 -3.45 -0.64 3.97
CA CYS A 79 -2.57 -1.76 3.65
C CYS A 79 -2.12 -2.48 4.90
N LEU A 80 -2.21 -3.80 4.86
CA LEU A 80 -1.68 -4.63 5.93
C LEU A 80 -0.43 -5.35 5.44
N PRO A 81 0.65 -5.32 6.22
CA PRO A 81 1.92 -5.95 5.84
C PRO A 81 1.78 -7.46 5.73
N VAL A 82 2.12 -8.00 4.57
CA VAL A 82 2.01 -9.43 4.31
C VAL A 82 3.38 -10.06 4.11
N THR A 83 3.41 -11.37 4.28
CA THR A 83 4.61 -12.15 4.07
C THR A 83 4.24 -13.49 3.44
N LEU A 84 5.02 -13.90 2.45
CA LEU A 84 4.79 -15.15 1.73
C LEU A 84 3.47 -15.11 0.95
N GLY A 1 1.75 -13.41 -13.73
CA GLY A 1 1.07 -12.65 -12.66
C GLY A 1 1.34 -13.25 -11.29
N SER A 2 2.04 -12.50 -10.45
CA SER A 2 2.33 -12.95 -9.11
C SER A 2 1.07 -12.92 -8.25
N TRP A 3 0.23 -11.91 -8.48
CA TRP A 3 -1.05 -11.74 -7.78
C TRP A 3 -0.86 -11.36 -6.33
N GLY A 4 -0.38 -12.29 -5.52
CA GLY A 4 -0.28 -12.05 -4.10
C GLY A 4 -1.63 -12.24 -3.42
N GLN A 5 -1.90 -13.47 -3.03
CA GLN A 5 -3.17 -13.81 -2.39
C GLN A 5 -3.19 -13.26 -0.96
N CYS A 6 -4.29 -12.62 -0.62
CA CYS A 6 -4.44 -12.01 0.69
C CYS A 6 -5.72 -12.50 1.37
N SER A 7 -6.82 -11.82 1.11
CA SER A 7 -8.12 -12.22 1.63
C SER A 7 -9.24 -11.61 0.79
N THR A 8 -9.48 -10.31 0.98
CA THR A 8 -10.49 -9.60 0.20
C THR A 8 -9.85 -8.44 -0.55
N GLY A 9 -8.77 -7.92 0.00
CA GLY A 9 -8.08 -6.81 -0.62
C GLY A 9 -6.97 -7.25 -1.56
N SER A 10 -6.31 -6.29 -2.17
CA SER A 10 -5.25 -6.55 -3.12
C SER A 10 -3.90 -6.44 -2.42
N ILE A 11 -2.91 -7.17 -2.92
CA ILE A 11 -1.55 -7.04 -2.41
C ILE A 11 -0.68 -6.23 -3.36
N GLN A 12 0.00 -5.26 -2.78
CA GLN A 12 0.92 -4.43 -3.52
C GLN A 12 2.26 -4.36 -2.81
N CYS A 13 3.26 -3.83 -3.50
CA CYS A 13 4.59 -3.70 -2.93
C CYS A 13 4.90 -2.23 -2.69
N CYS A 14 4.79 -1.82 -1.44
CA CYS A 14 4.97 -0.43 -1.07
C CYS A 14 6.42 -0.11 -0.80
N GLN A 15 6.92 0.89 -1.51
CA GLN A 15 8.26 1.39 -1.32
C GLN A 15 8.36 2.09 0.04
N ASN A 16 7.26 2.70 0.46
CA ASN A 16 7.20 3.36 1.75
C ASN A 16 5.89 3.04 2.46
N VAL A 17 5.97 2.24 3.50
CA VAL A 17 4.79 1.91 4.29
C VAL A 17 4.75 2.77 5.54
N VAL A 18 3.85 3.74 5.55
CA VAL A 18 3.76 4.69 6.65
C VAL A 18 2.31 4.82 7.12
N PRO A 19 2.10 4.97 8.44
CA PRO A 19 0.77 5.25 8.98
C PRO A 19 0.23 6.57 8.46
N GLY A 20 -1.05 6.58 8.09
CA GLY A 20 -1.66 7.80 7.58
C GLY A 20 -1.80 8.86 8.66
N ASP A 21 -1.65 8.44 9.90
CA ASP A 21 -1.69 9.35 11.04
C ASP A 21 -0.28 9.60 11.54
N SER A 22 0.69 9.04 10.83
CA SER A 22 2.10 9.23 11.13
C SER A 22 2.53 10.62 10.70
N ASP A 23 3.58 11.14 11.31
CA ASP A 23 4.12 12.44 10.91
C ASP A 23 4.41 12.41 9.43
N LEU A 24 5.01 11.32 9.00
CA LEU A 24 5.32 11.11 7.60
C LEU A 24 4.04 10.93 6.79
N GLY A 25 3.29 9.87 7.09
CA GLY A 25 2.11 9.54 6.32
C GLY A 25 1.10 10.67 6.23
N THR A 26 0.93 11.40 7.32
CA THR A 26 -0.02 12.50 7.37
C THR A 26 0.44 13.64 6.46
N LEU A 27 1.74 13.89 6.45
CA LEU A 27 2.30 14.92 5.61
C LEU A 27 2.34 14.46 4.16
N LEU A 28 2.44 13.15 3.96
CA LEU A 28 2.45 12.58 2.63
C LEU A 28 1.09 12.73 1.97
N LEU A 29 0.04 12.34 2.70
CA LEU A 29 -1.30 12.36 2.13
C LEU A 29 -1.87 13.78 2.08
N ASP A 30 -1.36 14.65 2.93
CA ASP A 30 -1.76 16.06 2.90
C ASP A 30 -1.24 16.69 1.62
N GLU A 31 -0.09 16.21 1.19
CA GLU A 31 0.54 16.69 -0.02
C GLU A 31 -0.18 16.12 -1.23
N LEU A 32 -0.92 15.05 -1.00
CA LEU A 32 -1.59 14.32 -2.04
C LEU A 32 -3.09 14.63 -2.08
N GLY A 33 -3.55 15.37 -1.09
CA GLY A 33 -4.95 15.76 -1.02
C GLY A 33 -5.87 14.59 -0.76
N ILE A 34 -5.40 13.64 0.05
CA ILE A 34 -6.17 12.43 0.32
C ILE A 34 -7.08 12.65 1.54
N VAL A 35 -8.30 12.16 1.46
CA VAL A 35 -9.22 12.21 2.57
C VAL A 35 -9.24 10.87 3.32
N LEU A 36 -8.69 10.87 4.52
CA LEU A 36 -8.65 9.66 5.33
C LEU A 36 -9.99 9.43 6.02
N GLU A 37 -10.49 8.21 5.91
CA GLU A 37 -11.67 7.80 6.63
C GLU A 37 -11.26 7.23 7.98
N ASP A 38 -10.06 6.65 7.98
CA ASP A 38 -9.45 6.11 9.18
C ASP A 38 -7.97 6.41 9.13
N PRO A 39 -7.52 7.47 9.82
CA PRO A 39 -6.12 7.89 9.74
C PRO A 39 -5.19 6.85 10.32
N THR A 40 -5.77 5.84 10.97
CA THR A 40 -5.01 4.82 11.65
C THR A 40 -4.49 3.76 10.68
N VAL A 41 -4.94 3.84 9.43
CA VAL A 41 -4.54 2.88 8.42
C VAL A 41 -3.13 3.16 7.93
N LEU A 42 -2.52 2.15 7.35
CA LEU A 42 -1.21 2.30 6.74
C LEU A 42 -1.36 2.63 5.29
N ILE A 43 -0.69 3.69 4.87
CA ILE A 43 -0.70 4.09 3.48
C ILE A 43 0.63 3.76 2.83
N GLY A 44 0.57 3.26 1.61
CA GLY A 44 1.77 2.83 0.94
C GLY A 44 2.19 3.75 -0.17
N ASP A 45 3.15 4.61 0.11
CA ASP A 45 3.74 5.45 -0.90
C ASP A 45 4.71 4.64 -1.71
N GLY A 46 4.69 4.81 -3.02
CA GLY A 46 5.56 4.02 -3.86
C GLY A 46 5.14 2.57 -3.93
N CYS A 47 3.84 2.33 -3.99
CA CYS A 47 3.32 0.98 -3.95
C CYS A 47 2.88 0.53 -5.33
N ASP A 48 3.61 -0.43 -5.86
CA ASP A 48 3.29 -1.00 -7.16
C ASP A 48 2.45 -2.25 -6.96
N PRO A 49 1.39 -2.41 -7.76
CA PRO A 49 0.56 -3.61 -7.72
C PRO A 49 1.33 -4.84 -8.14
N ILE A 50 1.47 -5.81 -7.26
CA ILE A 50 2.26 -6.98 -7.57
C ILE A 50 1.48 -7.92 -8.48
N THR A 51 1.62 -7.69 -9.78
CA THR A 51 0.93 -8.48 -10.78
C THR A 51 1.90 -8.86 -11.89
N VAL A 52 3.16 -8.56 -11.67
CA VAL A 52 4.20 -8.88 -12.62
C VAL A 52 4.91 -10.17 -12.18
N ALA A 53 5.59 -10.82 -13.12
CA ALA A 53 6.35 -12.04 -12.82
C ALA A 53 5.43 -13.16 -12.36
N GLY A 54 6.02 -14.26 -11.91
CA GLY A 54 5.26 -15.37 -11.38
C GLY A 54 5.73 -15.77 -9.99
N SER A 55 6.77 -15.08 -9.53
CA SER A 55 7.33 -15.35 -8.22
C SER A 55 6.77 -14.36 -7.20
N SER A 56 6.65 -14.81 -5.95
CA SER A 56 6.14 -13.98 -4.87
C SER A 56 7.10 -12.84 -4.56
N ASP A 57 8.38 -13.05 -4.85
CA ASP A 57 9.40 -12.04 -4.64
C ASP A 57 9.43 -11.08 -5.82
N ALA A 58 8.29 -10.47 -6.08
CA ALA A 58 8.16 -9.46 -7.11
C ALA A 58 8.09 -8.09 -6.48
N CYS A 59 8.54 -8.02 -5.23
CA CYS A 59 8.51 -6.80 -4.46
C CYS A 59 9.93 -6.28 -4.24
N SER A 60 10.06 -4.98 -4.04
CA SER A 60 11.36 -4.36 -3.87
C SER A 60 11.42 -3.53 -2.59
N ALA A 61 10.49 -3.80 -1.67
CA ALA A 61 10.43 -3.04 -0.42
C ALA A 61 9.59 -3.75 0.64
N THR A 62 8.27 -3.67 0.52
CA THR A 62 7.38 -4.24 1.52
C THR A 62 6.08 -4.74 0.88
N ALA A 63 5.70 -5.97 1.22
CA ALA A 63 4.45 -6.55 0.75
C ALA A 63 3.33 -6.20 1.68
N VAL A 64 2.27 -5.62 1.14
CA VAL A 64 1.14 -5.21 1.93
C VAL A 64 -0.17 -5.53 1.21
N CYS A 65 -1.24 -5.58 1.98
CA CYS A 65 -2.55 -5.86 1.44
C CYS A 65 -3.47 -4.67 1.68
N CYS A 66 -3.73 -3.89 0.64
CA CYS A 66 -4.52 -2.68 0.78
C CYS A 66 -6.00 -2.96 0.51
N SER A 67 -6.84 -2.46 1.40
CA SER A 67 -8.28 -2.68 1.33
C SER A 67 -8.97 -1.53 0.61
N ASP A 68 -8.27 -0.41 0.48
CA ASP A 68 -8.83 0.78 -0.15
C ASP A 68 -8.14 1.01 -1.50
N ASN A 69 -8.95 1.25 -2.53
CA ASN A 69 -8.43 1.33 -3.90
C ASN A 69 -8.42 2.75 -4.44
N ASN A 70 -8.45 3.74 -3.56
CA ASN A 70 -8.40 5.13 -3.99
C ASN A 70 -6.95 5.55 -4.21
N VAL A 71 -6.30 4.87 -5.16
CA VAL A 71 -4.91 5.13 -5.46
C VAL A 71 -4.75 6.45 -6.22
N SER A 72 -3.61 7.10 -6.01
CA SER A 72 -3.30 8.35 -6.67
C SER A 72 -2.46 8.10 -7.92
N GLY A 73 -2.06 6.84 -8.10
CA GLY A 73 -1.19 6.49 -9.19
C GLY A 73 0.02 5.71 -8.74
N VAL A 74 0.49 5.98 -7.53
CA VAL A 74 1.63 5.23 -6.99
C VAL A 74 1.43 4.85 -5.53
N ILE A 75 0.38 5.36 -4.91
CA ILE A 75 0.14 5.05 -3.51
C ILE A 75 -0.81 3.88 -3.34
N ALA A 76 -1.05 3.55 -2.08
CA ALA A 76 -1.99 2.52 -1.69
C ALA A 76 -2.56 2.88 -0.33
N ILE A 77 -3.82 2.56 -0.08
CA ILE A 77 -4.47 2.97 1.16
C ILE A 77 -5.07 1.78 1.89
N GLY A 78 -4.97 1.78 3.22
CA GLY A 78 -5.54 0.72 4.03
C GLY A 78 -4.78 -0.58 3.85
N CYS A 79 -3.48 -0.51 3.99
CA CYS A 79 -2.62 -1.65 3.70
C CYS A 79 -2.15 -2.33 4.98
N LEU A 80 -2.29 -3.65 5.02
CA LEU A 80 -1.76 -4.45 6.12
C LEU A 80 -0.53 -5.20 5.64
N PRO A 81 0.55 -5.20 6.45
CA PRO A 81 1.79 -5.90 6.12
C PRO A 81 1.60 -7.42 6.08
N VAL A 82 1.91 -8.03 4.95
CA VAL A 82 1.72 -9.45 4.77
C VAL A 82 3.05 -10.18 4.67
N THR A 83 3.02 -11.43 5.05
CA THR A 83 4.20 -12.29 5.02
C THR A 83 3.76 -13.76 4.98
N LEU A 84 4.29 -14.50 4.02
CA LEU A 84 4.00 -15.92 3.85
C LEU A 84 2.51 -16.24 3.96
N GLY A 1 -0.01 -15.56 -8.82
CA GLY A 1 0.56 -14.20 -8.91
C GLY A 1 -0.29 -13.27 -9.76
N SER A 2 -1.61 -13.35 -9.60
CA SER A 2 -2.52 -12.54 -10.39
C SER A 2 -2.61 -11.12 -9.82
N TRP A 3 -3.19 -10.98 -8.64
CA TRP A 3 -3.33 -9.67 -8.00
C TRP A 3 -2.97 -9.75 -6.53
N GLY A 4 -2.29 -10.83 -6.16
CA GLY A 4 -1.87 -11.01 -4.79
C GLY A 4 -2.92 -11.73 -3.97
N GLN A 5 -2.62 -12.95 -3.58
CA GLN A 5 -3.51 -13.73 -2.74
C GLN A 5 -3.42 -13.24 -1.31
N CYS A 6 -4.46 -12.58 -0.83
CA CYS A 6 -4.45 -12.00 0.50
C CYS A 6 -5.72 -12.36 1.26
N SER A 7 -6.84 -11.79 0.85
CA SER A 7 -8.10 -12.02 1.53
C SER A 7 -9.26 -11.49 0.69
N THR A 8 -9.50 -10.19 0.78
CA THR A 8 -10.56 -9.57 0.02
C THR A 8 -10.01 -8.48 -0.90
N GLY A 9 -8.93 -7.86 -0.47
CA GLY A 9 -8.35 -6.75 -1.23
C GLY A 9 -7.34 -7.20 -2.25
N SER A 10 -6.19 -6.55 -2.26
CA SER A 10 -5.16 -6.81 -3.24
C SER A 10 -3.80 -6.62 -2.59
N ILE A 11 -2.79 -7.31 -3.09
CA ILE A 11 -1.44 -7.12 -2.57
C ILE A 11 -0.62 -6.23 -3.48
N GLN A 12 0.08 -5.30 -2.86
CA GLN A 12 0.97 -4.39 -3.56
C GLN A 12 2.31 -4.34 -2.85
N CYS A 13 3.29 -3.79 -3.53
CA CYS A 13 4.62 -3.66 -2.97
C CYS A 13 4.92 -2.19 -2.75
N CYS A 14 4.80 -1.77 -1.50
CA CYS A 14 5.00 -0.39 -1.13
C CYS A 14 6.45 -0.07 -0.91
N GLN A 15 6.89 1.00 -1.54
CA GLN A 15 8.23 1.52 -1.32
C GLN A 15 8.30 2.11 0.09
N ASN A 16 7.17 2.63 0.56
CA ASN A 16 7.10 3.21 1.89
C ASN A 16 5.77 2.85 2.55
N VAL A 17 5.83 2.19 3.69
CA VAL A 17 4.62 1.85 4.44
C VAL A 17 4.55 2.69 5.70
N VAL A 18 3.65 3.66 5.72
CA VAL A 18 3.53 4.58 6.83
C VAL A 18 2.06 4.73 7.26
N PRO A 19 1.80 4.92 8.55
CA PRO A 19 0.46 5.27 9.03
C PRO A 19 0.01 6.61 8.48
N GLY A 20 -1.25 6.68 8.05
CA GLY A 20 -1.76 7.90 7.45
C GLY A 20 -1.79 9.06 8.43
N ASP A 21 -1.90 8.73 9.72
CA ASP A 21 -1.91 9.72 10.77
C ASP A 21 -0.53 9.85 11.39
N SER A 22 0.44 9.19 10.77
CA SER A 22 1.83 9.27 11.20
C SER A 22 2.43 10.58 10.72
N ASP A 23 3.47 11.05 11.40
CA ASP A 23 4.14 12.28 10.98
C ASP A 23 4.56 12.16 9.53
N LEU A 24 5.07 11.00 9.17
CA LEU A 24 5.48 10.75 7.80
C LEU A 24 4.28 10.66 6.88
N GLY A 25 3.39 9.71 7.16
CA GLY A 25 2.24 9.48 6.30
C GLY A 25 1.40 10.73 6.09
N THR A 26 1.23 11.50 7.14
CA THR A 26 0.41 12.69 7.09
C THR A 26 1.07 13.77 6.24
N LEU A 27 2.38 13.91 6.40
CA LEU A 27 3.14 14.85 5.63
C LEU A 27 3.10 14.46 4.15
N LEU A 28 3.19 13.16 3.91
CA LEU A 28 3.25 12.64 2.55
C LEU A 28 1.92 12.85 1.83
N LEU A 29 0.83 12.57 2.52
CA LEU A 29 -0.49 12.70 1.92
C LEU A 29 -0.91 14.16 1.83
N ASP A 30 -0.35 15.00 2.69
CA ASP A 30 -0.60 16.43 2.64
C ASP A 30 0.01 17.00 1.38
N GLU A 31 1.10 16.39 0.95
CA GLU A 31 1.78 16.78 -0.26
C GLU A 31 0.99 16.31 -1.47
N LEU A 32 0.43 15.12 -1.33
CA LEU A 32 -0.33 14.47 -2.39
C LEU A 32 -1.75 15.03 -2.51
N GLY A 33 -2.21 15.66 -1.43
CA GLY A 33 -3.54 16.24 -1.42
C GLY A 33 -4.61 15.20 -1.14
N ILE A 34 -4.39 14.40 -0.11
CA ILE A 34 -5.33 13.34 0.25
C ILE A 34 -6.02 13.66 1.56
N VAL A 35 -7.29 13.32 1.66
CA VAL A 35 -8.03 13.47 2.90
C VAL A 35 -8.68 12.13 3.28
N LEU A 36 -8.09 11.45 4.24
CA LEU A 36 -8.59 10.16 4.69
C LEU A 36 -9.64 10.33 5.77
N GLU A 37 -10.71 9.55 5.66
CA GLU A 37 -11.74 9.53 6.68
C GLU A 37 -11.19 8.89 7.95
N ASP A 38 -10.36 7.89 7.76
CA ASP A 38 -9.68 7.24 8.85
C ASP A 38 -8.21 7.10 8.51
N PRO A 39 -7.40 8.12 8.84
CA PRO A 39 -5.97 8.11 8.55
C PRO A 39 -5.22 7.14 9.45
N THR A 40 -5.97 6.44 10.28
CA THR A 40 -5.40 5.49 11.21
C THR A 40 -4.95 4.21 10.51
N VAL A 41 -5.30 4.10 9.24
CA VAL A 41 -4.88 2.97 8.42
C VAL A 41 -3.47 3.20 7.88
N LEU A 42 -2.84 2.13 7.44
CA LEU A 42 -1.52 2.22 6.84
C LEU A 42 -1.62 2.59 5.38
N ILE A 43 -0.92 3.64 5.00
CA ILE A 43 -0.86 4.04 3.60
C ILE A 43 0.50 3.72 3.02
N GLY A 44 0.50 3.27 1.78
CA GLY A 44 1.73 2.87 1.15
C GLY A 44 2.13 3.79 0.01
N ASP A 45 3.12 4.62 0.25
CA ASP A 45 3.65 5.50 -0.78
C ASP A 45 4.65 4.72 -1.62
N GLY A 46 4.52 4.81 -2.93
CA GLY A 46 5.41 4.07 -3.79
C GLY A 46 4.99 2.61 -3.90
N CYS A 47 3.70 2.37 -3.94
CA CYS A 47 3.17 1.02 -3.92
C CYS A 47 2.66 0.60 -5.28
N ASP A 48 3.34 -0.33 -5.88
CA ASP A 48 2.92 -0.91 -7.14
C ASP A 48 2.24 -2.24 -6.88
N PRO A 49 1.09 -2.50 -7.51
CA PRO A 49 0.35 -3.75 -7.35
C PRO A 49 1.17 -4.96 -7.77
N ILE A 50 1.22 -5.97 -6.92
CA ILE A 50 1.99 -7.15 -7.24
C ILE A 50 1.17 -8.09 -8.11
N THR A 51 1.27 -7.87 -9.40
CA THR A 51 0.54 -8.65 -10.38
C THR A 51 1.52 -9.46 -11.22
N VAL A 52 2.63 -9.78 -10.60
CA VAL A 52 3.69 -10.54 -11.23
C VAL A 52 3.72 -11.97 -10.67
N ALA A 53 4.02 -12.94 -11.52
CA ALA A 53 4.02 -14.34 -11.11
C ALA A 53 5.37 -14.75 -10.53
N GLY A 54 6.42 -14.04 -10.94
CA GLY A 54 7.75 -14.32 -10.43
C GLY A 54 7.93 -13.83 -9.01
N SER A 55 8.03 -14.77 -8.08
CA SER A 55 8.13 -14.44 -6.66
C SER A 55 9.48 -13.81 -6.33
N SER A 56 10.45 -14.00 -7.22
CA SER A 56 11.79 -13.47 -7.00
C SER A 56 11.81 -11.95 -7.14
N ASP A 57 10.89 -11.41 -7.93
CA ASP A 57 10.82 -9.97 -8.16
C ASP A 57 9.43 -9.45 -7.83
N ALA A 58 8.75 -10.13 -6.92
CA ALA A 58 7.38 -9.77 -6.56
C ALA A 58 7.33 -8.43 -5.84
N CYS A 59 8.39 -8.12 -5.14
CA CYS A 59 8.46 -6.87 -4.39
C CYS A 59 9.91 -6.43 -4.21
N SER A 60 10.14 -5.12 -4.22
CA SER A 60 11.48 -4.57 -4.06
C SER A 60 11.60 -3.73 -2.79
N ALA A 61 10.55 -3.71 -1.98
CA ALA A 61 10.56 -2.91 -0.75
C ALA A 61 9.76 -3.58 0.37
N THR A 62 8.44 -3.41 0.34
CA THR A 62 7.59 -3.97 1.38
C THR A 62 6.28 -4.49 0.79
N ALA A 63 5.96 -5.75 1.08
CA ALA A 63 4.73 -6.35 0.60
C ALA A 63 3.58 -6.05 1.56
N VAL A 64 2.49 -5.56 1.01
CA VAL A 64 1.33 -5.17 1.80
C VAL A 64 0.04 -5.51 1.10
N CYS A 65 -1.06 -5.48 1.84
CA CYS A 65 -2.37 -5.81 1.32
C CYS A 65 -3.36 -4.70 1.62
N CYS A 66 -3.76 -3.97 0.59
CA CYS A 66 -4.69 -2.86 0.76
C CYS A 66 -6.11 -3.27 0.45
N SER A 67 -7.03 -2.78 1.26
CA SER A 67 -8.45 -3.06 1.09
C SER A 67 -9.18 -1.93 0.38
N ASP A 68 -8.52 -0.79 0.26
CA ASP A 68 -9.12 0.37 -0.38
C ASP A 68 -8.43 0.65 -1.72
N ASN A 69 -9.16 1.20 -2.67
CA ASN A 69 -8.64 1.37 -4.02
C ASN A 69 -8.62 2.83 -4.46
N ASN A 70 -8.80 3.76 -3.52
CA ASN A 70 -8.74 5.18 -3.83
C ASN A 70 -7.28 5.62 -3.88
N VAL A 71 -6.58 5.19 -4.90
CA VAL A 71 -5.16 5.45 -5.04
C VAL A 71 -4.90 6.70 -5.88
N SER A 72 -3.78 7.35 -5.61
CA SER A 72 -3.38 8.56 -6.34
C SER A 72 -2.61 8.18 -7.59
N GLY A 73 -2.29 6.89 -7.69
CA GLY A 73 -1.49 6.40 -8.78
C GLY A 73 -0.29 5.63 -8.30
N VAL A 74 0.24 6.00 -7.15
CA VAL A 74 1.41 5.32 -6.62
C VAL A 74 1.25 4.97 -5.15
N ILE A 75 0.13 5.35 -4.56
CA ILE A 75 -0.10 5.06 -3.15
C ILE A 75 -1.02 3.86 -2.96
N ALA A 76 -1.24 3.53 -1.70
CA ALA A 76 -2.13 2.46 -1.32
C ALA A 76 -2.78 2.79 0.02
N ILE A 77 -4.07 2.51 0.17
CA ILE A 77 -4.79 2.85 1.40
C ILE A 77 -5.40 1.60 2.04
N GLY A 78 -5.15 1.44 3.34
CA GLY A 78 -5.70 0.31 4.08
C GLY A 78 -4.86 -0.93 3.89
N CYS A 79 -3.55 -0.78 4.01
CA CYS A 79 -2.63 -1.87 3.76
C CYS A 79 -2.17 -2.55 5.03
N LEU A 80 -1.99 -3.87 4.94
CA LEU A 80 -1.40 -4.64 6.01
C LEU A 80 -0.12 -5.32 5.51
N PRO A 81 0.96 -5.26 6.31
CA PRO A 81 2.24 -5.86 5.94
C PRO A 81 2.17 -7.37 5.84
N VAL A 82 2.51 -7.89 4.66
CA VAL A 82 2.48 -9.32 4.42
C VAL A 82 3.85 -9.80 3.96
N THR A 83 4.14 -11.05 4.27
CA THR A 83 5.39 -11.66 3.86
C THR A 83 5.26 -13.19 3.93
N LEU A 84 6.14 -13.89 3.21
CA LEU A 84 6.13 -15.35 3.17
C LEU A 84 4.75 -15.90 2.80
N GLY A 1 -4.52 -5.88 -10.16
CA GLY A 1 -3.34 -6.72 -10.47
C GLY A 1 -2.70 -7.28 -9.22
N SER A 2 -3.18 -8.42 -8.77
CA SER A 2 -2.67 -9.05 -7.57
C SER A 2 -2.45 -10.53 -7.82
N TRP A 3 -1.19 -10.93 -7.96
CA TRP A 3 -0.87 -12.33 -8.21
C TRP A 3 -0.91 -13.10 -6.89
N GLY A 4 -2.12 -13.49 -6.51
CA GLY A 4 -2.32 -14.15 -5.24
C GLY A 4 -3.44 -13.50 -4.47
N GLN A 5 -4.39 -14.31 -4.02
CA GLN A 5 -5.55 -13.79 -3.30
C GLN A 5 -5.18 -13.48 -1.86
N CYS A 6 -5.33 -12.22 -1.49
CA CYS A 6 -5.06 -11.79 -0.13
C CYS A 6 -6.23 -12.15 0.78
N SER A 7 -7.36 -11.48 0.55
CA SER A 7 -8.57 -11.69 1.33
C SER A 7 -9.72 -10.86 0.77
N THR A 8 -9.69 -9.56 1.05
CA THR A 8 -10.74 -8.67 0.57
C THR A 8 -10.17 -7.59 -0.35
N GLY A 9 -8.90 -7.25 -0.14
CA GLY A 9 -8.29 -6.19 -0.91
C GLY A 9 -7.36 -6.70 -2.00
N SER A 10 -6.32 -5.94 -2.25
CA SER A 10 -5.35 -6.25 -3.29
C SER A 10 -3.95 -6.22 -2.68
N ILE A 11 -3.04 -6.97 -3.28
CA ILE A 11 -1.67 -6.98 -2.79
C ILE A 11 -0.78 -6.08 -3.63
N GLN A 12 0.03 -5.30 -2.94
CA GLN A 12 0.97 -4.39 -3.59
C GLN A 12 2.28 -4.31 -2.82
N CYS A 13 3.31 -3.82 -3.49
CA CYS A 13 4.62 -3.66 -2.91
C CYS A 13 4.88 -2.18 -2.66
N CYS A 14 4.74 -1.77 -1.41
CA CYS A 14 4.86 -0.37 -1.05
C CYS A 14 6.31 -0.01 -0.78
N GLN A 15 6.73 1.10 -1.35
CA GLN A 15 8.06 1.62 -1.14
C GLN A 15 8.13 2.32 0.24
N ASN A 16 7.00 2.88 0.66
CA ASN A 16 6.90 3.48 1.99
C ASN A 16 5.62 3.06 2.69
N VAL A 17 5.72 2.13 3.64
CA VAL A 17 4.57 1.75 4.43
C VAL A 17 4.53 2.59 5.70
N VAL A 18 3.66 3.59 5.70
CA VAL A 18 3.58 4.54 6.80
C VAL A 18 2.13 4.73 7.24
N PRO A 19 1.90 4.84 8.55
CA PRO A 19 0.57 5.18 9.08
C PRO A 19 0.08 6.51 8.53
N GLY A 20 -1.20 6.57 8.18
CA GLY A 20 -1.78 7.78 7.62
C GLY A 20 -1.78 8.93 8.61
N ASP A 21 -1.72 8.61 9.89
CA ASP A 21 -1.64 9.61 10.94
C ASP A 21 -0.21 9.75 11.42
N SER A 22 0.70 9.04 10.77
CA SER A 22 2.12 9.14 11.06
C SER A 22 2.64 10.49 10.62
N ASP A 23 3.70 10.95 11.26
CA ASP A 23 4.31 12.22 10.90
C ASP A 23 4.69 12.21 9.43
N LEU A 24 5.18 11.08 8.97
CA LEU A 24 5.47 10.88 7.56
C LEU A 24 4.18 10.80 6.74
N GLY A 25 3.37 9.78 7.01
CA GLY A 25 2.17 9.54 6.24
C GLY A 25 1.27 10.75 6.13
N THR A 26 1.12 11.48 7.22
CA THR A 26 0.26 12.65 7.25
C THR A 26 0.83 13.76 6.38
N LEU A 27 2.13 13.98 6.50
CA LEU A 27 2.82 14.98 5.70
C LEU A 27 2.76 14.63 4.22
N LEU A 28 2.82 13.34 3.92
CA LEU A 28 2.82 12.89 2.54
C LEU A 28 1.44 13.06 1.92
N LEU A 29 0.41 12.65 2.65
CA LEU A 29 -0.94 12.73 2.13
C LEU A 29 -1.44 14.17 2.16
N ASP A 30 -0.84 14.98 3.01
CA ASP A 30 -1.12 16.42 3.04
C ASP A 30 -0.64 17.06 1.73
N GLU A 31 0.42 16.49 1.19
CA GLU A 31 0.97 16.93 -0.07
C GLU A 31 0.11 16.38 -1.21
N LEU A 32 -0.18 15.10 -1.11
CA LEU A 32 -0.89 14.38 -2.16
C LEU A 32 -2.40 14.65 -2.15
N GLY A 33 -2.89 15.26 -1.07
CA GLY A 33 -4.29 15.59 -0.95
C GLY A 33 -5.18 14.37 -0.85
N ILE A 34 -4.70 13.36 -0.14
CA ILE A 34 -5.38 12.07 -0.07
C ILE A 34 -6.60 12.12 0.82
N VAL A 35 -7.68 11.51 0.36
CA VAL A 35 -8.90 11.39 1.15
C VAL A 35 -8.86 10.14 2.02
N LEU A 36 -8.81 10.34 3.32
CA LEU A 36 -8.83 9.24 4.27
C LEU A 36 -10.20 9.09 4.91
N GLU A 37 -10.66 7.85 4.97
CA GLU A 37 -11.87 7.53 5.72
C GLU A 37 -11.46 7.19 7.14
N ASP A 38 -10.28 6.60 7.25
CA ASP A 38 -9.66 6.29 8.52
C ASP A 38 -8.18 6.60 8.42
N PRO A 39 -7.72 7.68 9.05
CA PRO A 39 -6.32 8.09 8.97
C PRO A 39 -5.42 7.15 9.78
N THR A 40 -6.06 6.19 10.42
CA THR A 40 -5.36 5.26 11.30
C THR A 40 -4.98 3.98 10.56
N VAL A 41 -4.95 4.06 9.24
CA VAL A 41 -4.57 2.93 8.42
C VAL A 41 -3.17 3.13 7.86
N LEU A 42 -2.56 2.05 7.43
CA LEU A 42 -1.26 2.11 6.80
C LEU A 42 -1.40 2.50 5.34
N ILE A 43 -0.80 3.61 4.97
CA ILE A 43 -0.77 4.03 3.59
C ILE A 43 0.60 3.77 3.00
N GLY A 44 0.61 3.26 1.79
CA GLY A 44 1.85 2.85 1.18
C GLY A 44 2.22 3.69 -0.02
N ASP A 45 3.21 4.54 0.14
CA ASP A 45 3.71 5.32 -0.98
C ASP A 45 4.60 4.43 -1.82
N GLY A 46 4.58 4.64 -3.13
CA GLY A 46 5.44 3.87 -4.00
C GLY A 46 5.01 2.42 -4.08
N CYS A 47 3.72 2.18 -4.09
CA CYS A 47 3.18 0.84 -4.01
C CYS A 47 2.74 0.35 -5.37
N ASP A 48 3.43 -0.66 -5.86
CA ASP A 48 3.09 -1.28 -7.12
C ASP A 48 2.32 -2.58 -6.88
N PRO A 49 1.19 -2.76 -7.56
CA PRO A 49 0.40 -3.98 -7.45
C PRO A 49 1.23 -5.21 -7.79
N ILE A 50 1.36 -6.12 -6.85
CA ILE A 50 2.23 -7.28 -7.04
C ILE A 50 1.53 -8.34 -7.89
N THR A 51 1.90 -8.38 -9.15
CA THR A 51 1.36 -9.38 -10.05
C THR A 51 2.47 -9.92 -10.97
N VAL A 52 3.70 -9.69 -10.54
CA VAL A 52 4.86 -10.20 -11.24
C VAL A 52 5.24 -11.57 -10.67
N ALA A 53 5.67 -12.47 -11.53
CA ALA A 53 6.06 -13.81 -11.11
C ALA A 53 7.57 -13.98 -11.16
N GLY A 54 8.16 -14.27 -10.01
CA GLY A 54 9.60 -14.47 -9.94
C GLY A 54 9.99 -15.17 -8.66
N SER A 55 11.22 -14.95 -8.21
CA SER A 55 11.70 -15.56 -6.98
C SER A 55 11.49 -14.59 -5.82
N SER A 56 12.09 -13.42 -5.92
CA SER A 56 11.88 -12.35 -4.95
C SER A 56 11.55 -11.07 -5.70
N ASP A 57 11.07 -11.25 -6.93
CA ASP A 57 10.75 -10.14 -7.82
C ASP A 57 9.48 -9.44 -7.38
N ALA A 58 8.72 -10.10 -6.52
CA ALA A 58 7.41 -9.62 -6.10
C ALA A 58 7.47 -8.27 -5.41
N CYS A 59 8.57 -8.02 -4.72
CA CYS A 59 8.72 -6.78 -3.97
C CYS A 59 10.16 -6.56 -3.57
N SER A 60 10.57 -5.30 -3.52
CA SER A 60 11.92 -4.95 -3.14
C SER A 60 11.93 -4.06 -1.88
N ALA A 61 10.76 -3.55 -1.53
CA ALA A 61 10.65 -2.68 -0.35
C ALA A 61 9.87 -3.38 0.76
N THR A 62 8.54 -3.30 0.69
CA THR A 62 7.69 -3.95 1.69
C THR A 62 6.36 -4.35 1.07
N ALA A 63 5.98 -5.61 1.24
CA ALA A 63 4.75 -6.12 0.66
C ALA A 63 3.58 -5.87 1.58
N VAL A 64 2.44 -5.51 1.02
CA VAL A 64 1.27 -5.17 1.80
C VAL A 64 -0.02 -5.55 1.06
N CYS A 65 -1.12 -5.46 1.77
CA CYS A 65 -2.42 -5.76 1.22
C CYS A 65 -3.39 -4.62 1.52
N CYS A 66 -3.74 -3.85 0.49
CA CYS A 66 -4.62 -2.70 0.67
C CYS A 66 -6.06 -3.03 0.28
N SER A 67 -6.99 -2.53 1.08
CA SER A 67 -8.40 -2.76 0.84
C SER A 67 -9.07 -1.57 0.17
N ASP A 68 -8.42 -0.42 0.25
CA ASP A 68 -8.98 0.81 -0.31
C ASP A 68 -8.32 1.14 -1.64
N ASN A 69 -9.05 1.77 -2.55
CA ASN A 69 -8.55 2.00 -3.90
C ASN A 69 -8.48 3.48 -4.26
N ASN A 70 -8.49 4.35 -3.25
CA ASN A 70 -8.35 5.79 -3.49
C ASN A 70 -6.88 6.13 -3.73
N VAL A 71 -6.33 5.59 -4.79
CA VAL A 71 -4.91 5.71 -5.09
C VAL A 71 -4.62 6.95 -5.94
N SER A 72 -3.57 7.66 -5.56
CA SER A 72 -3.16 8.89 -6.24
C SER A 72 -2.39 8.58 -7.52
N GLY A 73 -2.18 7.30 -7.75
CA GLY A 73 -1.42 6.84 -8.89
C GLY A 73 -0.32 5.88 -8.48
N VAL A 74 0.23 6.05 -7.28
CA VAL A 74 1.30 5.17 -6.82
C VAL A 74 1.14 4.78 -5.35
N ILE A 75 0.18 5.40 -4.65
CA ILE A 75 0.01 5.09 -3.25
C ILE A 75 -0.88 3.87 -3.03
N ALA A 76 -1.09 3.56 -1.76
CA ALA A 76 -1.98 2.50 -1.35
C ALA A 76 -2.62 2.84 -0.01
N ILE A 77 -3.90 2.55 0.16
CA ILE A 77 -4.60 2.88 1.39
C ILE A 77 -5.25 1.65 2.03
N GLY A 78 -5.09 1.50 3.33
CA GLY A 78 -5.68 0.37 4.03
C GLY A 78 -4.87 -0.88 3.85
N CYS A 79 -3.56 -0.77 4.05
CA CYS A 79 -2.65 -1.88 3.81
C CYS A 79 -2.26 -2.59 5.09
N LEU A 80 -2.25 -3.91 5.04
CA LEU A 80 -1.68 -4.72 6.09
C LEU A 80 -0.38 -5.34 5.58
N PRO A 81 0.69 -5.28 6.40
CA PRO A 81 2.00 -5.81 6.02
C PRO A 81 1.98 -7.32 5.82
N VAL A 82 2.50 -7.76 4.69
CA VAL A 82 2.61 -9.16 4.37
C VAL A 82 4.01 -9.44 3.82
N THR A 83 4.41 -10.70 3.87
CA THR A 83 5.72 -11.08 3.38
C THR A 83 5.65 -12.46 2.72
N LEU A 84 6.52 -12.67 1.73
CA LEU A 84 6.57 -13.93 0.98
C LEU A 84 5.24 -14.21 0.30
N GLY A 1 -1.78 -8.97 -14.63
CA GLY A 1 -2.68 -10.13 -14.49
C GLY A 1 -2.11 -11.18 -13.55
N SER A 2 -2.98 -11.88 -12.82
CA SER A 2 -2.56 -12.86 -11.83
C SER A 2 -1.70 -12.18 -10.76
N TRP A 3 -2.35 -11.51 -9.84
CA TRP A 3 -1.67 -10.74 -8.80
C TRP A 3 -1.87 -11.38 -7.44
N GLY A 4 -1.28 -10.75 -6.42
CA GLY A 4 -1.41 -11.25 -5.07
C GLY A 4 -2.85 -11.22 -4.57
N GLN A 5 -3.46 -12.38 -4.50
CA GLN A 5 -4.83 -12.50 -4.01
C GLN A 5 -4.84 -12.53 -2.49
N CYS A 6 -5.35 -11.46 -1.90
CA CYS A 6 -5.37 -11.32 -0.45
C CYS A 6 -6.70 -11.79 0.12
N SER A 7 -7.78 -11.09 -0.23
CA SER A 7 -9.10 -11.42 0.24
C SER A 7 -10.16 -10.58 -0.47
N THR A 8 -10.20 -9.29 -0.18
CA THR A 8 -11.15 -8.39 -0.81
C THR A 8 -10.43 -7.25 -1.53
N GLY A 9 -9.28 -6.87 -1.00
CA GLY A 9 -8.52 -5.78 -1.58
C GLY A 9 -7.53 -6.27 -2.63
N SER A 10 -6.33 -5.73 -2.59
CA SER A 10 -5.29 -6.11 -3.54
C SER A 10 -3.94 -6.07 -2.86
N ILE A 11 -3.06 -6.99 -3.23
CA ILE A 11 -1.71 -7.00 -2.68
C ILE A 11 -0.77 -6.20 -3.55
N GLN A 12 0.00 -5.36 -2.90
CA GLN A 12 0.88 -4.44 -3.58
C GLN A 12 2.18 -4.30 -2.82
N CYS A 13 3.20 -3.79 -3.50
CA CYS A 13 4.52 -3.65 -2.93
C CYS A 13 4.84 -2.17 -2.73
N CYS A 14 4.71 -1.72 -1.50
CA CYS A 14 4.89 -0.33 -1.16
C CYS A 14 6.35 -0.03 -0.88
N GLN A 15 6.81 1.07 -1.44
CA GLN A 15 8.18 1.51 -1.24
C GLN A 15 8.31 2.15 0.15
N ASN A 16 7.21 2.69 0.63
CA ASN A 16 7.18 3.32 1.94
C ASN A 16 5.85 3.06 2.64
N VAL A 17 5.87 2.16 3.59
CA VAL A 17 4.67 1.85 4.36
C VAL A 17 4.64 2.68 5.63
N VAL A 18 3.75 3.65 5.66
CA VAL A 18 3.66 4.58 6.78
C VAL A 18 2.23 4.72 7.25
N PRO A 19 2.03 4.92 8.56
CA PRO A 19 0.71 5.22 9.11
C PRO A 19 0.17 6.54 8.57
N GLY A 20 -1.11 6.56 8.21
CA GLY A 20 -1.70 7.73 7.61
C GLY A 20 -1.78 8.90 8.57
N ASP A 21 -1.78 8.59 9.85
CA ASP A 21 -1.78 9.62 10.90
C ASP A 21 -0.38 9.80 11.45
N SER A 22 0.59 9.19 10.78
CA SER A 22 1.99 9.34 11.13
C SER A 22 2.51 10.66 10.60
N ASP A 23 3.57 11.18 11.21
CA ASP A 23 4.20 12.40 10.72
C ASP A 23 4.55 12.24 9.25
N LEU A 24 5.05 11.06 8.90
CA LEU A 24 5.37 10.74 7.52
C LEU A 24 4.11 10.64 6.68
N GLY A 25 3.25 9.68 7.01
CA GLY A 25 2.06 9.41 6.23
C GLY A 25 1.17 10.62 6.06
N THR A 26 1.04 11.40 7.13
CA THR A 26 0.18 12.57 7.10
C THR A 26 0.76 13.64 6.19
N LEU A 27 2.07 13.81 6.25
CA LEU A 27 2.76 14.76 5.38
C LEU A 27 2.58 14.33 3.93
N LEU A 28 2.65 13.02 3.70
CA LEU A 28 2.55 12.47 2.36
C LEU A 28 1.15 12.67 1.79
N LEU A 29 0.14 12.25 2.52
CA LEU A 29 -1.23 12.34 2.03
C LEU A 29 -1.72 13.78 2.00
N ASP A 30 -1.07 14.63 2.78
CA ASP A 30 -1.33 16.07 2.74
C ASP A 30 -1.00 16.62 1.37
N GLU A 31 0.09 16.11 0.82
CA GLU A 31 0.57 16.53 -0.48
C GLU A 31 -0.34 15.97 -1.57
N LEU A 32 -1.12 14.98 -1.18
CA LEU A 32 -1.96 14.26 -2.10
C LEU A 32 -3.44 14.63 -1.95
N GLY A 33 -3.75 15.31 -0.86
CA GLY A 33 -5.10 15.76 -0.60
C GLY A 33 -6.05 14.62 -0.24
N ILE A 34 -5.58 13.71 0.60
CA ILE A 34 -6.37 12.54 0.95
C ILE A 34 -7.02 12.71 2.33
N VAL A 35 -8.34 12.57 2.38
CA VAL A 35 -9.06 12.63 3.63
C VAL A 35 -9.60 11.25 4.01
N LEU A 36 -8.92 10.60 4.95
CA LEU A 36 -9.29 9.26 5.37
C LEU A 36 -10.35 9.31 6.47
N GLU A 37 -11.29 8.37 6.40
CA GLU A 37 -12.32 8.23 7.43
C GLU A 37 -11.72 7.61 8.68
N ASP A 38 -10.62 6.90 8.48
CA ASP A 38 -9.82 6.37 9.56
C ASP A 38 -8.36 6.61 9.24
N PRO A 39 -7.80 7.75 9.67
CA PRO A 39 -6.41 8.10 9.37
C PRO A 39 -5.42 7.14 10.03
N THR A 40 -5.96 6.22 10.79
CA THR A 40 -5.15 5.27 11.54
C THR A 40 -4.64 4.15 10.64
N VAL A 41 -5.20 4.06 9.43
CA VAL A 41 -4.81 3.01 8.50
C VAL A 41 -3.40 3.24 7.95
N LEU A 42 -2.78 2.17 7.50
CA LEU A 42 -1.45 2.25 6.92
C LEU A 42 -1.54 2.57 5.44
N ILE A 43 -0.79 3.58 5.03
CA ILE A 43 -0.73 3.96 3.62
C ILE A 43 0.65 3.66 3.06
N GLY A 44 0.69 3.25 1.81
CA GLY A 44 1.95 2.86 1.21
C GLY A 44 2.33 3.73 0.04
N ASP A 45 3.31 4.58 0.24
CA ASP A 45 3.84 5.40 -0.83
C ASP A 45 4.76 4.55 -1.70
N GLY A 46 4.72 4.74 -3.00
CA GLY A 46 5.58 3.99 -3.88
C GLY A 46 5.15 2.55 -4.01
N CYS A 47 3.84 2.34 -4.08
CA CYS A 47 3.28 1.00 -4.05
C CYS A 47 2.83 0.57 -5.43
N ASP A 48 3.48 -0.46 -5.95
CA ASP A 48 3.06 -1.08 -7.20
C ASP A 48 2.32 -2.38 -6.93
N PRO A 49 1.22 -2.59 -7.65
CA PRO A 49 0.40 -3.79 -7.53
C PRO A 49 1.21 -5.03 -7.89
N ILE A 50 1.35 -5.96 -6.95
CA ILE A 50 2.19 -7.13 -7.17
C ILE A 50 1.48 -8.10 -8.10
N THR A 51 1.72 -7.92 -9.38
CA THR A 51 1.13 -8.77 -10.40
C THR A 51 2.23 -9.34 -11.28
N VAL A 52 3.46 -9.13 -10.87
CA VAL A 52 4.61 -9.63 -11.58
C VAL A 52 4.89 -11.08 -11.18
N ALA A 53 5.42 -11.85 -12.11
CA ALA A 53 5.73 -13.25 -11.85
C ALA A 53 7.12 -13.39 -11.24
N GLY A 54 7.27 -12.94 -10.00
CA GLY A 54 8.55 -13.01 -9.33
C GLY A 54 8.64 -14.15 -8.36
N SER A 55 7.52 -14.84 -8.16
CA SER A 55 7.43 -15.99 -7.27
C SER A 55 7.65 -15.56 -5.80
N SER A 56 8.90 -15.46 -5.39
CA SER A 56 9.22 -15.03 -4.03
C SER A 56 9.92 -13.68 -4.07
N ASP A 57 10.24 -13.23 -5.27
CA ASP A 57 10.91 -11.95 -5.47
C ASP A 57 10.03 -11.06 -6.33
N ALA A 58 8.90 -10.64 -5.79
CA ALA A 58 7.94 -9.84 -6.52
C ALA A 58 7.75 -8.46 -5.88
N CYS A 59 8.59 -8.15 -4.91
CA CYS A 59 8.52 -6.87 -4.24
C CYS A 59 9.93 -6.33 -4.00
N SER A 60 10.09 -5.02 -4.04
CA SER A 60 11.40 -4.40 -3.89
C SER A 60 11.46 -3.51 -2.65
N ALA A 61 10.50 -3.65 -1.75
CA ALA A 61 10.49 -2.86 -0.53
C ALA A 61 9.67 -3.53 0.57
N THR A 62 8.36 -3.44 0.49
CA THR A 62 7.48 -4.02 1.50
C THR A 62 6.16 -4.46 0.88
N ALA A 63 5.78 -5.70 1.14
CA ALA A 63 4.54 -6.25 0.60
C ALA A 63 3.39 -5.98 1.57
N VAL A 64 2.27 -5.55 1.03
CA VAL A 64 1.12 -5.22 1.85
C VAL A 64 -0.18 -5.61 1.16
N CYS A 65 -1.22 -5.76 1.95
CA CYS A 65 -2.54 -6.04 1.44
C CYS A 65 -3.42 -4.81 1.65
N CYS A 66 -3.68 -4.09 0.57
CA CYS A 66 -4.48 -2.87 0.66
C CYS A 66 -5.95 -3.18 0.43
N SER A 67 -6.75 -2.85 1.43
CA SER A 67 -8.19 -3.08 1.38
C SER A 67 -8.86 -2.00 0.54
N ASP A 68 -8.19 -0.88 0.38
CA ASP A 68 -8.70 0.21 -0.43
C ASP A 68 -7.92 0.27 -1.75
N ASN A 69 -8.56 0.71 -2.82
CA ASN A 69 -7.93 0.70 -4.13
C ASN A 69 -7.81 2.10 -4.73
N ASN A 70 -8.16 3.12 -3.96
CA ASN A 70 -8.06 4.49 -4.48
C ASN A 70 -6.63 4.99 -4.33
N VAL A 71 -5.97 5.18 -5.46
CA VAL A 71 -4.56 5.50 -5.49
C VAL A 71 -4.31 6.82 -6.21
N SER A 72 -3.43 7.64 -5.64
CA SER A 72 -3.10 8.95 -6.19
C SER A 72 -2.18 8.84 -7.39
N GLY A 73 -1.81 7.61 -7.71
CA GLY A 73 -0.89 7.35 -8.78
C GLY A 73 0.26 6.46 -8.34
N VAL A 74 0.67 6.57 -7.08
CA VAL A 74 1.76 5.74 -6.58
C VAL A 74 1.50 5.19 -5.19
N ILE A 75 0.42 5.61 -4.55
CA ILE A 75 0.18 5.22 -3.17
C ILE A 75 -0.66 3.97 -3.02
N ALA A 76 -0.94 3.63 -1.78
CA ALA A 76 -1.82 2.54 -1.41
C ALA A 76 -2.48 2.88 -0.07
N ILE A 77 -3.75 2.52 0.11
CA ILE A 77 -4.47 2.90 1.32
C ILE A 77 -5.11 1.69 2.01
N GLY A 78 -5.03 1.67 3.34
CA GLY A 78 -5.64 0.61 4.12
C GLY A 78 -4.94 -0.71 3.92
N CYS A 79 -3.63 -0.69 4.09
CA CYS A 79 -2.82 -1.85 3.78
C CYS A 79 -2.28 -2.53 5.03
N LEU A 80 -2.31 -3.85 5.02
CA LEU A 80 -1.71 -4.65 6.08
C LEU A 80 -0.46 -5.34 5.59
N PRO A 81 0.64 -5.25 6.36
CA PRO A 81 1.95 -5.82 5.97
C PRO A 81 1.93 -7.34 5.83
N VAL A 82 2.31 -7.82 4.65
CA VAL A 82 2.39 -9.23 4.37
C VAL A 82 3.76 -9.57 3.79
N THR A 83 4.13 -10.82 3.87
CA THR A 83 5.39 -11.27 3.30
C THR A 83 5.32 -12.76 2.96
N LEU A 84 6.38 -13.25 2.35
CA LEU A 84 6.49 -14.66 1.98
C LEU A 84 5.35 -15.07 1.05
N GLY A 1 3.12 -17.24 -7.17
CA GLY A 1 2.79 -15.91 -7.76
C GLY A 1 1.33 -15.55 -7.60
N SER A 2 1.05 -14.27 -7.50
CA SER A 2 -0.30 -13.79 -7.31
C SER A 2 -0.61 -12.67 -8.30
N TRP A 3 -1.89 -12.43 -8.51
CA TRP A 3 -2.34 -11.35 -9.39
C TRP A 3 -2.96 -10.24 -8.56
N GLY A 4 -2.56 -10.16 -7.29
CA GLY A 4 -3.14 -9.20 -6.38
C GLY A 4 -4.17 -9.84 -5.49
N GLN A 5 -4.15 -11.17 -5.43
CA GLN A 5 -5.12 -11.94 -4.66
C GLN A 5 -4.82 -11.89 -3.17
N CYS A 6 -5.80 -11.46 -2.40
CA CYS A 6 -5.64 -11.31 -0.96
C CYS A 6 -7.00 -11.19 -0.29
N SER A 7 -7.13 -11.78 0.89
CA SER A 7 -8.40 -11.80 1.61
C SER A 7 -8.74 -10.43 2.20
N THR A 8 -7.75 -9.54 2.24
CA THR A 8 -7.99 -8.19 2.71
C THR A 8 -8.34 -7.28 1.53
N GLY A 9 -7.85 -7.65 0.35
CA GLY A 9 -8.11 -6.86 -0.84
C GLY A 9 -7.10 -7.14 -1.93
N SER A 10 -6.35 -6.11 -2.29
CA SER A 10 -5.36 -6.22 -3.35
C SER A 10 -3.96 -6.26 -2.74
N ILE A 11 -3.03 -6.89 -3.43
CA ILE A 11 -1.65 -6.93 -2.94
C ILE A 11 -0.77 -6.01 -3.75
N GLN A 12 0.03 -5.25 -3.04
CA GLN A 12 0.96 -4.33 -3.66
C GLN A 12 2.28 -4.29 -2.89
N CYS A 13 3.31 -3.80 -3.55
CA CYS A 13 4.62 -3.67 -2.96
C CYS A 13 4.94 -2.19 -2.76
N CYS A 14 4.82 -1.76 -1.52
CA CYS A 14 4.99 -0.35 -1.18
C CYS A 14 6.45 -0.03 -0.95
N GLN A 15 6.87 1.11 -1.46
CA GLN A 15 8.21 1.59 -1.22
C GLN A 15 8.33 2.09 0.22
N ASN A 16 7.23 2.67 0.71
CA ASN A 16 7.12 3.01 2.10
C ASN A 16 5.80 2.49 2.65
N VAL A 17 5.78 2.17 3.94
CA VAL A 17 4.55 1.78 4.60
C VAL A 17 4.40 2.58 5.89
N VAL A 18 3.57 3.60 5.85
CA VAL A 18 3.45 4.53 6.97
C VAL A 18 2.00 4.75 7.36
N PRO A 19 1.74 4.91 8.66
CA PRO A 19 0.41 5.28 9.15
C PRO A 19 -0.06 6.62 8.59
N GLY A 20 -1.34 6.70 8.25
CA GLY A 20 -1.88 7.93 7.70
C GLY A 20 -1.85 9.07 8.68
N ASP A 21 -1.76 8.75 9.96
CA ASP A 21 -1.66 9.76 11.00
C ASP A 21 -0.22 9.83 11.51
N SER A 22 0.69 9.24 10.74
CA SER A 22 2.11 9.29 11.06
C SER A 22 2.70 10.57 10.52
N ASP A 23 3.79 11.02 11.13
CA ASP A 23 4.47 12.23 10.67
C ASP A 23 4.77 12.16 9.18
N LEU A 24 5.19 10.99 8.75
CA LEU A 24 5.45 10.76 7.34
C LEU A 24 4.15 10.69 6.56
N GLY A 25 3.33 9.69 6.87
CA GLY A 25 2.10 9.46 6.14
C GLY A 25 1.22 10.69 6.02
N THR A 26 1.14 11.45 7.10
CA THR A 26 0.29 12.63 7.15
C THR A 26 0.83 13.72 6.24
N LEU A 27 2.13 13.94 6.31
CA LEU A 27 2.77 14.94 5.47
C LEU A 27 2.67 14.52 4.01
N LEU A 28 2.79 13.23 3.77
CA LEU A 28 2.78 12.70 2.41
C LEU A 28 1.40 12.83 1.80
N LEU A 29 0.36 12.50 2.57
CA LEU A 29 -0.99 12.57 2.07
C LEU A 29 -1.44 14.02 1.92
N ASP A 30 -0.85 14.89 2.71
CA ASP A 30 -1.08 16.33 2.59
C ASP A 30 -0.50 16.81 1.26
N GLU A 31 0.59 16.16 0.87
CA GLU A 31 1.28 16.46 -0.36
C GLU A 31 0.59 15.80 -1.55
N LEU A 32 -0.35 14.91 -1.26
CA LEU A 32 -1.01 14.12 -2.29
C LEU A 32 -2.50 14.44 -2.38
N GLY A 33 -3.02 15.12 -1.37
CA GLY A 33 -4.42 15.54 -1.39
C GLY A 33 -5.36 14.41 -1.03
N ILE A 34 -4.98 13.59 -0.06
CA ILE A 34 -5.77 12.44 0.33
C ILE A 34 -6.65 12.77 1.53
N VAL A 35 -7.88 12.30 1.50
CA VAL A 35 -8.78 12.44 2.63
C VAL A 35 -9.21 11.06 3.14
N LEU A 36 -8.61 10.63 4.23
CA LEU A 36 -8.91 9.33 4.80
C LEU A 36 -10.09 9.41 5.75
N GLU A 37 -10.94 8.39 5.70
CA GLU A 37 -12.06 8.28 6.63
C GLU A 37 -11.56 7.84 8.00
N ASP A 38 -10.45 7.11 7.99
CA ASP A 38 -9.78 6.68 9.20
C ASP A 38 -8.28 6.83 9.01
N PRO A 39 -7.69 7.87 9.62
CA PRO A 39 -6.26 8.15 9.46
C PRO A 39 -5.37 7.15 10.18
N THR A 40 -5.96 6.12 10.78
CA THR A 40 -5.18 5.16 11.54
C THR A 40 -4.80 3.97 10.65
N VAL A 41 -5.17 4.04 9.38
CA VAL A 41 -4.84 2.99 8.43
C VAL A 41 -3.42 3.22 7.88
N LEU A 42 -2.84 2.15 7.36
CA LEU A 42 -1.51 2.21 6.79
C LEU A 42 -1.57 2.59 5.32
N ILE A 43 -0.90 3.67 4.97
CA ILE A 43 -0.82 4.10 3.60
C ILE A 43 0.57 3.81 3.04
N GLY A 44 0.61 3.25 1.85
CA GLY A 44 1.87 2.87 1.27
C GLY A 44 2.25 3.71 0.08
N ASP A 45 3.24 4.57 0.24
CA ASP A 45 3.74 5.36 -0.87
C ASP A 45 4.71 4.54 -1.69
N GLY A 46 4.62 4.65 -3.00
CA GLY A 46 5.50 3.91 -3.87
C GLY A 46 5.05 2.47 -4.01
N CYS A 47 3.76 2.26 -4.05
CA CYS A 47 3.19 0.93 -4.02
C CYS A 47 2.70 0.50 -5.39
N ASP A 48 3.36 -0.47 -5.96
CA ASP A 48 2.92 -1.08 -7.21
C ASP A 48 2.26 -2.43 -6.91
N PRO A 49 1.10 -2.70 -7.53
CA PRO A 49 0.38 -3.95 -7.33
C PRO A 49 1.22 -5.15 -7.73
N ILE A 50 1.34 -6.11 -6.83
CA ILE A 50 2.12 -7.31 -7.11
C ILE A 50 1.28 -8.29 -7.89
N THR A 51 1.32 -8.15 -9.20
CA THR A 51 0.53 -8.98 -10.08
C THR A 51 1.41 -9.59 -11.16
N VAL A 52 2.71 -9.42 -10.99
CA VAL A 52 3.67 -9.97 -11.92
C VAL A 52 4.26 -11.26 -11.35
N ALA A 53 4.55 -12.22 -12.21
CA ALA A 53 5.12 -13.49 -11.78
C ALA A 53 6.65 -13.39 -11.70
N GLY A 54 7.12 -12.30 -11.12
CA GLY A 54 8.54 -12.07 -11.02
C GLY A 54 9.17 -12.76 -9.83
N SER A 55 9.36 -14.07 -9.97
CA SER A 55 9.98 -14.93 -8.94
C SER A 55 9.30 -14.77 -7.58
N SER A 56 9.96 -15.20 -6.53
CA SER A 56 9.46 -15.01 -5.17
C SER A 56 9.84 -13.62 -4.68
N ASP A 57 10.80 -13.02 -5.37
CA ASP A 57 11.28 -11.68 -5.05
C ASP A 57 10.52 -10.67 -5.92
N ALA A 58 9.21 -10.63 -5.73
CA ALA A 58 8.35 -9.76 -6.51
C ALA A 58 8.10 -8.42 -5.82
N CYS A 59 8.94 -8.09 -4.86
CA CYS A 59 8.83 -6.84 -4.13
C CYS A 59 10.21 -6.29 -3.80
N SER A 60 10.35 -4.97 -3.86
CA SER A 60 11.64 -4.33 -3.66
C SER A 60 11.76 -3.70 -2.27
N ALA A 61 10.64 -3.33 -1.67
CA ALA A 61 10.66 -2.66 -0.38
C ALA A 61 9.85 -3.41 0.67
N THR A 62 8.53 -3.29 0.61
CA THR A 62 7.67 -3.92 1.61
C THR A 62 6.35 -4.38 0.98
N ALA A 63 6.00 -5.64 1.22
CA ALA A 63 4.78 -6.21 0.66
C ALA A 63 3.60 -5.93 1.59
N VAL A 64 2.47 -5.57 1.01
CA VAL A 64 1.28 -5.23 1.77
C VAL A 64 0.02 -5.65 1.03
N CYS A 65 -1.10 -5.54 1.73
CA CYS A 65 -2.40 -5.84 1.16
C CYS A 65 -3.38 -4.74 1.51
N CYS A 66 -3.78 -3.94 0.52
CA CYS A 66 -4.67 -2.82 0.74
C CYS A 66 -6.12 -3.19 0.45
N SER A 67 -6.99 -2.73 1.33
CA SER A 67 -8.42 -2.95 1.19
C SER A 67 -9.04 -1.91 0.25
N ASP A 68 -8.32 -0.82 0.04
CA ASP A 68 -8.80 0.24 -0.84
C ASP A 68 -7.97 0.32 -2.11
N ASN A 69 -8.62 0.69 -3.19
CA ASN A 69 -7.96 0.79 -4.49
C ASN A 69 -7.96 2.24 -4.98
N ASN A 70 -8.45 3.14 -4.12
CA ASN A 70 -8.48 4.57 -4.44
C ASN A 70 -7.08 5.16 -4.31
N VAL A 71 -6.23 4.86 -5.27
CA VAL A 71 -4.87 5.32 -5.25
C VAL A 71 -4.73 6.66 -5.94
N SER A 72 -3.81 7.49 -5.45
CA SER A 72 -3.55 8.79 -6.04
C SER A 72 -2.49 8.69 -7.13
N GLY A 73 -2.16 7.44 -7.50
CA GLY A 73 -1.24 7.21 -8.59
C GLY A 73 -0.08 6.30 -8.22
N VAL A 74 0.39 6.38 -6.98
CA VAL A 74 1.50 5.54 -6.57
C VAL A 74 1.33 5.02 -5.15
N ILE A 75 0.28 5.44 -4.48
CA ILE A 75 0.07 5.05 -3.08
C ILE A 75 -0.79 3.81 -2.95
N ALA A 76 -1.06 3.47 -1.69
CA ALA A 76 -1.96 2.41 -1.32
C ALA A 76 -2.65 2.78 -0.01
N ILE A 77 -3.96 2.53 0.09
CA ILE A 77 -4.71 2.92 1.28
C ILE A 77 -5.29 1.70 2.00
N GLY A 78 -5.00 1.60 3.29
CA GLY A 78 -5.52 0.53 4.09
C GLY A 78 -4.78 -0.77 3.86
N CYS A 79 -3.46 -0.71 3.98
CA CYS A 79 -2.61 -1.85 3.72
C CYS A 79 -2.20 -2.58 4.98
N LEU A 80 -2.24 -3.90 4.91
CA LEU A 80 -1.68 -4.74 5.95
C LEU A 80 -0.37 -5.34 5.48
N PRO A 81 0.68 -5.26 6.31
CA PRO A 81 2.01 -5.78 5.97
C PRO A 81 2.02 -7.30 5.84
N VAL A 82 2.41 -7.79 4.67
CA VAL A 82 2.50 -9.21 4.42
C VAL A 82 3.91 -9.59 4.00
N THR A 83 4.27 -10.83 4.28
CA THR A 83 5.61 -11.34 4.01
C THR A 83 6.67 -10.67 4.87
N LEU A 84 7.61 -11.47 5.37
CA LEU A 84 8.67 -11.00 6.25
C LEU A 84 8.09 -10.36 7.52
N GLY A 1 -0.29 -11.95 -16.09
CA GLY A 1 -0.59 -11.23 -14.84
C GLY A 1 -1.28 -12.12 -13.82
N SER A 2 -0.71 -12.22 -12.64
CA SER A 2 -1.29 -13.04 -11.59
C SER A 2 -1.38 -12.24 -10.29
N TRP A 3 -2.56 -11.74 -10.00
CA TRP A 3 -2.76 -10.92 -8.81
C TRP A 3 -3.01 -11.79 -7.59
N GLY A 4 -2.23 -11.54 -6.54
CA GLY A 4 -2.36 -12.31 -5.33
C GLY A 4 -3.61 -11.93 -4.56
N GLN A 5 -4.51 -12.87 -4.43
CA GLN A 5 -5.75 -12.66 -3.70
C GLN A 5 -5.45 -12.56 -2.20
N CYS A 6 -6.02 -11.54 -1.57
CA CYS A 6 -5.78 -11.28 -0.17
C CYS A 6 -7.09 -11.33 0.62
N SER A 7 -8.21 -11.25 -0.10
CA SER A 7 -9.56 -11.21 0.50
C SER A 7 -9.82 -9.87 1.15
N THR A 8 -8.90 -9.41 1.98
CA THR A 8 -9.02 -8.10 2.63
C THR A 8 -8.95 -7.00 1.58
N GLY A 9 -8.25 -7.29 0.49
CA GLY A 9 -8.12 -6.33 -0.59
C GLY A 9 -7.14 -6.80 -1.65
N SER A 10 -6.43 -5.86 -2.24
CA SER A 10 -5.46 -6.17 -3.28
C SER A 10 -4.06 -6.13 -2.70
N ILE A 11 -3.14 -6.89 -3.26
CA ILE A 11 -1.78 -6.93 -2.76
C ILE A 11 -0.84 -6.10 -3.62
N GLN A 12 0.01 -5.36 -2.96
CA GLN A 12 0.97 -4.49 -3.61
C GLN A 12 2.29 -4.46 -2.83
N CYS A 13 3.31 -3.90 -3.45
CA CYS A 13 4.62 -3.77 -2.83
C CYS A 13 4.98 -2.30 -2.69
N CYS A 14 4.85 -1.81 -1.47
CA CYS A 14 5.05 -0.40 -1.17
C CYS A 14 6.52 -0.10 -0.93
N GLN A 15 6.98 0.98 -1.54
CA GLN A 15 8.32 1.47 -1.32
C GLN A 15 8.41 2.11 0.07
N ASN A 16 7.28 2.64 0.52
CA ASN A 16 7.20 3.26 1.83
C ASN A 16 5.88 2.92 2.50
N VAL A 17 5.96 2.21 3.60
CA VAL A 17 4.76 1.84 4.35
C VAL A 17 4.68 2.68 5.62
N VAL A 18 3.78 3.66 5.61
CA VAL A 18 3.64 4.58 6.72
C VAL A 18 2.18 4.73 7.13
N PRO A 19 1.93 4.81 8.45
CA PRO A 19 0.60 5.13 8.97
C PRO A 19 0.09 6.48 8.47
N GLY A 20 -1.19 6.56 8.18
CA GLY A 20 -1.78 7.81 7.70
C GLY A 20 -1.77 8.88 8.77
N ASP A 21 -1.64 8.46 10.02
CA ASP A 21 -1.54 9.36 11.15
C ASP A 21 -0.09 9.47 11.60
N SER A 22 0.80 8.91 10.80
CA SER A 22 2.23 9.01 11.05
C SER A 22 2.74 10.35 10.56
N ASP A 23 3.83 10.82 11.14
CA ASP A 23 4.40 12.09 10.74
C ASP A 23 4.67 12.10 9.24
N LEU A 24 5.15 10.98 8.74
CA LEU A 24 5.38 10.82 7.31
C LEU A 24 4.07 10.74 6.56
N GLY A 25 3.28 9.71 6.87
CA GLY A 25 2.04 9.45 6.14
C GLY A 25 1.10 10.63 6.13
N THR A 26 1.02 11.35 7.24
CA THR A 26 0.13 12.48 7.36
C THR A 26 0.55 13.61 6.43
N LEU A 27 1.86 13.86 6.37
CA LEU A 27 2.39 14.88 5.48
C LEU A 27 2.24 14.39 4.03
N LEU A 28 2.40 13.09 3.83
CA LEU A 28 2.33 12.52 2.50
C LEU A 28 0.93 12.68 1.92
N LEU A 29 -0.08 12.37 2.71
CA LEU A 29 -1.45 12.46 2.23
C LEU A 29 -1.92 13.92 2.22
N ASP A 30 -1.26 14.75 3.00
CA ASP A 30 -1.52 16.19 2.98
C ASP A 30 -1.10 16.75 1.63
N GLU A 31 0.01 16.22 1.12
CA GLU A 31 0.56 16.65 -0.15
C GLU A 31 -0.26 16.08 -1.29
N LEU A 32 -1.11 15.13 -0.95
CA LEU A 32 -1.95 14.47 -1.92
C LEU A 32 -3.41 14.93 -1.81
N GLY A 33 -3.69 15.64 -0.72
CA GLY A 33 -5.04 16.12 -0.46
C GLY A 33 -6.03 14.99 -0.24
N ILE A 34 -5.59 13.95 0.47
CA ILE A 34 -6.43 12.79 0.69
C ILE A 34 -7.41 13.02 1.83
N VAL A 35 -8.67 12.67 1.61
CA VAL A 35 -9.63 12.70 2.69
C VAL A 35 -9.62 11.36 3.42
N LEU A 36 -9.24 11.40 4.69
CA LEU A 36 -9.17 10.19 5.49
C LEU A 36 -10.48 9.95 6.22
N GLU A 37 -10.95 8.72 6.12
CA GLU A 37 -12.12 8.28 6.87
C GLU A 37 -11.65 7.76 8.21
N ASP A 38 -10.48 7.15 8.19
CA ASP A 38 -9.82 6.68 9.39
C ASP A 38 -8.32 6.84 9.20
N PRO A 39 -7.74 7.88 9.82
CA PRO A 39 -6.33 8.22 9.63
C PRO A 39 -5.40 7.16 10.22
N THR A 40 -6.00 6.17 10.87
CA THR A 40 -5.24 5.16 11.58
C THR A 40 -4.76 4.07 10.64
N VAL A 41 -5.27 4.08 9.41
CA VAL A 41 -4.91 3.07 8.42
C VAL A 41 -3.50 3.29 7.89
N LEU A 42 -2.93 2.24 7.34
CA LEU A 42 -1.59 2.31 6.77
C LEU A 42 -1.66 2.69 5.30
N ILE A 43 -0.87 3.68 4.91
CA ILE A 43 -0.79 4.09 3.52
C ILE A 43 0.59 3.78 2.96
N GLY A 44 0.62 3.27 1.74
CA GLY A 44 1.87 2.83 1.16
C GLY A 44 2.27 3.67 -0.03
N ASP A 45 3.22 4.56 0.17
CA ASP A 45 3.75 5.37 -0.91
C ASP A 45 4.74 4.55 -1.73
N GLY A 46 4.70 4.72 -3.05
CA GLY A 46 5.60 3.95 -3.89
C GLY A 46 5.18 2.50 -4.01
N CYS A 47 3.88 2.28 -4.12
CA CYS A 47 3.35 0.93 -4.06
C CYS A 47 2.85 0.47 -5.42
N ASP A 48 3.54 -0.53 -5.95
CA ASP A 48 3.14 -1.16 -7.20
C ASP A 48 2.44 -2.48 -6.91
N PRO A 49 1.34 -2.77 -7.61
CA PRO A 49 0.59 -4.02 -7.43
C PRO A 49 1.44 -5.25 -7.72
N ILE A 50 1.37 -6.24 -6.84
CA ILE A 50 2.15 -7.46 -7.01
C ILE A 50 1.36 -8.45 -7.86
N THR A 51 1.79 -8.60 -9.11
CA THR A 51 1.08 -9.43 -10.06
C THR A 51 2.06 -10.19 -10.96
N VAL A 52 3.29 -10.30 -10.48
CA VAL A 52 4.35 -10.95 -11.23
C VAL A 52 5.39 -11.54 -10.29
N ALA A 53 6.15 -12.51 -10.79
CA ALA A 53 7.28 -13.08 -10.06
C ALA A 53 6.89 -13.68 -8.71
N GLY A 54 5.80 -14.44 -8.71
CA GLY A 54 5.32 -15.06 -7.49
C GLY A 54 6.35 -15.97 -6.86
N SER A 55 6.76 -15.63 -5.63
CA SER A 55 7.77 -16.41 -4.89
C SER A 55 9.13 -16.34 -5.57
N SER A 56 9.31 -15.30 -6.39
CA SER A 56 10.55 -15.11 -7.13
C SER A 56 11.08 -13.70 -6.89
N ASP A 57 10.72 -13.14 -5.73
CA ASP A 57 11.06 -11.77 -5.35
C ASP A 57 10.15 -10.80 -6.11
N ALA A 58 8.90 -10.77 -5.69
CA ALA A 58 7.90 -9.96 -6.35
C ALA A 58 7.78 -8.59 -5.68
N CYS A 59 8.63 -8.35 -4.70
CA CYS A 59 8.64 -7.09 -3.99
C CYS A 59 10.07 -6.70 -3.65
N SER A 60 10.37 -5.40 -3.72
CA SER A 60 11.71 -4.92 -3.45
C SER A 60 11.77 -4.21 -2.09
N ALA A 61 10.65 -3.62 -1.68
CA ALA A 61 10.63 -2.85 -0.44
C ALA A 61 9.79 -3.53 0.64
N THR A 62 8.47 -3.38 0.58
CA THR A 62 7.59 -3.98 1.57
C THR A 62 6.28 -4.43 0.95
N ALA A 63 5.92 -5.68 1.19
CA ALA A 63 4.69 -6.23 0.66
C ALA A 63 3.52 -5.93 1.59
N VAL A 64 2.39 -5.54 1.00
CA VAL A 64 1.23 -5.13 1.78
C VAL A 64 -0.07 -5.52 1.08
N CYS A 65 -1.16 -5.41 1.82
CA CYS A 65 -2.48 -5.70 1.30
C CYS A 65 -3.44 -4.56 1.64
N CYS A 66 -3.77 -3.76 0.63
CA CYS A 66 -4.67 -2.63 0.82
C CYS A 66 -6.12 -3.00 0.56
N SER A 67 -6.96 -2.57 1.47
CA SER A 67 -8.39 -2.82 1.40
C SER A 67 -9.08 -1.76 0.56
N ASP A 68 -8.36 -0.67 0.29
CA ASP A 68 -8.90 0.43 -0.50
C ASP A 68 -8.26 0.46 -1.88
N ASN A 69 -8.95 1.08 -2.84
CA ASN A 69 -8.51 1.02 -4.23
C ASN A 69 -8.25 2.41 -4.83
N ASN A 70 -8.72 3.48 -4.19
CA ASN A 70 -8.63 4.81 -4.78
C ASN A 70 -7.30 5.47 -4.42
N VAL A 71 -6.24 4.99 -5.05
CA VAL A 71 -4.90 5.49 -4.82
C VAL A 71 -4.61 6.71 -5.69
N SER A 72 -3.56 7.43 -5.34
CA SER A 72 -3.22 8.68 -6.01
C SER A 72 -2.39 8.44 -7.28
N GLY A 73 -2.08 7.18 -7.54
CA GLY A 73 -1.27 6.83 -8.68
C GLY A 73 -0.07 6.00 -8.31
N VAL A 74 0.46 6.22 -7.12
CA VAL A 74 1.61 5.44 -6.67
C VAL A 74 1.44 4.98 -5.22
N ILE A 75 0.46 5.52 -4.51
CA ILE A 75 0.27 5.11 -3.12
C ILE A 75 -0.66 3.93 -3.00
N ALA A 76 -0.96 3.59 -1.76
CA ALA A 76 -1.92 2.55 -1.42
C ALA A 76 -2.59 2.93 -0.11
N ILE A 77 -3.88 2.63 0.03
CA ILE A 77 -4.62 3.05 1.22
C ILE A 77 -5.24 1.85 1.94
N GLY A 78 -5.04 1.79 3.26
CA GLY A 78 -5.62 0.72 4.06
C GLY A 78 -4.89 -0.58 3.89
N CYS A 79 -3.57 -0.54 4.04
CA CYS A 79 -2.73 -1.70 3.81
C CYS A 79 -2.35 -2.43 5.10
N LEU A 80 -2.33 -3.75 5.00
CA LEU A 80 -1.76 -4.59 6.05
C LEU A 80 -0.45 -5.18 5.56
N PRO A 81 0.60 -5.10 6.38
CA PRO A 81 1.92 -5.63 6.03
C PRO A 81 1.94 -7.15 5.92
N VAL A 82 2.44 -7.65 4.79
CA VAL A 82 2.55 -9.07 4.55
C VAL A 82 3.96 -9.41 4.08
N THR A 83 4.33 -10.67 4.21
CA THR A 83 5.64 -11.12 3.75
C THR A 83 5.50 -12.39 2.93
N LEU A 84 6.22 -12.45 1.81
CA LEU A 84 6.19 -13.60 0.90
C LEU A 84 4.82 -13.80 0.29
N GLY A 1 4.04 -18.59 -8.58
CA GLY A 1 4.22 -17.64 -9.71
C GLY A 1 4.21 -16.20 -9.26
N SER A 2 3.08 -15.54 -9.42
CA SER A 2 2.95 -14.14 -9.09
C SER A 2 1.65 -13.91 -8.31
N TRP A 3 1.27 -12.65 -8.14
CA TRP A 3 0.08 -12.27 -7.39
C TRP A 3 0.16 -12.80 -5.95
N GLY A 4 -0.98 -13.01 -5.32
CA GLY A 4 -1.01 -13.54 -3.98
C GLY A 4 -2.43 -13.69 -3.48
N GLN A 5 -2.61 -14.53 -2.47
CA GLN A 5 -3.91 -14.73 -1.88
C GLN A 5 -3.95 -14.09 -0.49
N CYS A 6 -4.69 -13.01 -0.37
CA CYS A 6 -4.74 -12.25 0.86
C CYS A 6 -6.20 -11.98 1.27
N SER A 7 -6.85 -11.07 0.56
CA SER A 7 -8.21 -10.68 0.88
C SER A 7 -8.87 -10.08 -0.36
N THR A 8 -10.09 -9.57 -0.21
CA THR A 8 -10.87 -9.09 -1.35
C THR A 8 -10.48 -7.67 -1.77
N GLY A 9 -9.35 -7.20 -1.26
CA GLY A 9 -8.87 -5.88 -1.60
C GLY A 9 -7.89 -5.91 -2.74
N SER A 10 -6.64 -5.62 -2.44
CA SER A 10 -5.59 -5.60 -3.44
C SER A 10 -4.24 -5.94 -2.79
N ILE A 11 -3.35 -6.55 -3.56
CA ILE A 11 -2.00 -6.79 -3.10
C ILE A 11 -1.00 -5.95 -3.88
N GLN A 12 -0.08 -5.37 -3.14
CA GLN A 12 0.92 -4.48 -3.72
C GLN A 12 2.18 -4.45 -2.86
N CYS A 13 3.22 -3.83 -3.40
CA CYS A 13 4.47 -3.68 -2.70
C CYS A 13 4.78 -2.20 -2.51
N CYS A 14 4.68 -1.75 -1.28
CA CYS A 14 4.79 -0.33 -0.97
C CYS A 14 6.21 0.06 -0.69
N GLN A 15 6.65 1.12 -1.36
CA GLN A 15 7.96 1.66 -1.17
C GLN A 15 8.03 2.46 0.14
N ASN A 16 6.90 2.98 0.58
CA ASN A 16 6.81 3.66 1.86
C ASN A 16 5.57 3.24 2.62
N VAL A 17 5.72 2.32 3.56
CA VAL A 17 4.60 1.89 4.38
C VAL A 17 4.54 2.71 5.66
N VAL A 18 3.63 3.66 5.68
CA VAL A 18 3.53 4.60 6.79
C VAL A 18 2.08 4.75 7.25
N PRO A 19 1.86 4.89 8.56
CA PRO A 19 0.53 5.21 9.10
C PRO A 19 0.05 6.56 8.57
N GLY A 20 -1.23 6.64 8.24
CA GLY A 20 -1.80 7.87 7.70
C GLY A 20 -1.77 9.00 8.70
N ASP A 21 -1.76 8.67 9.97
CA ASP A 21 -1.68 9.66 11.04
C ASP A 21 -0.23 9.81 11.51
N SER A 22 0.66 9.10 10.84
CA SER A 22 2.09 9.18 11.14
C SER A 22 2.64 10.51 10.66
N ASP A 23 3.70 10.97 11.31
CA ASP A 23 4.34 12.21 10.91
C ASP A 23 4.71 12.17 9.44
N LEU A 24 5.17 11.01 9.01
CA LEU A 24 5.49 10.80 7.60
C LEU A 24 4.21 10.74 6.77
N GLY A 25 3.37 9.75 7.05
CA GLY A 25 2.17 9.53 6.27
C GLY A 25 1.29 10.76 6.15
N THR A 26 1.17 11.49 7.23
CA THR A 26 0.32 12.67 7.26
C THR A 26 0.89 13.77 6.40
N LEU A 27 2.20 13.99 6.51
CA LEU A 27 2.87 15.00 5.71
C LEU A 27 2.78 14.63 4.24
N LEU A 28 2.89 13.34 3.96
CA LEU A 28 2.86 12.84 2.60
C LEU A 28 1.48 13.00 1.99
N LEU A 29 0.45 12.66 2.74
CA LEU A 29 -0.91 12.74 2.23
C LEU A 29 -1.40 14.19 2.22
N ASP A 30 -0.83 15.01 3.09
CA ASP A 30 -1.08 16.45 3.08
C ASP A 30 -0.54 17.04 1.79
N GLU A 31 0.56 16.44 1.35
CA GLU A 31 1.23 16.84 0.13
C GLU A 31 0.55 16.25 -1.10
N LEU A 32 -0.35 15.30 -0.87
CA LEU A 32 -1.02 14.60 -1.94
C LEU A 32 -2.50 14.94 -2.02
N GLY A 33 -3.01 15.57 -0.96
CA GLY A 33 -4.41 15.98 -0.92
C GLY A 33 -5.34 14.83 -0.62
N ILE A 34 -4.96 13.98 0.32
CA ILE A 34 -5.77 12.81 0.65
C ILE A 34 -6.51 13.02 1.97
N VAL A 35 -7.75 12.57 2.02
CA VAL A 35 -8.51 12.58 3.24
C VAL A 35 -9.01 11.17 3.58
N LEU A 36 -8.33 10.55 4.54
CA LEU A 36 -8.65 9.18 4.93
C LEU A 36 -9.88 9.15 5.83
N GLU A 37 -10.71 8.12 5.62
CA GLU A 37 -11.88 7.90 6.44
C GLU A 37 -11.43 7.45 7.83
N ASP A 38 -10.31 6.73 7.86
CA ASP A 38 -9.66 6.36 9.09
C ASP A 38 -8.18 6.66 8.97
N PRO A 39 -7.70 7.74 9.60
CA PRO A 39 -6.28 8.12 9.53
C PRO A 39 -5.39 7.09 10.23
N THR A 40 -6.01 6.08 10.80
CA THR A 40 -5.31 5.05 11.52
C THR A 40 -4.84 3.93 10.59
N VAL A 41 -5.27 4.00 9.34
CA VAL A 41 -4.89 2.99 8.36
C VAL A 41 -3.47 3.21 7.87
N LEU A 42 -2.87 2.17 7.33
CA LEU A 42 -1.54 2.25 6.77
C LEU A 42 -1.61 2.61 5.30
N ILE A 43 -0.94 3.70 4.94
CA ILE A 43 -0.87 4.12 3.55
C ILE A 43 0.51 3.80 3.00
N GLY A 44 0.54 3.32 1.77
CA GLY A 44 1.79 2.90 1.19
C GLY A 44 2.18 3.70 -0.03
N ASP A 45 3.17 4.55 0.12
CA ASP A 45 3.70 5.30 -1.02
C ASP A 45 4.50 4.37 -1.90
N GLY A 46 4.51 4.63 -3.19
CA GLY A 46 5.34 3.85 -4.09
C GLY A 46 4.96 2.38 -4.08
N CYS A 47 3.68 2.10 -4.14
CA CYS A 47 3.19 0.75 -4.03
C CYS A 47 2.85 0.19 -5.39
N ASP A 48 3.55 -0.87 -5.77
CA ASP A 48 3.32 -1.51 -7.04
C ASP A 48 2.50 -2.77 -6.86
N PRO A 49 1.44 -2.94 -7.66
CA PRO A 49 0.66 -4.17 -7.65
C PRO A 49 1.55 -5.35 -8.02
N ILE A 50 1.70 -6.30 -7.12
CA ILE A 50 2.65 -7.39 -7.32
C ILE A 50 2.11 -8.39 -8.34
N THR A 51 2.49 -8.19 -9.58
CA THR A 51 2.08 -9.04 -10.69
C THR A 51 3.25 -9.20 -11.67
N VAL A 52 4.45 -9.05 -11.12
CA VAL A 52 5.67 -9.16 -11.89
C VAL A 52 6.72 -9.93 -11.08
N ALA A 53 7.36 -10.90 -11.74
CA ALA A 53 8.34 -11.73 -11.05
C ALA A 53 9.75 -11.20 -11.27
N GLY A 54 9.90 -10.28 -12.21
CA GLY A 54 11.20 -9.72 -12.51
C GLY A 54 11.64 -8.70 -11.47
N SER A 55 12.12 -9.20 -10.35
CA SER A 55 12.57 -8.36 -9.25
C SER A 55 13.41 -9.20 -8.29
N SER A 56 13.68 -8.69 -7.09
CA SER A 56 14.44 -9.43 -6.09
C SER A 56 13.75 -10.76 -5.78
N ASP A 57 12.58 -10.68 -5.16
CA ASP A 57 11.75 -11.86 -4.94
C ASP A 57 10.43 -11.68 -5.65
N ALA A 58 9.60 -10.80 -5.11
CA ALA A 58 8.35 -10.43 -5.73
C ALA A 58 8.35 -8.93 -6.01
N CYS A 59 9.21 -8.22 -5.30
CA CYS A 59 9.32 -6.79 -5.42
C CYS A 59 10.57 -6.30 -4.69
N SER A 60 10.80 -4.99 -4.69
CA SER A 60 12.02 -4.45 -4.09
C SER A 60 11.72 -3.60 -2.86
N ALA A 61 10.49 -3.67 -2.36
CA ALA A 61 10.10 -2.89 -1.20
C ALA A 61 9.31 -3.74 -0.20
N THR A 62 8.40 -3.13 0.54
CA THR A 62 7.63 -3.83 1.56
C THR A 62 6.37 -4.45 0.96
N ALA A 63 6.10 -5.71 1.31
CA ALA A 63 4.93 -6.41 0.80
C ALA A 63 3.72 -6.09 1.66
N VAL A 64 2.66 -5.64 1.04
CA VAL A 64 1.47 -5.23 1.77
C VAL A 64 0.19 -5.68 1.07
N CYS A 65 -0.92 -5.46 1.75
CA CYS A 65 -2.22 -5.86 1.25
C CYS A 65 -3.25 -4.78 1.60
N CYS A 66 -3.63 -3.98 0.60
CA CYS A 66 -4.54 -2.87 0.82
C CYS A 66 -5.99 -3.26 0.60
N SER A 67 -6.88 -2.52 1.24
CA SER A 67 -8.30 -2.79 1.16
C SER A 67 -9.01 -1.76 0.27
N ASP A 68 -8.31 -0.68 -0.02
CA ASP A 68 -8.87 0.39 -0.84
C ASP A 68 -8.29 0.32 -2.25
N ASN A 69 -8.95 0.98 -3.20
CA ASN A 69 -8.55 0.91 -4.60
C ASN A 69 -8.23 2.30 -5.14
N ASN A 70 -8.49 3.33 -4.34
CA ASN A 70 -8.32 4.72 -4.78
C ASN A 70 -6.88 5.16 -4.61
N VAL A 71 -6.06 4.84 -5.60
CA VAL A 71 -4.66 5.21 -5.59
C VAL A 71 -4.44 6.56 -6.28
N SER A 72 -3.35 7.22 -5.93
CA SER A 72 -3.02 8.52 -6.52
C SER A 72 -2.05 8.35 -7.67
N GLY A 73 -1.75 7.09 -7.99
CA GLY A 73 -0.79 6.77 -9.01
C GLY A 73 0.27 5.81 -8.53
N VAL A 74 0.63 5.90 -7.25
CA VAL A 74 1.54 4.93 -6.67
C VAL A 74 1.15 4.54 -5.25
N ILE A 75 0.37 5.37 -4.56
CA ILE A 75 0.06 5.09 -3.16
C ILE A 75 -0.89 3.93 -3.01
N ALA A 76 -1.09 3.56 -1.77
CA ALA A 76 -2.02 2.50 -1.40
C ALA A 76 -2.68 2.86 -0.08
N ILE A 77 -3.96 2.58 0.06
CA ILE A 77 -4.70 2.96 1.26
C ILE A 77 -5.26 1.74 1.98
N GLY A 78 -5.00 1.65 3.28
CA GLY A 78 -5.52 0.56 4.08
C GLY A 78 -4.75 -0.72 3.86
N CYS A 79 -3.43 -0.64 4.00
CA CYS A 79 -2.56 -1.76 3.75
C CYS A 79 -2.15 -2.47 5.02
N LEU A 80 -2.14 -3.79 4.96
CA LEU A 80 -1.57 -4.61 6.03
C LEU A 80 -0.28 -5.24 5.53
N PRO A 81 0.79 -5.15 6.31
CA PRO A 81 2.10 -5.70 5.95
C PRO A 81 2.08 -7.23 5.92
N VAL A 82 2.36 -7.79 4.75
CA VAL A 82 2.33 -9.22 4.57
C VAL A 82 3.73 -9.75 4.32
N THR A 83 3.97 -10.96 4.78
CA THR A 83 5.24 -11.63 4.60
C THR A 83 5.05 -13.15 4.69
N LEU A 84 5.65 -13.87 3.75
CA LEU A 84 5.57 -15.32 3.67
C LEU A 84 4.11 -15.78 3.56
N GLY A 1 -2.84 -16.56 -5.55
CA GLY A 1 -3.54 -15.45 -6.21
C GLY A 1 -2.75 -14.17 -6.16
N SER A 2 -1.88 -13.98 -7.14
CA SER A 2 -1.02 -12.80 -7.20
C SER A 2 -1.78 -11.59 -7.76
N TRP A 3 -2.70 -11.08 -6.96
CA TRP A 3 -3.42 -9.86 -7.28
C TRP A 3 -4.31 -9.42 -6.12
N GLY A 4 -5.33 -10.23 -5.83
CA GLY A 4 -6.30 -9.83 -4.84
C GLY A 4 -6.44 -10.80 -3.69
N GLN A 5 -6.10 -12.07 -3.92
CA GLN A 5 -6.27 -13.09 -2.89
C GLN A 5 -5.46 -12.76 -1.64
N CYS A 6 -6.19 -12.37 -0.61
CA CYS A 6 -5.65 -11.82 0.63
C CYS A 6 -6.79 -11.18 1.40
N SER A 7 -7.64 -10.51 0.64
CA SER A 7 -8.81 -9.84 1.17
C SER A 7 -9.71 -9.45 0.00
N THR A 8 -10.61 -8.51 0.22
CA THR A 8 -11.52 -8.05 -0.81
C THR A 8 -10.83 -6.99 -1.69
N GLY A 9 -9.65 -6.56 -1.27
CA GLY A 9 -8.95 -5.51 -1.97
C GLY A 9 -7.90 -6.01 -2.94
N SER A 10 -6.68 -5.52 -2.78
CA SER A 10 -5.59 -5.78 -3.71
C SER A 10 -4.28 -5.92 -2.95
N ILE A 11 -3.34 -6.65 -3.52
CA ILE A 11 -2.00 -6.78 -2.92
C ILE A 11 -1.00 -5.92 -3.68
N GLN A 12 -0.12 -5.30 -2.93
CA GLN A 12 0.90 -4.43 -3.51
C GLN A 12 2.17 -4.40 -2.67
N CYS A 13 3.24 -3.92 -3.28
CA CYS A 13 4.52 -3.80 -2.61
C CYS A 13 4.89 -2.32 -2.54
N CYS A 14 4.75 -1.76 -1.36
CA CYS A 14 4.92 -0.33 -1.16
C CYS A 14 6.38 0.03 -0.95
N GLN A 15 6.77 1.13 -1.55
CA GLN A 15 8.10 1.67 -1.36
C GLN A 15 8.18 2.35 0.01
N ASN A 16 7.06 2.87 0.47
CA ASN A 16 6.98 3.52 1.76
C ASN A 16 5.72 3.09 2.51
N VAL A 17 5.89 2.33 3.56
CA VAL A 17 4.76 1.95 4.40
C VAL A 17 4.74 2.81 5.65
N VAL A 18 3.79 3.74 5.69
CA VAL A 18 3.68 4.66 6.81
C VAL A 18 2.24 4.80 7.24
N PRO A 19 1.99 4.89 8.56
CA PRO A 19 0.66 5.19 9.08
C PRO A 19 0.14 6.52 8.57
N GLY A 20 -1.13 6.55 8.19
CA GLY A 20 -1.71 7.75 7.62
C GLY A 20 -1.75 8.90 8.61
N ASP A 21 -1.76 8.59 9.89
CA ASP A 21 -1.73 9.61 10.93
C ASP A 21 -0.31 9.73 11.49
N SER A 22 0.62 9.03 10.87
CA SER A 22 2.03 9.17 11.22
C SER A 22 2.52 10.53 10.80
N ASP A 23 3.56 11.02 11.46
CA ASP A 23 4.14 12.31 11.09
C ASP A 23 4.49 12.30 9.61
N LEU A 24 5.06 11.20 9.17
CA LEU A 24 5.41 11.04 7.77
C LEU A 24 4.17 10.83 6.92
N GLY A 25 3.39 9.81 7.25
CA GLY A 25 2.21 9.48 6.46
C GLY A 25 1.27 10.65 6.29
N THR A 26 1.09 11.41 7.35
CA THR A 26 0.20 12.57 7.33
C THR A 26 0.78 13.65 6.42
N LEU A 27 2.09 13.82 6.48
CA LEU A 27 2.76 14.81 5.63
C LEU A 27 2.69 14.36 4.18
N LEU A 28 2.79 13.05 3.96
CA LEU A 28 2.79 12.49 2.63
C LEU A 28 1.43 12.69 1.98
N LEU A 29 0.37 12.36 2.70
CA LEU A 29 -0.97 12.47 2.15
C LEU A 29 -1.45 13.91 2.15
N ASP A 30 -0.87 14.74 3.01
CA ASP A 30 -1.17 16.17 3.03
C ASP A 30 -0.63 16.81 1.77
N GLU A 31 0.48 16.26 1.28
CA GLU A 31 1.10 16.68 0.06
C GLU A 31 0.23 16.28 -1.11
N LEU A 32 -0.57 15.25 -0.88
CA LEU A 32 -1.42 14.66 -1.90
C LEU A 32 -2.85 15.17 -1.81
N GLY A 33 -3.19 15.79 -0.68
CA GLY A 33 -4.52 16.32 -0.47
C GLY A 33 -5.53 15.25 -0.13
N ILE A 34 -5.09 14.20 0.55
CA ILE A 34 -5.97 13.08 0.89
C ILE A 34 -6.51 13.25 2.31
N VAL A 35 -7.78 12.90 2.49
CA VAL A 35 -8.40 12.93 3.81
C VAL A 35 -8.99 11.56 4.12
N LEU A 36 -8.28 10.80 4.94
CA LEU A 36 -8.69 9.46 5.29
C LEU A 36 -9.85 9.47 6.28
N GLU A 37 -10.85 8.64 6.00
CA GLU A 37 -11.98 8.45 6.91
C GLU A 37 -11.49 7.69 8.14
N ASP A 38 -10.44 6.90 7.96
CA ASP A 38 -9.81 6.18 9.03
C ASP A 38 -8.33 6.48 9.00
N PRO A 39 -7.88 7.51 9.71
CA PRO A 39 -6.48 7.93 9.71
C PRO A 39 -5.56 6.93 10.43
N THR A 40 -6.13 5.79 10.78
CA THR A 40 -5.38 4.76 11.51
C THR A 40 -4.92 3.66 10.56
N VAL A 41 -5.11 3.88 9.27
CA VAL A 41 -4.72 2.92 8.27
C VAL A 41 -3.31 3.19 7.77
N LEU A 42 -2.66 2.15 7.27
CA LEU A 42 -1.32 2.27 6.70
C LEU A 42 -1.42 2.66 5.24
N ILE A 43 -0.73 3.72 4.87
CA ILE A 43 -0.69 4.14 3.49
C ILE A 43 0.67 3.82 2.90
N GLY A 44 0.68 3.40 1.64
CA GLY A 44 1.89 2.96 1.02
C GLY A 44 2.30 3.79 -0.17
N ASP A 45 3.36 4.58 0.00
CA ASP A 45 3.92 5.34 -1.11
C ASP A 45 4.67 4.39 -2.02
N GLY A 46 4.65 4.65 -3.31
CA GLY A 46 5.42 3.85 -4.24
C GLY A 46 5.01 2.40 -4.24
N CYS A 47 3.71 2.15 -4.30
CA CYS A 47 3.19 0.80 -4.12
C CYS A 47 2.69 0.23 -5.43
N ASP A 48 3.38 -0.77 -5.93
CA ASP A 48 2.97 -1.47 -7.13
C ASP A 48 2.32 -2.79 -6.79
N PRO A 49 1.19 -3.08 -7.46
CA PRO A 49 0.41 -4.31 -7.26
C PRO A 49 1.26 -5.56 -7.46
N ILE A 50 1.29 -6.41 -6.44
CA ILE A 50 2.07 -7.63 -6.52
C ILE A 50 1.30 -8.67 -7.32
N THR A 51 1.49 -8.63 -8.62
CA THR A 51 0.83 -9.55 -9.52
C THR A 51 1.84 -10.55 -10.08
N VAL A 52 2.98 -10.61 -9.41
CA VAL A 52 4.04 -11.52 -9.77
C VAL A 52 4.52 -12.24 -8.52
N ALA A 53 4.88 -13.51 -8.67
CA ALA A 53 5.39 -14.29 -7.57
C ALA A 53 6.88 -14.51 -7.71
N GLY A 54 7.28 -15.08 -8.84
CA GLY A 54 8.68 -15.32 -9.12
C GLY A 54 9.36 -16.11 -8.02
N SER A 55 10.44 -15.55 -7.49
CA SER A 55 11.15 -16.16 -6.38
C SER A 55 11.22 -15.18 -5.21
N SER A 56 12.01 -14.14 -5.37
CA SER A 56 12.12 -13.10 -4.37
C SER A 56 11.95 -11.73 -5.04
N ASP A 57 11.30 -11.74 -6.18
CA ASP A 57 11.11 -10.54 -6.98
C ASP A 57 9.66 -10.07 -6.96
N ALA A 58 8.94 -10.46 -5.92
CA ALA A 58 7.54 -10.07 -5.78
C ALA A 58 7.42 -8.72 -5.10
N CYS A 59 8.48 -8.35 -4.41
CA CYS A 59 8.51 -7.08 -3.71
C CYS A 59 9.96 -6.63 -3.48
N SER A 60 10.21 -5.35 -3.69
CA SER A 60 11.54 -4.80 -3.54
C SER A 60 11.68 -3.95 -2.27
N ALA A 61 10.55 -3.45 -1.77
CA ALA A 61 10.58 -2.62 -0.57
C ALA A 61 9.80 -3.28 0.57
N THR A 62 8.48 -3.14 0.60
CA THR A 62 7.68 -3.72 1.67
C THR A 62 6.37 -4.31 1.12
N ALA A 63 6.08 -5.55 1.49
CA ALA A 63 4.91 -6.24 1.00
C ALA A 63 3.69 -5.93 1.85
N VAL A 64 2.61 -5.51 1.21
CA VAL A 64 1.40 -5.12 1.91
C VAL A 64 0.14 -5.54 1.13
N CYS A 65 -0.99 -5.35 1.76
CA CYS A 65 -2.26 -5.74 1.19
C CYS A 65 -3.31 -4.66 1.51
N CYS A 66 -3.70 -3.89 0.51
CA CYS A 66 -4.61 -2.76 0.73
C CYS A 66 -6.07 -3.13 0.51
N SER A 67 -6.90 -2.64 1.41
CA SER A 67 -8.33 -2.85 1.34
C SER A 67 -9.00 -1.81 0.45
N ASP A 68 -8.34 -0.69 0.26
CA ASP A 68 -8.85 0.37 -0.59
C ASP A 68 -8.15 0.37 -1.93
N ASN A 69 -8.93 0.54 -3.00
CA ASN A 69 -8.40 0.55 -4.35
C ASN A 69 -8.27 1.99 -4.84
N ASN A 70 -8.74 2.92 -4.02
CA ASN A 70 -8.69 4.34 -4.35
C ASN A 70 -7.27 4.88 -4.17
N VAL A 71 -6.49 4.82 -5.25
CA VAL A 71 -5.11 5.24 -5.21
C VAL A 71 -4.92 6.57 -5.92
N SER A 72 -3.85 7.27 -5.55
CA SER A 72 -3.52 8.57 -6.15
C SER A 72 -2.71 8.37 -7.42
N GLY A 73 -2.37 7.12 -7.70
CA GLY A 73 -1.57 6.80 -8.87
C GLY A 73 -0.37 5.98 -8.54
N VAL A 74 0.19 6.17 -7.35
CA VAL A 74 1.35 5.39 -6.95
C VAL A 74 1.25 4.92 -5.51
N ILE A 75 0.30 5.44 -4.75
CA ILE A 75 0.16 5.05 -3.36
C ILE A 75 -0.80 3.90 -3.17
N ALA A 76 -0.97 3.53 -1.91
CA ALA A 76 -1.92 2.51 -1.52
C ALA A 76 -2.56 2.92 -0.18
N ILE A 77 -3.85 2.66 -0.02
CA ILE A 77 -4.56 3.06 1.19
C ILE A 77 -5.18 1.86 1.90
N GLY A 78 -4.91 1.75 3.20
CA GLY A 78 -5.48 0.66 3.98
C GLY A 78 -4.73 -0.63 3.78
N CYS A 79 -3.42 -0.56 3.92
CA CYS A 79 -2.56 -1.69 3.67
C CYS A 79 -2.15 -2.41 4.94
N LEU A 80 -2.26 -3.72 4.92
CA LEU A 80 -1.72 -4.56 5.99
C LEU A 80 -0.46 -5.25 5.52
N PRO A 81 0.60 -5.23 6.34
CA PRO A 81 1.88 -5.85 6.00
C PRO A 81 1.76 -7.36 5.83
N VAL A 82 2.20 -7.86 4.68
CA VAL A 82 2.11 -9.26 4.36
C VAL A 82 3.49 -9.82 4.04
N THR A 83 3.61 -11.13 4.11
CA THR A 83 4.85 -11.80 3.75
C THR A 83 4.54 -13.15 3.11
N LEU A 84 5.18 -13.39 1.97
CA LEU A 84 5.03 -14.64 1.23
C LEU A 84 3.58 -14.87 0.84
N GLY A 1 -0.01 -13.01 -15.59
CA GLY A 1 0.62 -12.83 -14.27
C GLY A 1 -0.06 -13.66 -13.20
N SER A 2 0.57 -13.81 -12.05
CA SER A 2 0.02 -14.63 -10.98
C SER A 2 -0.89 -13.80 -10.07
N TRP A 3 -0.99 -12.50 -10.39
CA TRP A 3 -1.83 -11.56 -9.65
C TRP A 3 -1.32 -11.38 -8.21
N GLY A 4 -2.00 -10.52 -7.47
CA GLY A 4 -1.66 -10.31 -6.08
C GLY A 4 -2.86 -10.56 -5.19
N GLN A 5 -3.17 -11.83 -4.98
CA GLN A 5 -4.37 -12.19 -4.27
C GLN A 5 -4.11 -12.23 -2.76
N CYS A 6 -4.87 -11.43 -2.04
CA CYS A 6 -4.77 -11.38 -0.59
C CYS A 6 -6.04 -11.96 0.03
N SER A 7 -7.09 -11.15 0.10
CA SER A 7 -8.37 -11.58 0.65
C SER A 7 -9.36 -10.42 0.67
N THR A 8 -9.26 -9.58 1.68
CA THR A 8 -10.11 -8.42 1.81
C THR A 8 -9.44 -7.20 1.19
N GLY A 9 -8.44 -7.47 0.36
CA GLY A 9 -7.70 -6.41 -0.29
C GLY A 9 -6.80 -6.95 -1.37
N SER A 10 -6.15 -6.05 -2.08
CA SER A 10 -5.22 -6.42 -3.14
C SER A 10 -3.81 -6.38 -2.61
N ILE A 11 -2.92 -7.17 -3.21
CA ILE A 11 -1.53 -7.14 -2.80
C ILE A 11 -0.72 -6.21 -3.69
N GLN A 12 0.04 -5.35 -3.06
CA GLN A 12 0.93 -4.44 -3.74
C GLN A 12 2.26 -4.36 -3.01
N CYS A 13 3.24 -3.79 -3.69
CA CYS A 13 4.56 -3.61 -3.14
C CYS A 13 4.79 -2.15 -2.79
N CYS A 14 4.66 -1.82 -1.52
CA CYS A 14 4.80 -0.44 -1.08
C CYS A 14 6.25 -0.12 -0.80
N GLN A 15 6.68 1.01 -1.34
CA GLN A 15 8.03 1.48 -1.13
C GLN A 15 8.12 2.20 0.23
N ASN A 16 7.01 2.80 0.65
CA ASN A 16 6.93 3.44 1.96
C ASN A 16 5.65 3.07 2.68
N VAL A 17 5.74 2.19 3.66
CA VAL A 17 4.58 1.82 4.46
C VAL A 17 4.54 2.64 5.74
N VAL A 18 3.67 3.64 5.75
CA VAL A 18 3.59 4.56 6.87
C VAL A 18 2.14 4.75 7.30
N PRO A 19 1.90 4.87 8.62
CA PRO A 19 0.58 5.22 9.14
C PRO A 19 0.10 6.55 8.58
N GLY A 20 -1.18 6.61 8.21
CA GLY A 20 -1.73 7.84 7.66
C GLY A 20 -1.74 8.96 8.68
N ASP A 21 -1.75 8.59 9.95
CA ASP A 21 -1.68 9.54 11.05
C ASP A 21 -0.24 9.70 11.53
N SER A 22 0.69 9.11 10.81
CA SER A 22 2.09 9.22 11.13
C SER A 22 2.63 10.54 10.62
N ASP A 23 3.66 11.05 11.27
CA ASP A 23 4.29 12.30 10.86
C ASP A 23 4.68 12.25 9.39
N LEU A 24 5.13 11.08 8.96
CA LEU A 24 5.44 10.86 7.56
C LEU A 24 4.16 10.81 6.73
N GLY A 25 3.35 9.79 6.97
CA GLY A 25 2.14 9.57 6.18
C GLY A 25 1.25 10.79 6.10
N THR A 26 1.11 11.51 7.21
CA THR A 26 0.23 12.66 7.26
C THR A 26 0.77 13.79 6.41
N LEU A 27 2.06 14.04 6.52
CA LEU A 27 2.71 15.09 5.74
C LEU A 27 2.68 14.71 4.27
N LEU A 28 2.83 13.41 4.00
CA LEU A 28 2.86 12.93 2.63
C LEU A 28 1.50 13.11 1.98
N LEU A 29 0.44 12.68 2.66
CA LEU A 29 -0.89 12.72 2.10
C LEU A 29 -1.45 14.14 2.05
N ASP A 30 -0.97 14.99 2.94
CA ASP A 30 -1.37 16.39 2.92
C ASP A 30 -0.87 17.05 1.66
N GLU A 31 0.30 16.60 1.23
CA GLU A 31 0.94 17.13 0.04
C GLU A 31 0.29 16.53 -1.19
N LEU A 32 -0.12 15.26 -1.05
CA LEU A 32 -0.71 14.52 -2.15
C LEU A 32 -2.20 14.81 -2.30
N GLY A 33 -2.76 15.50 -1.31
CA GLY A 33 -4.17 15.89 -1.36
C GLY A 33 -5.09 14.72 -1.11
N ILE A 34 -4.80 13.95 -0.06
CA ILE A 34 -5.61 12.78 0.26
C ILE A 34 -6.40 13.03 1.54
N VAL A 35 -7.66 12.60 1.55
CA VAL A 35 -8.48 12.66 2.74
C VAL A 35 -9.00 11.26 3.10
N LEU A 36 -8.42 10.68 4.13
CA LEU A 36 -8.79 9.34 4.56
C LEU A 36 -10.04 9.35 5.42
N GLU A 37 -10.85 8.33 5.26
CA GLU A 37 -12.04 8.16 6.09
C GLU A 37 -11.62 7.56 7.44
N ASP A 38 -10.46 6.94 7.44
CA ASP A 38 -9.85 6.43 8.65
C ASP A 38 -8.37 6.74 8.58
N PRO A 39 -7.93 7.80 9.26
CA PRO A 39 -6.54 8.26 9.18
C PRO A 39 -5.58 7.32 9.89
N THR A 40 -6.12 6.27 10.49
CA THR A 40 -5.31 5.34 11.26
C THR A 40 -5.01 4.08 10.46
N VAL A 41 -5.13 4.18 9.14
CA VAL A 41 -4.77 3.09 8.25
C VAL A 41 -3.33 3.25 7.79
N LEU A 42 -2.75 2.18 7.29
CA LEU A 42 -1.41 2.23 6.74
C LEU A 42 -1.47 2.59 5.27
N ILE A 43 -0.82 3.69 4.92
CA ILE A 43 -0.74 4.11 3.54
C ILE A 43 0.63 3.80 2.98
N GLY A 44 0.65 3.31 1.75
CA GLY A 44 1.90 2.89 1.15
C GLY A 44 2.29 3.71 -0.05
N ASP A 45 3.30 4.54 0.12
CA ASP A 45 3.84 5.29 -1.01
C ASP A 45 4.65 4.35 -1.87
N GLY A 46 4.65 4.59 -3.17
CA GLY A 46 5.47 3.77 -4.05
C GLY A 46 5.00 2.35 -4.10
N CYS A 47 3.69 2.16 -4.07
CA CYS A 47 3.12 0.84 -4.01
C CYS A 47 2.65 0.40 -5.37
N ASP A 48 3.33 -0.59 -5.91
CA ASP A 48 2.96 -1.13 -7.21
C ASP A 48 2.22 -2.44 -7.01
N PRO A 49 1.06 -2.60 -7.67
CA PRO A 49 0.29 -3.83 -7.61
C PRO A 49 1.11 -5.00 -8.11
N ILE A 50 1.35 -5.98 -7.25
CA ILE A 50 2.13 -7.13 -7.62
C ILE A 50 1.25 -8.09 -8.40
N THR A 51 1.53 -8.21 -9.68
CA THR A 51 0.69 -8.98 -10.58
C THR A 51 1.54 -9.75 -11.59
N VAL A 52 2.82 -9.85 -11.28
CA VAL A 52 3.76 -10.51 -12.17
C VAL A 52 3.65 -12.03 -12.05
N ALA A 53 4.05 -12.73 -13.10
CA ALA A 53 4.07 -14.18 -13.09
C ALA A 53 5.16 -14.67 -12.15
N GLY A 54 4.74 -15.31 -11.08
CA GLY A 54 5.68 -15.78 -10.07
C GLY A 54 6.01 -14.67 -9.10
N SER A 55 5.08 -14.33 -8.23
CA SER A 55 5.27 -13.25 -7.28
C SER A 55 5.81 -13.77 -5.95
N SER A 56 6.83 -14.62 -6.01
CA SER A 56 7.44 -15.18 -4.83
C SER A 56 8.24 -14.12 -4.07
N ASP A 57 8.93 -13.29 -4.81
CA ASP A 57 9.66 -12.16 -4.24
C ASP A 57 9.82 -11.07 -5.28
N ALA A 58 8.76 -10.34 -5.51
CA ALA A 58 8.76 -9.24 -6.47
C ALA A 58 8.78 -7.90 -5.74
N CYS A 59 9.15 -7.96 -4.48
CA CYS A 59 9.19 -6.78 -3.63
C CYS A 59 10.25 -6.92 -2.55
N SER A 60 11.10 -5.92 -2.43
CA SER A 60 12.10 -5.92 -1.37
C SER A 60 11.94 -4.70 -0.47
N ALA A 61 11.00 -3.82 -0.80
CA ALA A 61 10.65 -2.72 0.10
C ALA A 61 9.73 -3.24 1.19
N THR A 62 8.42 -3.30 0.91
CA THR A 62 7.49 -3.95 1.82
C THR A 62 6.28 -4.49 1.06
N ALA A 63 5.96 -5.76 1.30
CA ALA A 63 4.79 -6.39 0.70
C ALA A 63 3.57 -6.12 1.57
N VAL A 64 2.48 -5.72 0.96
CA VAL A 64 1.31 -5.31 1.72
C VAL A 64 0.01 -5.74 1.04
N CYS A 65 -1.07 -5.59 1.77
CA CYS A 65 -2.40 -5.94 1.31
C CYS A 65 -3.35 -4.77 1.59
N CYS A 66 -3.64 -3.97 0.58
CA CYS A 66 -4.51 -2.81 0.76
C CYS A 66 -5.97 -3.17 0.55
N SER A 67 -6.75 -2.84 1.55
CA SER A 67 -8.18 -3.12 1.55
C SER A 67 -8.93 -1.99 0.84
N ASP A 68 -8.27 -0.85 0.72
CA ASP A 68 -8.84 0.30 0.05
C ASP A 68 -8.12 0.55 -1.28
N ASN A 69 -8.87 0.91 -2.30
CA ASN A 69 -8.29 1.03 -3.63
C ASN A 69 -8.43 2.45 -4.18
N ASN A 70 -8.53 3.44 -3.29
CA ASN A 70 -8.61 4.83 -3.71
C ASN A 70 -7.21 5.40 -3.87
N VAL A 71 -6.42 4.75 -4.72
CA VAL A 71 -5.04 5.12 -4.93
C VAL A 71 -4.90 6.41 -5.74
N SER A 72 -3.97 7.26 -5.35
CA SER A 72 -3.75 8.52 -6.03
C SER A 72 -2.72 8.39 -7.15
N GLY A 73 -2.37 7.17 -7.49
CA GLY A 73 -1.51 6.91 -8.64
C GLY A 73 -0.30 6.06 -8.33
N VAL A 74 0.27 6.21 -7.14
CA VAL A 74 1.40 5.36 -6.76
C VAL A 74 1.29 4.92 -5.31
N ILE A 75 0.33 5.48 -4.60
CA ILE A 75 0.14 5.15 -3.20
C ILE A 75 -0.79 3.97 -3.04
N ALA A 76 -0.99 3.59 -1.78
CA ALA A 76 -1.91 2.54 -1.41
C ALA A 76 -2.57 2.89 -0.08
N ILE A 77 -3.84 2.56 0.09
CA ILE A 77 -4.57 2.92 1.30
C ILE A 77 -5.14 1.70 2.01
N GLY A 78 -4.94 1.63 3.32
CA GLY A 78 -5.48 0.54 4.09
C GLY A 78 -4.72 -0.75 3.86
N CYS A 79 -3.40 -0.68 3.98
CA CYS A 79 -2.56 -1.82 3.71
C CYS A 79 -2.16 -2.54 4.99
N LEU A 80 -2.23 -3.86 4.94
CA LEU A 80 -1.68 -4.68 6.00
C LEU A 80 -0.42 -5.36 5.50
N PRO A 81 0.67 -5.28 6.27
CA PRO A 81 1.96 -5.84 5.89
C PRO A 81 1.94 -7.37 5.83
N VAL A 82 2.25 -7.91 4.66
CA VAL A 82 2.34 -9.33 4.48
C VAL A 82 3.79 -9.72 4.23
N THR A 83 4.16 -10.91 4.65
CA THR A 83 5.55 -11.34 4.57
C THR A 83 5.65 -12.73 3.97
N LEU A 84 6.76 -13.00 3.28
CA LEU A 84 7.06 -14.29 2.70
C LEU A 84 6.06 -14.65 1.61
N GLY A 1 0.05 -17.97 -8.71
CA GLY A 1 -1.14 -17.28 -9.26
C GLY A 1 -0.87 -15.81 -9.52
N SER A 2 -1.85 -15.11 -10.07
CA SER A 2 -1.71 -13.71 -10.39
C SER A 2 -2.23 -12.86 -9.23
N TRP A 3 -1.48 -11.80 -8.90
CA TRP A 3 -1.81 -10.89 -7.80
C TRP A 3 -1.64 -11.57 -6.44
N GLY A 4 -2.45 -12.58 -6.19
CA GLY A 4 -2.37 -13.31 -4.95
C GLY A 4 -3.71 -13.40 -4.26
N GLN A 5 -3.79 -14.22 -3.22
CA GLN A 5 -5.01 -14.37 -2.46
C GLN A 5 -4.92 -13.57 -1.16
N CYS A 6 -5.73 -12.53 -1.05
CA CYS A 6 -5.75 -11.72 0.16
C CYS A 6 -7.14 -11.11 0.37
N SER A 7 -8.09 -11.95 0.78
CA SER A 7 -9.45 -11.50 1.09
C SER A 7 -10.06 -10.76 -0.10
N THR A 8 -10.85 -9.74 0.19
CA THR A 8 -11.46 -8.92 -0.85
C THR A 8 -10.59 -7.68 -1.14
N GLY A 9 -9.32 -7.76 -0.78
CA GLY A 9 -8.43 -6.63 -0.93
C GLY A 9 -7.53 -6.74 -2.15
N SER A 10 -6.51 -5.92 -2.18
CA SER A 10 -5.55 -5.89 -3.28
C SER A 10 -4.15 -6.12 -2.73
N ILE A 11 -3.27 -6.70 -3.54
CA ILE A 11 -1.90 -6.91 -3.10
C ILE A 11 -0.95 -6.05 -3.88
N GLN A 12 -0.09 -5.38 -3.16
CA GLN A 12 0.90 -4.47 -3.73
C GLN A 12 2.16 -4.48 -2.90
N CYS A 13 3.20 -3.85 -3.43
CA CYS A 13 4.45 -3.74 -2.72
C CYS A 13 4.79 -2.28 -2.51
N CYS A 14 4.65 -1.84 -1.28
CA CYS A 14 4.87 -0.46 -0.92
C CYS A 14 6.34 -0.20 -0.67
N GLN A 15 6.86 0.81 -1.35
CA GLN A 15 8.20 1.27 -1.12
C GLN A 15 8.29 1.90 0.27
N ASN A 16 7.23 2.59 0.67
CA ASN A 16 7.16 3.21 1.99
C ASN A 16 5.83 2.90 2.66
N VAL A 17 5.85 2.12 3.71
CA VAL A 17 4.65 1.82 4.47
C VAL A 17 4.59 2.71 5.71
N VAL A 18 3.70 3.69 5.68
CA VAL A 18 3.60 4.65 6.76
C VAL A 18 2.14 4.83 7.19
N PRO A 19 1.91 4.95 8.51
CA PRO A 19 0.58 5.28 9.03
C PRO A 19 0.09 6.62 8.52
N GLY A 20 -1.20 6.69 8.21
CA GLY A 20 -1.79 7.91 7.70
C GLY A 20 -1.80 9.03 8.72
N ASP A 21 -1.69 8.65 10.00
CA ASP A 21 -1.61 9.62 11.08
C ASP A 21 -0.16 9.79 11.53
N SER A 22 0.74 9.14 10.81
CA SER A 22 2.17 9.26 11.08
C SER A 22 2.69 10.58 10.55
N ASP A 23 3.74 11.08 11.17
CA ASP A 23 4.35 12.34 10.73
C ASP A 23 4.62 12.30 9.23
N LEU A 24 5.10 11.15 8.77
CA LEU A 24 5.39 10.97 7.36
C LEU A 24 4.11 10.85 6.56
N GLY A 25 3.34 9.80 6.85
CA GLY A 25 2.13 9.52 6.10
C GLY A 25 1.18 10.71 6.01
N THR A 26 1.08 11.45 7.10
CA THR A 26 0.21 12.60 7.16
C THR A 26 0.70 13.70 6.23
N LEU A 27 1.98 13.99 6.31
CA LEU A 27 2.59 15.00 5.45
C LEU A 27 2.54 14.55 3.99
N LEU A 28 2.67 13.24 3.79
CA LEU A 28 2.68 12.69 2.44
C LEU A 28 1.33 12.83 1.79
N LEU A 29 0.26 12.53 2.53
CA LEU A 29 -1.08 12.63 1.99
C LEU A 29 -1.55 14.08 1.98
N ASP A 30 -0.96 14.88 2.86
CA ASP A 30 -1.19 16.33 2.87
C ASP A 30 -0.68 16.94 1.58
N GLU A 31 0.40 16.36 1.08
CA GLU A 31 1.02 16.80 -0.14
C GLU A 31 0.19 16.33 -1.33
N LEU A 32 -0.34 15.13 -1.21
CA LEU A 32 -1.09 14.50 -2.26
C LEU A 32 -2.55 14.96 -2.30
N GLY A 33 -3.00 15.51 -1.19
CA GLY A 33 -4.36 16.02 -1.11
C GLY A 33 -5.38 14.91 -0.87
N ILE A 34 -4.98 13.90 -0.12
CA ILE A 34 -5.83 12.74 0.11
C ILE A 34 -6.77 12.99 1.29
N VAL A 35 -8.05 12.71 1.08
CA VAL A 35 -9.01 12.81 2.15
C VAL A 35 -9.11 11.47 2.88
N LEU A 36 -8.46 11.38 4.03
CA LEU A 36 -8.49 10.17 4.83
C LEU A 36 -9.84 10.00 5.49
N GLU A 37 -10.44 8.83 5.27
CA GLU A 37 -11.67 8.47 5.95
C GLU A 37 -11.32 8.01 7.36
N ASP A 38 -10.18 7.37 7.46
CA ASP A 38 -9.64 6.91 8.73
C ASP A 38 -8.13 7.03 8.66
N PRO A 39 -7.56 8.00 9.38
CA PRO A 39 -6.12 8.25 9.34
C PRO A 39 -5.33 7.14 10.02
N THR A 40 -6.06 6.21 10.62
CA THR A 40 -5.47 5.16 11.41
C THR A 40 -5.10 3.95 10.55
N VAL A 41 -5.09 4.14 9.25
CA VAL A 41 -4.74 3.08 8.33
C VAL A 41 -3.33 3.28 7.80
N LEU A 42 -2.73 2.21 7.33
CA LEU A 42 -1.41 2.25 6.75
C LEU A 42 -1.50 2.62 5.28
N ILE A 43 -0.89 3.73 4.93
CA ILE A 43 -0.84 4.14 3.54
C ILE A 43 0.52 3.83 2.95
N GLY A 44 0.52 3.26 1.77
CA GLY A 44 1.75 2.84 1.16
C GLY A 44 2.18 3.73 0.03
N ASP A 45 3.14 4.61 0.31
CA ASP A 45 3.70 5.47 -0.72
C ASP A 45 4.73 4.69 -1.50
N GLY A 46 4.63 4.70 -2.81
CA GLY A 46 5.53 3.92 -3.61
C GLY A 46 5.06 2.48 -3.73
N CYS A 47 3.76 2.29 -3.79
CA CYS A 47 3.19 0.96 -3.78
C CYS A 47 2.72 0.56 -5.15
N ASP A 48 3.43 -0.39 -5.74
CA ASP A 48 3.04 -0.95 -7.02
C ASP A 48 2.38 -2.31 -6.83
N PRO A 49 1.28 -2.54 -7.53
CA PRO A 49 0.53 -3.79 -7.47
C PRO A 49 1.36 -4.97 -7.94
N ILE A 50 1.52 -5.97 -7.07
CA ILE A 50 2.32 -7.13 -7.42
C ILE A 50 1.52 -8.05 -8.31
N THR A 51 1.60 -7.81 -9.60
CA THR A 51 0.86 -8.60 -10.56
C THR A 51 1.82 -9.32 -11.51
N VAL A 52 3.09 -9.32 -11.14
CA VAL A 52 4.08 -10.06 -11.89
C VAL A 52 4.36 -11.38 -11.20
N ALA A 53 4.13 -12.46 -11.91
CA ALA A 53 4.29 -13.78 -11.34
C ALA A 53 5.56 -14.44 -11.85
N GLY A 54 6.05 -15.42 -11.10
CA GLY A 54 7.25 -16.12 -11.50
C GLY A 54 8.21 -16.30 -10.35
N SER A 55 8.24 -15.31 -9.46
CA SER A 55 9.13 -15.36 -8.30
C SER A 55 8.40 -14.88 -7.05
N SER A 56 8.82 -15.39 -5.90
CA SER A 56 8.24 -15.01 -4.62
C SER A 56 8.72 -13.62 -4.23
N ASP A 57 9.97 -13.32 -4.57
CA ASP A 57 10.53 -12.00 -4.30
C ASP A 57 10.27 -11.08 -5.50
N ALA A 58 8.99 -10.96 -5.84
CA ALA A 58 8.55 -10.14 -6.96
C ALA A 58 8.74 -8.65 -6.67
N CYS A 59 9.12 -8.35 -5.44
CA CYS A 59 9.43 -6.99 -5.03
C CYS A 59 10.24 -7.04 -3.75
N SER A 60 11.21 -6.13 -3.62
CA SER A 60 12.15 -6.18 -2.52
C SER A 60 11.90 -5.08 -1.48
N ALA A 61 10.93 -4.21 -1.74
CA ALA A 61 10.64 -3.14 -0.79
C ALA A 61 9.84 -3.65 0.40
N THR A 62 8.51 -3.64 0.30
CA THR A 62 7.66 -4.13 1.37
C THR A 62 6.35 -4.67 0.80
N ALA A 63 6.03 -5.92 1.13
CA ALA A 63 4.80 -6.54 0.64
C ALA A 63 3.64 -6.18 1.55
N VAL A 64 2.53 -5.76 0.95
CA VAL A 64 1.37 -5.34 1.70
C VAL A 64 0.09 -5.75 1.00
N CYS A 65 -1.02 -5.56 1.69
CA CYS A 65 -2.32 -5.89 1.18
C CYS A 65 -3.31 -4.79 1.53
N CYS A 66 -3.66 -3.96 0.56
CA CYS A 66 -4.58 -2.86 0.81
C CYS A 66 -6.02 -3.27 0.61
N SER A 67 -6.85 -2.90 1.57
CA SER A 67 -8.27 -3.18 1.51
C SER A 67 -8.94 -2.22 0.56
N ASP A 68 -8.32 -1.07 0.37
CA ASP A 68 -8.82 -0.07 -0.57
C ASP A 68 -7.88 0.04 -1.76
N ASN A 69 -8.45 0.06 -2.94
CA ASN A 69 -7.68 0.17 -4.18
C ASN A 69 -7.73 1.61 -4.69
N ASN A 70 -8.10 2.52 -3.79
CA ASN A 70 -8.15 3.93 -4.11
C ASN A 70 -6.75 4.52 -4.10
N VAL A 71 -6.13 4.59 -5.27
CA VAL A 71 -4.76 5.06 -5.37
C VAL A 71 -4.70 6.45 -5.99
N SER A 72 -3.81 7.29 -5.48
CA SER A 72 -3.59 8.63 -6.01
C SER A 72 -2.49 8.62 -7.06
N GLY A 73 -2.06 7.42 -7.46
CA GLY A 73 -1.10 7.29 -8.53
C GLY A 73 0.09 6.43 -8.16
N VAL A 74 0.53 6.48 -6.92
CA VAL A 74 1.63 5.62 -6.49
C VAL A 74 1.41 5.08 -5.08
N ILE A 75 0.32 5.49 -4.46
CA ILE A 75 0.07 5.12 -3.07
C ILE A 75 -0.84 3.91 -2.96
N ALA A 76 -1.15 3.58 -1.71
CA ALA A 76 -2.09 2.53 -1.39
C ALA A 76 -2.74 2.85 -0.04
N ILE A 77 -4.04 2.59 0.08
CA ILE A 77 -4.75 2.96 1.30
C ILE A 77 -5.30 1.73 2.03
N GLY A 78 -4.96 1.62 3.31
CA GLY A 78 -5.45 0.52 4.12
C GLY A 78 -4.69 -0.75 3.86
N CYS A 79 -3.37 -0.67 3.96
CA CYS A 79 -2.50 -1.79 3.67
C CYS A 79 -2.07 -2.52 4.93
N LEU A 80 -2.20 -3.84 4.89
CA LEU A 80 -1.67 -4.68 5.94
C LEU A 80 -0.37 -5.32 5.47
N PRO A 81 0.69 -5.22 6.28
CA PRO A 81 2.01 -5.76 5.94
C PRO A 81 1.99 -7.28 5.90
N VAL A 82 2.33 -7.82 4.74
CA VAL A 82 2.38 -9.24 4.54
C VAL A 82 3.79 -9.67 4.17
N THR A 83 4.13 -10.89 4.53
CA THR A 83 5.45 -11.42 4.20
C THR A 83 5.33 -12.87 3.75
N LEU A 84 6.03 -13.19 2.67
CA LEU A 84 6.02 -14.52 2.09
C LEU A 84 4.60 -14.96 1.70
N GLY A 1 0.33 -16.91 -8.07
CA GLY A 1 -0.56 -16.55 -9.19
C GLY A 1 -0.08 -15.34 -9.94
N SER A 2 -0.92 -14.82 -10.84
CA SER A 2 -0.56 -13.66 -11.65
C SER A 2 -1.09 -12.39 -11.02
N TRP A 3 -1.68 -12.52 -9.84
CA TRP A 3 -2.21 -11.39 -9.10
C TRP A 3 -2.20 -11.72 -7.61
N GLY A 4 -1.76 -10.76 -6.80
CA GLY A 4 -1.71 -10.96 -5.38
C GLY A 4 -3.09 -11.00 -4.74
N GLN A 5 -3.61 -12.21 -4.56
CA GLN A 5 -4.92 -12.40 -3.95
C GLN A 5 -4.83 -12.19 -2.44
N CYS A 6 -5.76 -11.44 -1.89
CA CYS A 6 -5.78 -11.15 -0.47
C CYS A 6 -7.21 -11.18 0.06
N SER A 7 -7.90 -12.27 -0.20
CA SER A 7 -9.27 -12.48 0.24
C SER A 7 -10.23 -11.45 -0.38
N THR A 8 -10.26 -10.25 0.16
CA THR A 8 -11.11 -9.20 -0.35
C THR A 8 -10.28 -8.04 -0.89
N GLY A 9 -9.09 -7.87 -0.32
CA GLY A 9 -8.24 -6.75 -0.68
C GLY A 9 -7.23 -7.09 -1.76
N SER A 10 -6.37 -6.14 -2.05
CA SER A 10 -5.37 -6.29 -3.10
C SER A 10 -3.98 -6.29 -2.50
N ILE A 11 -3.05 -6.96 -3.16
CA ILE A 11 -1.67 -6.98 -2.67
C ILE A 11 -0.76 -6.16 -3.56
N GLN A 12 0.03 -5.34 -2.91
CA GLN A 12 0.98 -4.47 -3.60
C GLN A 12 2.29 -4.41 -2.84
N CYS A 13 3.31 -3.92 -3.51
CA CYS A 13 4.63 -3.75 -2.91
C CYS A 13 4.93 -2.27 -2.71
N CYS A 14 4.83 -1.82 -1.48
CA CYS A 14 4.96 -0.40 -1.17
C CYS A 14 6.40 -0.04 -0.86
N GLN A 15 6.87 1.02 -1.50
CA GLN A 15 8.19 1.55 -1.26
C GLN A 15 8.23 2.26 0.08
N ASN A 16 7.10 2.81 0.49
CA ASN A 16 6.99 3.52 1.77
C ASN A 16 5.70 3.16 2.48
N VAL A 17 5.80 2.32 3.49
CA VAL A 17 4.63 1.94 4.29
C VAL A 17 4.59 2.75 5.57
N VAL A 18 3.70 3.73 5.62
CA VAL A 18 3.62 4.63 6.77
C VAL A 18 2.18 4.79 7.23
N PRO A 19 1.97 4.92 8.55
CA PRO A 19 0.66 5.24 9.10
C PRO A 19 0.16 6.58 8.60
N GLY A 20 -1.12 6.63 8.23
CA GLY A 20 -1.70 7.85 7.72
C GLY A 20 -1.74 8.96 8.75
N ASP A 21 -1.71 8.56 10.02
CA ASP A 21 -1.67 9.51 11.13
C ASP A 21 -0.25 9.69 11.62
N SER A 22 0.69 9.05 10.93
CA SER A 22 2.10 9.20 11.23
C SER A 22 2.60 10.54 10.72
N ASP A 23 3.65 11.05 11.32
CA ASP A 23 4.25 12.31 10.87
C ASP A 23 4.58 12.20 9.39
N LEU A 24 5.10 11.04 9.01
CA LEU A 24 5.40 10.74 7.63
C LEU A 24 4.12 10.69 6.80
N GLY A 25 3.27 9.71 7.11
CA GLY A 25 2.06 9.47 6.33
C GLY A 25 1.16 10.68 6.22
N THR A 26 1.02 11.41 7.31
CA THR A 26 0.15 12.58 7.33
C THR A 26 0.70 13.66 6.41
N LEU A 27 2.01 13.85 6.46
CA LEU A 27 2.67 14.82 5.60
C LEU A 27 2.55 14.37 4.15
N LEU A 28 2.66 13.06 3.93
CA LEU A 28 2.64 12.52 2.58
C LEU A 28 1.28 12.74 1.94
N LEU A 29 0.21 12.44 2.66
CA LEU A 29 -1.12 12.54 2.11
C LEU A 29 -1.60 13.98 2.07
N ASP A 30 -1.02 14.82 2.91
CA ASP A 30 -1.33 16.23 2.89
C ASP A 30 -0.77 16.86 1.62
N GLU A 31 0.37 16.34 1.19
CA GLU A 31 1.04 16.83 0.00
C GLU A 31 0.40 16.21 -1.24
N LEU A 32 -0.46 15.23 -1.02
CA LEU A 32 -1.13 14.52 -2.09
C LEU A 32 -2.61 14.87 -2.14
N GLY A 33 -3.05 15.71 -1.20
CA GLY A 33 -4.42 16.17 -1.15
C GLY A 33 -5.41 15.03 -0.93
N ILE A 34 -5.09 14.13 -0.01
CA ILE A 34 -5.94 12.97 0.23
C ILE A 34 -6.89 13.22 1.40
N VAL A 35 -8.13 12.80 1.24
CA VAL A 35 -9.12 12.89 2.30
C VAL A 35 -9.23 11.55 3.03
N LEU A 36 -8.64 11.48 4.21
CA LEU A 36 -8.67 10.25 4.99
C LEU A 36 -10.05 10.03 5.62
N GLU A 37 -10.54 8.82 5.49
CA GLU A 37 -11.79 8.43 6.14
C GLU A 37 -11.47 7.90 7.52
N ASP A 38 -10.30 7.29 7.62
CA ASP A 38 -9.76 6.82 8.87
C ASP A 38 -8.26 6.99 8.81
N PRO A 39 -7.72 7.91 9.58
CA PRO A 39 -6.30 8.25 9.52
C PRO A 39 -5.41 7.18 10.14
N THR A 40 -6.04 6.17 10.73
CA THR A 40 -5.28 5.16 11.46
C THR A 40 -5.01 3.93 10.61
N VAL A 41 -5.08 4.12 9.30
CA VAL A 41 -4.74 3.07 8.36
C VAL A 41 -3.33 3.28 7.83
N LEU A 42 -2.72 2.20 7.37
CA LEU A 42 -1.39 2.28 6.79
C LEU A 42 -1.49 2.65 5.32
N ILE A 43 -0.81 3.71 4.95
CA ILE A 43 -0.76 4.11 3.56
C ILE A 43 0.61 3.80 2.97
N GLY A 44 0.62 3.21 1.79
CA GLY A 44 1.85 2.80 1.18
C GLY A 44 2.18 3.57 -0.07
N ASP A 45 3.06 4.54 0.07
CA ASP A 45 3.50 5.31 -1.08
C ASP A 45 4.55 4.54 -1.85
N GLY A 46 4.58 4.69 -3.16
CA GLY A 46 5.55 3.96 -3.96
C GLY A 46 5.16 2.50 -4.09
N CYS A 47 3.87 2.25 -4.19
CA CYS A 47 3.36 0.89 -4.17
C CYS A 47 2.99 0.42 -5.56
N ASP A 48 3.66 -0.63 -6.00
CA ASP A 48 3.33 -1.26 -7.27
C ASP A 48 2.53 -2.53 -7.00
N PRO A 49 1.50 -2.79 -7.81
CA PRO A 49 0.66 -3.97 -7.64
C PRO A 49 1.41 -5.23 -8.01
N ILE A 50 1.49 -6.17 -7.08
CA ILE A 50 2.24 -7.39 -7.31
C ILE A 50 1.43 -8.33 -8.20
N THR A 51 1.63 -8.18 -9.49
CA THR A 51 0.89 -8.94 -10.48
C THR A 51 1.86 -9.68 -11.40
N VAL A 52 3.10 -9.73 -10.98
CA VAL A 52 4.13 -10.45 -11.71
C VAL A 52 4.30 -11.86 -11.14
N ALA A 53 4.50 -12.83 -12.01
CA ALA A 53 4.66 -14.22 -11.60
C ALA A 53 6.00 -14.77 -12.05
N GLY A 54 6.39 -15.90 -11.49
CA GLY A 54 7.64 -16.55 -11.87
C GLY A 54 8.78 -16.17 -10.97
N SER A 55 8.50 -15.34 -9.97
CA SER A 55 9.51 -14.88 -9.04
C SER A 55 8.86 -14.45 -7.73
N SER A 56 9.31 -15.05 -6.64
CA SER A 56 8.82 -14.70 -5.31
C SER A 56 9.36 -13.34 -4.88
N ASP A 57 10.48 -12.95 -5.49
CA ASP A 57 11.09 -11.64 -5.25
C ASP A 57 10.35 -10.60 -6.10
N ALA A 58 9.04 -10.58 -5.96
CA ALA A 58 8.19 -9.69 -6.74
C ALA A 58 7.93 -8.40 -6.00
N CYS A 59 8.76 -8.13 -5.00
CA CYS A 59 8.64 -6.90 -4.23
C CYS A 59 10.02 -6.33 -3.95
N SER A 60 10.17 -5.04 -4.21
CA SER A 60 11.45 -4.36 -4.02
C SER A 60 11.57 -3.78 -2.62
N ALA A 61 10.45 -3.54 -1.95
CA ALA A 61 10.48 -2.94 -0.62
C ALA A 61 9.64 -3.72 0.39
N THR A 62 8.35 -3.41 0.48
CA THR A 62 7.49 -4.02 1.47
C THR A 62 6.19 -4.53 0.87
N ALA A 63 5.85 -5.78 1.16
CA ALA A 63 4.63 -6.38 0.66
C ALA A 63 3.47 -6.05 1.59
N VAL A 64 2.36 -5.60 1.01
CA VAL A 64 1.21 -5.16 1.79
C VAL A 64 -0.09 -5.55 1.11
N CYS A 65 -1.17 -5.44 1.87
CA CYS A 65 -2.50 -5.73 1.36
C CYS A 65 -3.44 -4.58 1.65
N CYS A 66 -3.75 -3.79 0.62
CA CYS A 66 -4.64 -2.66 0.78
C CYS A 66 -6.09 -3.01 0.47
N SER A 67 -6.97 -2.51 1.32
CA SER A 67 -8.40 -2.75 1.18
C SER A 67 -9.03 -1.68 0.29
N ASP A 68 -8.34 -0.55 0.17
CA ASP A 68 -8.85 0.57 -0.61
C ASP A 68 -8.14 0.65 -1.95
N ASN A 69 -8.85 1.13 -2.96
CA ASN A 69 -8.28 1.25 -4.30
C ASN A 69 -8.29 2.68 -4.78
N ASN A 70 -8.74 3.59 -3.91
CA ASN A 70 -8.78 5.01 -4.23
C ASN A 70 -7.39 5.62 -4.07
N VAL A 71 -6.47 5.15 -4.88
CA VAL A 71 -5.08 5.58 -4.81
C VAL A 71 -4.78 6.67 -5.83
N SER A 72 -3.67 7.37 -5.62
CA SER A 72 -3.27 8.48 -6.46
C SER A 72 -2.48 7.99 -7.68
N GLY A 73 -2.26 6.68 -7.73
CA GLY A 73 -1.51 6.11 -8.83
C GLY A 73 -0.32 5.33 -8.36
N VAL A 74 0.27 5.76 -7.26
CA VAL A 74 1.44 5.07 -6.73
C VAL A 74 1.30 4.79 -5.24
N ILE A 75 0.31 5.39 -4.59
CA ILE A 75 0.10 5.12 -3.18
C ILE A 75 -0.81 3.93 -3.00
N ALA A 76 -1.04 3.60 -1.75
CA ALA A 76 -1.95 2.53 -1.37
C ALA A 76 -2.59 2.89 -0.03
N ILE A 77 -3.89 2.65 0.10
CA ILE A 77 -4.60 3.04 1.31
C ILE A 77 -5.22 1.83 2.01
N GLY A 78 -4.98 1.72 3.32
CA GLY A 78 -5.54 0.63 4.09
C GLY A 78 -4.79 -0.66 3.89
N CYS A 79 -3.47 -0.59 4.03
CA CYS A 79 -2.61 -1.74 3.78
C CYS A 79 -2.21 -2.46 5.05
N LEU A 80 -2.26 -3.78 5.00
CA LEU A 80 -1.71 -4.61 6.06
C LEU A 80 -0.42 -5.26 5.57
N PRO A 81 0.65 -5.15 6.36
CA PRO A 81 1.97 -5.68 5.98
C PRO A 81 1.99 -7.21 5.94
N VAL A 82 2.40 -7.76 4.81
CA VAL A 82 2.48 -9.19 4.62
C VAL A 82 3.87 -9.58 4.14
N THR A 83 4.22 -10.84 4.32
CA THR A 83 5.50 -11.34 3.85
C THR A 83 5.29 -12.53 2.93
N LEU A 84 6.01 -12.53 1.80
CA LEU A 84 5.93 -13.60 0.81
C LEU A 84 4.51 -13.75 0.27
N GLY A 1 -0.09 -17.16 -12.45
CA GLY A 1 0.36 -15.74 -12.43
C GLY A 1 0.07 -15.10 -11.09
N SER A 2 0.24 -13.79 -11.03
CA SER A 2 0.00 -13.05 -9.80
C SER A 2 -0.97 -11.89 -10.07
N TRP A 3 -2.06 -11.86 -9.33
CA TRP A 3 -3.02 -10.76 -9.46
C TRP A 3 -3.34 -10.16 -8.10
N GLY A 4 -2.61 -10.59 -7.09
CA GLY A 4 -2.79 -10.05 -5.75
C GLY A 4 -3.89 -10.74 -4.97
N GLN A 5 -3.76 -12.04 -4.79
CA GLN A 5 -4.72 -12.79 -3.98
C GLN A 5 -4.41 -12.59 -2.50
N CYS A 6 -5.29 -11.89 -1.82
CA CYS A 6 -5.11 -11.61 -0.40
C CYS A 6 -6.35 -12.00 0.37
N SER A 7 -7.45 -11.31 0.09
CA SER A 7 -8.73 -11.59 0.73
C SER A 7 -9.84 -10.78 0.08
N THR A 8 -10.01 -9.54 0.54
CA THR A 8 -11.03 -8.66 0.00
C THR A 8 -10.43 -7.38 -0.56
N GLY A 9 -9.15 -7.42 -0.87
CA GLY A 9 -8.47 -6.23 -1.34
C GLY A 9 -7.51 -6.50 -2.48
N SER A 10 -6.30 -5.98 -2.36
CA SER A 10 -5.29 -6.12 -3.38
C SER A 10 -3.91 -6.23 -2.74
N ILE A 11 -2.99 -6.89 -3.41
CA ILE A 11 -1.62 -6.96 -2.91
C ILE A 11 -0.71 -6.08 -3.73
N GLN A 12 0.07 -5.29 -3.03
CA GLN A 12 1.02 -4.40 -3.65
C GLN A 12 2.31 -4.33 -2.87
N CYS A 13 3.34 -3.82 -3.52
CA CYS A 13 4.65 -3.66 -2.91
C CYS A 13 4.90 -2.18 -2.65
N CYS A 14 4.74 -1.78 -1.40
CA CYS A 14 4.87 -0.38 -1.03
C CYS A 14 6.31 -0.02 -0.74
N GLN A 15 6.75 1.06 -1.37
CA GLN A 15 8.08 1.57 -1.16
C GLN A 15 8.16 2.28 0.19
N ASN A 16 7.04 2.85 0.60
CA ASN A 16 6.95 3.53 1.89
C ASN A 16 5.67 3.13 2.61
N VAL A 17 5.81 2.39 3.68
CA VAL A 17 4.67 1.93 4.46
C VAL A 17 4.58 2.72 5.76
N VAL A 18 3.63 3.65 5.82
CA VAL A 18 3.53 4.57 6.93
C VAL A 18 2.07 4.73 7.38
N PRO A 19 1.84 4.91 8.68
CA PRO A 19 0.52 5.28 9.21
C PRO A 19 0.07 6.62 8.65
N GLY A 20 -1.20 6.71 8.28
CA GLY A 20 -1.73 7.92 7.70
C GLY A 20 -1.68 9.09 8.66
N ASP A 21 -1.79 8.79 9.95
CA ASP A 21 -1.72 9.81 10.99
C ASP A 21 -0.31 9.89 11.56
N SER A 22 0.62 9.21 10.91
CA SER A 22 2.02 9.29 11.27
C SER A 22 2.60 10.58 10.74
N ASP A 23 3.65 11.06 11.38
CA ASP A 23 4.34 12.27 10.92
C ASP A 23 4.63 12.15 9.43
N LEU A 24 5.14 10.99 9.06
CA LEU A 24 5.46 10.70 7.67
C LEU A 24 4.19 10.68 6.82
N GLY A 25 3.31 9.73 7.10
CA GLY A 25 2.11 9.55 6.30
C GLY A 25 1.27 10.79 6.16
N THR A 26 1.19 11.58 7.23
CA THR A 26 0.38 12.77 7.25
C THR A 26 1.00 13.84 6.34
N LEU A 27 2.31 13.95 6.37
CA LEU A 27 3.02 14.89 5.52
C LEU A 27 2.85 14.46 4.06
N LEU A 28 2.91 13.15 3.86
CA LEU A 28 2.82 12.57 2.53
C LEU A 28 1.47 12.83 1.91
N LEU A 29 0.41 12.47 2.62
CA LEU A 29 -0.94 12.59 2.08
C LEU A 29 -1.37 14.04 2.00
N ASP A 30 -0.74 14.88 2.80
CA ASP A 30 -0.98 16.32 2.74
C ASP A 30 -0.56 16.86 1.40
N GLU A 31 0.55 16.33 0.90
CA GLU A 31 1.12 16.75 -0.36
C GLU A 31 0.31 16.17 -1.51
N LEU A 32 -0.26 15.01 -1.25
CA LEU A 32 -1.05 14.29 -2.23
C LEU A 32 -2.50 14.77 -2.27
N GLY A 33 -2.87 15.55 -1.26
CA GLY A 33 -4.21 16.12 -1.21
C GLY A 33 -5.25 15.10 -0.79
N ILE A 34 -4.87 14.16 0.06
CA ILE A 34 -5.77 13.11 0.49
C ILE A 34 -6.45 13.50 1.80
N VAL A 35 -7.72 13.15 1.92
CA VAL A 35 -8.46 13.35 3.15
C VAL A 35 -9.14 12.05 3.57
N LEU A 36 -8.56 11.38 4.55
CA LEU A 36 -9.08 10.11 5.02
C LEU A 36 -9.98 10.31 6.22
N GLU A 37 -11.01 9.49 6.32
CA GLU A 37 -11.94 9.55 7.44
C GLU A 37 -11.31 8.94 8.68
N ASP A 38 -10.40 8.00 8.45
CA ASP A 38 -9.63 7.39 9.52
C ASP A 38 -8.19 7.22 9.06
N PRO A 39 -7.34 8.22 9.34
CA PRO A 39 -5.92 8.16 8.96
C PRO A 39 -5.14 7.15 9.79
N THR A 40 -5.87 6.40 10.61
CA THR A 40 -5.28 5.40 11.48
C THR A 40 -4.85 4.17 10.69
N VAL A 41 -5.22 4.14 9.42
CA VAL A 41 -4.85 3.04 8.54
C VAL A 41 -3.45 3.24 7.98
N LEU A 42 -2.87 2.17 7.46
CA LEU A 42 -1.54 2.22 6.86
C LEU A 42 -1.63 2.61 5.40
N ILE A 43 -0.95 3.68 5.04
CA ILE A 43 -0.90 4.09 3.65
C ILE A 43 0.47 3.76 3.07
N GLY A 44 0.47 3.26 1.85
CA GLY A 44 1.70 2.83 1.23
C GLY A 44 2.06 3.63 0.00
N ASP A 45 3.00 4.53 0.14
CA ASP A 45 3.48 5.33 -0.98
C ASP A 45 4.49 4.51 -1.77
N GLY A 46 4.48 4.66 -3.08
CA GLY A 46 5.41 3.92 -3.91
C GLY A 46 5.04 2.45 -3.98
N CYS A 47 3.74 2.19 -4.06
CA CYS A 47 3.23 0.83 -4.00
C CYS A 47 2.83 0.33 -5.37
N ASP A 48 3.51 -0.70 -5.83
CA ASP A 48 3.19 -1.31 -7.12
C ASP A 48 2.39 -2.58 -6.91
N PRO A 49 1.29 -2.75 -7.63
CA PRO A 49 0.50 -3.98 -7.59
C PRO A 49 1.35 -5.17 -8.01
N ILE A 50 1.51 -6.13 -7.11
CA ILE A 50 2.38 -7.26 -7.38
C ILE A 50 1.68 -8.26 -8.30
N THR A 51 1.88 -8.05 -9.59
CA THR A 51 1.24 -8.86 -10.60
C THR A 51 2.28 -9.57 -11.46
N VAL A 52 3.50 -9.61 -10.94
CA VAL A 52 4.59 -10.27 -11.63
C VAL A 52 4.63 -11.76 -11.31
N ALA A 53 4.86 -12.58 -12.32
CA ALA A 53 4.92 -14.02 -12.13
C ALA A 53 6.33 -14.53 -12.33
N GLY A 54 6.71 -15.52 -11.53
CA GLY A 54 8.03 -16.12 -11.64
C GLY A 54 9.12 -15.17 -11.20
N SER A 55 9.00 -14.67 -9.97
CA SER A 55 9.97 -13.73 -9.45
C SER A 55 9.92 -13.73 -7.93
N SER A 56 11.04 -14.09 -7.30
CA SER A 56 11.14 -14.07 -5.85
C SER A 56 11.26 -12.63 -5.37
N ASP A 57 11.90 -11.81 -6.19
CA ASP A 57 11.97 -10.37 -5.94
C ASP A 57 10.70 -9.72 -6.48
N ALA A 58 9.57 -10.23 -6.03
CA ALA A 58 8.27 -9.68 -6.41
C ALA A 58 8.01 -8.39 -5.65
N CYS A 59 8.86 -8.13 -4.68
CA CYS A 59 8.78 -6.92 -3.88
C CYS A 59 10.15 -6.64 -3.26
N SER A 60 10.72 -5.50 -3.61
CA SER A 60 12.03 -5.13 -3.08
C SER A 60 11.90 -4.27 -1.82
N ALA A 61 10.76 -3.60 -1.67
CA ALA A 61 10.57 -2.72 -0.52
C ALA A 61 9.77 -3.42 0.59
N THR A 62 8.45 -3.36 0.52
CA THR A 62 7.61 -3.95 1.54
C THR A 62 6.29 -4.46 0.94
N ALA A 63 5.97 -5.72 1.18
CA ALA A 63 4.76 -6.32 0.63
C ALA A 63 3.58 -6.06 1.54
N VAL A 64 2.48 -5.62 0.96
CA VAL A 64 1.30 -5.26 1.74
C VAL A 64 0.02 -5.65 1.02
N CYS A 65 -1.08 -5.50 1.73
CA CYS A 65 -2.39 -5.82 1.21
C CYS A 65 -3.36 -4.68 1.52
N CYS A 66 -3.69 -3.89 0.51
CA CYS A 66 -4.60 -2.77 0.70
C CYS A 66 -6.04 -3.17 0.41
N SER A 67 -6.90 -2.83 1.35
CA SER A 67 -8.32 -3.09 1.24
C SER A 67 -8.99 -2.10 0.29
N ASP A 68 -8.47 -0.89 0.28
CA ASP A 68 -9.02 0.16 -0.56
C ASP A 68 -8.05 0.48 -1.70
N ASN A 69 -8.59 0.67 -2.89
CA ASN A 69 -7.76 0.85 -4.07
C ASN A 69 -8.03 2.20 -4.73
N ASN A 70 -8.53 3.16 -3.96
CA ASN A 70 -8.74 4.51 -4.46
C ASN A 70 -7.43 5.29 -4.43
N VAL A 71 -6.44 4.74 -5.10
CA VAL A 71 -5.07 5.24 -5.03
C VAL A 71 -4.83 6.42 -5.97
N SER A 72 -3.80 7.19 -5.66
CA SER A 72 -3.45 8.38 -6.43
C SER A 72 -2.63 8.03 -7.66
N GLY A 73 -2.33 6.75 -7.80
CA GLY A 73 -1.53 6.29 -8.91
C GLY A 73 -0.33 5.48 -8.48
N VAL A 74 0.22 5.81 -7.31
CA VAL A 74 1.37 5.07 -6.81
C VAL A 74 1.24 4.76 -5.33
N ILE A 75 0.23 5.31 -4.68
CA ILE A 75 0.04 5.03 -3.27
C ILE A 75 -0.89 3.84 -3.06
N ALA A 76 -1.15 3.56 -1.80
CA ALA A 76 -2.06 2.50 -1.41
C ALA A 76 -2.70 2.87 -0.07
N ILE A 77 -3.99 2.59 0.09
CA ILE A 77 -4.71 2.99 1.29
C ILE A 77 -5.32 1.79 2.01
N GLY A 78 -4.98 1.63 3.29
CA GLY A 78 -5.50 0.54 4.07
C GLY A 78 -4.74 -0.74 3.83
N CYS A 79 -3.43 -0.66 3.96
CA CYS A 79 -2.55 -1.77 3.67
C CYS A 79 -2.12 -2.50 4.94
N LEU A 80 -2.16 -3.82 4.87
CA LEU A 80 -1.61 -4.66 5.92
C LEU A 80 -0.36 -5.36 5.43
N PRO A 81 0.72 -5.31 6.22
CA PRO A 81 2.01 -5.90 5.84
C PRO A 81 1.95 -7.43 5.72
N VAL A 82 2.49 -7.94 4.62
CA VAL A 82 2.57 -9.36 4.38
C VAL A 82 3.97 -9.71 3.89
N THR A 83 4.35 -10.97 4.01
CA THR A 83 5.68 -11.41 3.59
C THR A 83 5.64 -11.98 2.19
N LEU A 84 6.29 -11.25 1.28
CA LEU A 84 6.48 -11.68 -0.12
C LEU A 84 5.22 -12.29 -0.73
N GLY A 1 -1.06 -17.50 -7.88
CA GLY A 1 -0.43 -16.96 -6.65
C GLY A 1 -0.36 -15.45 -6.65
N SER A 2 0.73 -14.91 -7.17
CA SER A 2 0.96 -13.48 -7.18
C SER A 2 0.18 -12.80 -8.31
N TRP A 3 -1.11 -12.63 -8.11
CA TRP A 3 -1.97 -11.95 -9.07
C TRP A 3 -2.83 -10.92 -8.38
N GLY A 4 -2.34 -10.40 -7.26
CA GLY A 4 -3.08 -9.42 -6.49
C GLY A 4 -4.22 -10.06 -5.71
N GLN A 5 -4.16 -11.37 -5.54
CA GLN A 5 -5.20 -12.11 -4.85
C GLN A 5 -4.99 -12.08 -3.34
N CYS A 6 -5.85 -11.36 -2.66
CA CYS A 6 -5.79 -11.23 -1.21
C CYS A 6 -7.20 -11.18 -0.63
N SER A 7 -7.39 -11.81 0.52
CA SER A 7 -8.70 -11.91 1.15
C SER A 7 -9.17 -10.57 1.72
N THR A 8 -8.24 -9.64 1.90
CA THR A 8 -8.59 -8.33 2.42
C THR A 8 -8.47 -7.25 1.35
N GLY A 9 -8.30 -7.67 0.09
CA GLY A 9 -8.23 -6.72 -1.00
C GLY A 9 -7.22 -7.09 -2.06
N SER A 10 -6.34 -6.15 -2.38
CA SER A 10 -5.37 -6.34 -3.44
C SER A 10 -3.97 -6.36 -2.85
N ILE A 11 -3.03 -7.03 -3.52
CA ILE A 11 -1.66 -7.08 -3.04
C ILE A 11 -0.75 -6.17 -3.83
N GLN A 12 0.05 -5.42 -3.10
CA GLN A 12 1.03 -4.51 -3.67
C GLN A 12 2.28 -4.48 -2.82
N CYS A 13 3.36 -3.97 -3.39
CA CYS A 13 4.60 -3.82 -2.67
C CYS A 13 4.92 -2.34 -2.56
N CYS A 14 4.80 -1.82 -1.34
CA CYS A 14 4.95 -0.40 -1.09
C CYS A 14 6.39 -0.04 -0.81
N GLN A 15 6.83 1.04 -1.43
CA GLN A 15 8.16 1.55 -1.25
C GLN A 15 8.27 2.25 0.11
N ASN A 16 7.16 2.78 0.57
CA ASN A 16 7.11 3.44 1.88
C ASN A 16 5.80 3.13 2.58
N VAL A 17 5.85 2.24 3.55
CA VAL A 17 4.67 1.90 4.35
C VAL A 17 4.64 2.75 5.61
N VAL A 18 3.75 3.73 5.64
CA VAL A 18 3.67 4.66 6.75
C VAL A 18 2.23 4.81 7.23
N PRO A 19 2.03 4.94 8.55
CA PRO A 19 0.73 5.25 9.12
C PRO A 19 0.20 6.58 8.59
N GLY A 20 -1.10 6.62 8.30
CA GLY A 20 -1.71 7.83 7.77
C GLY A 20 -1.72 8.95 8.78
N ASP A 21 -1.59 8.60 10.04
CA ASP A 21 -1.52 9.57 11.13
C ASP A 21 -0.06 9.73 11.58
N SER A 22 0.84 9.11 10.84
CA SER A 22 2.26 9.26 11.08
C SER A 22 2.72 10.62 10.59
N ASP A 23 3.80 11.13 11.16
CA ASP A 23 4.34 12.40 10.72
C ASP A 23 4.64 12.35 9.23
N LEU A 24 5.17 11.21 8.80
CA LEU A 24 5.44 10.98 7.39
C LEU A 24 4.13 10.81 6.63
N GLY A 25 3.36 9.80 7.02
CA GLY A 25 2.12 9.47 6.30
C GLY A 25 1.17 10.64 6.19
N THR A 26 1.04 11.40 7.26
CA THR A 26 0.13 12.53 7.29
C THR A 26 0.59 13.60 6.32
N LEU A 27 1.89 13.85 6.31
CA LEU A 27 2.47 14.82 5.39
C LEU A 27 2.27 14.36 3.95
N LEU A 28 2.39 13.05 3.75
CA LEU A 28 2.28 12.47 2.41
C LEU A 28 0.87 12.64 1.87
N LEU A 29 -0.12 12.27 2.67
CA LEU A 29 -1.51 12.33 2.23
C LEU A 29 -2.02 13.76 2.25
N ASP A 30 -1.37 14.61 3.03
CA ASP A 30 -1.69 16.04 3.07
C ASP A 30 -1.34 16.67 1.74
N GLU A 31 -0.29 16.15 1.15
CA GLU A 31 0.19 16.60 -0.15
C GLU A 31 -0.73 16.07 -1.25
N LEU A 32 -1.38 14.96 -0.94
CA LEU A 32 -2.22 14.27 -1.89
C LEU A 32 -3.68 14.68 -1.78
N GLY A 33 -4.02 15.31 -0.65
CA GLY A 33 -5.37 15.79 -0.44
C GLY A 33 -6.32 14.69 0.00
N ILE A 34 -5.82 13.76 0.81
CA ILE A 34 -6.61 12.63 1.26
C ILE A 34 -7.15 12.89 2.66
N VAL A 35 -8.44 12.67 2.84
CA VAL A 35 -9.05 12.79 4.16
C VAL A 35 -9.65 11.45 4.60
N LEU A 36 -8.92 10.76 5.45
CA LEU A 36 -9.31 9.44 5.91
C LEU A 36 -10.32 9.53 7.06
N GLU A 37 -11.26 8.59 7.07
CA GLU A 37 -12.21 8.45 8.16
C GLU A 37 -11.50 7.91 9.38
N ASP A 38 -10.58 6.99 9.13
CA ASP A 38 -9.71 6.45 10.17
C ASP A 38 -8.28 6.64 9.73
N PRO A 39 -7.66 7.77 10.11
CA PRO A 39 -6.27 8.08 9.71
C PRO A 39 -5.27 7.13 10.36
N THR A 40 -5.78 6.15 11.09
CA THR A 40 -4.94 5.21 11.80
C THR A 40 -4.47 4.08 10.88
N VAL A 41 -5.06 4.02 9.70
CA VAL A 41 -4.72 3.01 8.71
C VAL A 41 -3.32 3.25 8.12
N LEU A 42 -2.75 2.21 7.54
CA LEU A 42 -1.44 2.30 6.93
C LEU A 42 -1.57 2.65 5.46
N ILE A 43 -0.86 3.69 5.05
CA ILE A 43 -0.84 4.08 3.65
C ILE A 43 0.50 3.73 3.02
N GLY A 44 0.46 3.19 1.83
CA GLY A 44 1.65 2.72 1.18
C GLY A 44 2.05 3.56 -0.01
N ASP A 45 3.00 4.45 0.21
CA ASP A 45 3.52 5.28 -0.86
C ASP A 45 4.53 4.49 -1.69
N GLY A 46 4.51 4.69 -3.00
CA GLY A 46 5.43 3.95 -3.85
C GLY A 46 5.06 2.49 -3.97
N CYS A 47 3.78 2.22 -4.11
CA CYS A 47 3.29 0.85 -4.07
C CYS A 47 2.95 0.34 -5.46
N ASP A 48 3.65 -0.69 -5.89
CA ASP A 48 3.37 -1.36 -7.14
C ASP A 48 2.62 -2.67 -6.89
N PRO A 49 1.58 -2.92 -7.68
CA PRO A 49 0.74 -4.11 -7.53
C PRO A 49 1.50 -5.38 -7.87
N ILE A 50 1.59 -6.30 -6.90
CA ILE A 50 2.33 -7.54 -7.10
C ILE A 50 1.48 -8.53 -7.89
N THR A 51 1.65 -8.51 -9.20
CA THR A 51 0.85 -9.34 -10.08
C THR A 51 1.74 -10.04 -11.11
N VAL A 52 3.02 -10.13 -10.81
CA VAL A 52 3.95 -10.84 -11.68
C VAL A 52 4.17 -12.26 -11.18
N ALA A 53 4.01 -13.21 -12.08
CA ALA A 53 4.21 -14.62 -11.75
C ALA A 53 5.62 -15.05 -12.13
N GLY A 54 6.10 -16.11 -11.50
CA GLY A 54 7.43 -16.59 -11.77
C GLY A 54 8.49 -15.79 -11.03
N SER A 55 8.50 -14.50 -11.26
CA SER A 55 9.44 -13.60 -10.60
C SER A 55 9.13 -13.50 -9.11
N SER A 56 9.95 -14.19 -8.31
CA SER A 56 9.76 -14.21 -6.86
C SER A 56 10.22 -12.90 -6.25
N ASP A 57 11.11 -12.21 -6.95
CA ASP A 57 11.64 -10.93 -6.51
C ASP A 57 10.66 -9.81 -6.86
N ALA A 58 9.41 -10.01 -6.49
CA ALA A 58 8.34 -9.11 -6.91
C ALA A 58 8.06 -8.01 -5.89
N CYS A 59 9.00 -7.77 -4.98
CA CYS A 59 8.83 -6.72 -4.00
C CYS A 59 10.18 -6.12 -3.60
N SER A 60 10.35 -4.85 -3.89
CA SER A 60 11.62 -4.18 -3.63
C SER A 60 11.67 -3.54 -2.24
N ALA A 61 10.52 -3.40 -1.60
CA ALA A 61 10.48 -2.75 -0.29
C ALA A 61 9.63 -3.54 0.71
N THR A 62 8.32 -3.35 0.70
CA THR A 62 7.45 -3.99 1.67
C THR A 62 6.16 -4.52 1.03
N ALA A 63 5.85 -5.78 1.30
CA ALA A 63 4.66 -6.41 0.74
C ALA A 63 3.46 -6.13 1.62
N VAL A 64 2.40 -5.66 0.99
CA VAL A 64 1.19 -5.30 1.72
C VAL A 64 -0.05 -5.68 0.94
N CYS A 65 -1.15 -5.83 1.67
CA CYS A 65 -2.44 -6.06 1.08
C CYS A 65 -3.34 -4.89 1.39
N CYS A 66 -3.68 -4.11 0.38
CA CYS A 66 -4.42 -2.88 0.62
C CYS A 66 -5.88 -3.02 0.26
N SER A 67 -6.72 -2.49 1.15
CA SER A 67 -8.16 -2.63 1.04
C SER A 67 -8.74 -1.61 0.07
N ASP A 68 -8.16 -0.43 0.06
CA ASP A 68 -8.63 0.63 -0.82
C ASP A 68 -7.88 0.60 -2.14
N ASN A 69 -8.64 0.65 -3.23
CA ASN A 69 -8.05 0.58 -4.57
C ASN A 69 -8.07 1.93 -5.25
N ASN A 70 -8.37 2.98 -4.48
CA ASN A 70 -8.44 4.33 -5.02
C ASN A 70 -7.11 5.04 -4.81
N VAL A 71 -6.12 4.63 -5.58
CA VAL A 71 -4.77 5.15 -5.45
C VAL A 71 -4.66 6.55 -6.04
N SER A 72 -3.71 7.32 -5.51
CA SER A 72 -3.48 8.68 -5.99
C SER A 72 -2.46 8.68 -7.11
N GLY A 73 -2.10 7.48 -7.56
CA GLY A 73 -1.16 7.34 -8.66
C GLY A 73 -0.01 6.43 -8.33
N VAL A 74 0.43 6.44 -7.07
CA VAL A 74 1.50 5.53 -6.65
C VAL A 74 1.25 4.98 -5.25
N ILE A 75 0.36 5.61 -4.50
CA ILE A 75 0.13 5.20 -3.12
C ILE A 75 -0.83 4.01 -3.02
N ALA A 76 -1.14 3.66 -1.79
CA ALA A 76 -2.13 2.66 -1.46
C ALA A 76 -2.73 3.02 -0.09
N ILE A 77 -4.03 2.82 0.09
CA ILE A 77 -4.69 3.27 1.32
C ILE A 77 -5.30 2.10 2.10
N GLY A 78 -4.89 1.95 3.35
CA GLY A 78 -5.42 0.89 4.18
C GLY A 78 -4.76 -0.44 3.87
N CYS A 79 -3.44 -0.45 3.90
CA CYS A 79 -2.70 -1.66 3.55
C CYS A 79 -2.24 -2.41 4.78
N LEU A 80 -2.27 -3.73 4.69
CA LEU A 80 -1.78 -4.58 5.76
C LEU A 80 -0.49 -5.26 5.34
N PRO A 81 0.52 -5.23 6.20
CA PRO A 81 1.82 -5.85 5.93
C PRO A 81 1.72 -7.37 5.88
N VAL A 82 2.11 -7.94 4.75
CA VAL A 82 2.05 -9.37 4.57
C VAL A 82 3.44 -9.98 4.42
N THR A 83 3.60 -11.14 5.00
CA THR A 83 4.86 -11.86 4.99
C THR A 83 4.58 -13.33 5.00
N LEU A 84 3.46 -13.62 4.42
CA LEU A 84 2.90 -14.96 4.39
C LEU A 84 2.19 -15.20 3.06
N GLY A 1 -7.80 -13.45 -10.21
CA GLY A 1 -6.43 -14.00 -10.16
C GLY A 1 -5.84 -13.87 -8.76
N SER A 2 -4.52 -13.90 -8.68
CA SER A 2 -3.83 -13.80 -7.40
C SER A 2 -2.80 -12.69 -7.45
N TRP A 3 -2.88 -11.76 -6.50
CA TRP A 3 -1.93 -10.66 -6.44
C TRP A 3 -0.90 -10.90 -5.35
N GLY A 4 -1.08 -12.01 -4.64
CA GLY A 4 -0.23 -12.32 -3.51
C GLY A 4 -1.01 -13.03 -2.44
N GLN A 5 -0.35 -13.44 -1.38
CA GLN A 5 -1.00 -14.16 -0.30
C GLN A 5 -1.69 -13.17 0.64
N CYS A 6 -3.03 -13.14 0.57
CA CYS A 6 -3.84 -12.25 1.38
C CYS A 6 -5.30 -12.37 0.94
N SER A 7 -6.23 -12.00 1.83
CA SER A 7 -7.64 -12.04 1.51
C SER A 7 -8.33 -10.74 1.91
N THR A 8 -7.55 -9.70 2.13
CA THR A 8 -8.07 -8.42 2.61
C THR A 8 -8.51 -7.53 1.45
N GLY A 9 -7.95 -7.76 0.27
CA GLY A 9 -8.29 -6.95 -0.88
C GLY A 9 -7.37 -7.21 -2.04
N SER A 10 -6.46 -6.29 -2.26
CA SER A 10 -5.47 -6.41 -3.32
C SER A 10 -4.09 -6.30 -2.73
N ILE A 11 -3.13 -7.03 -3.27
CA ILE A 11 -1.77 -6.98 -2.78
C ILE A 11 -0.90 -6.06 -3.64
N GLN A 12 -0.03 -5.35 -2.96
CA GLN A 12 0.90 -4.44 -3.62
C GLN A 12 2.23 -4.40 -2.89
N CYS A 13 3.23 -3.84 -3.54
CA CYS A 13 4.55 -3.72 -2.97
C CYS A 13 4.89 -2.25 -2.76
N CYS A 14 4.83 -1.83 -1.51
CA CYS A 14 5.02 -0.42 -1.16
C CYS A 14 6.49 -0.12 -0.93
N GLN A 15 6.93 0.97 -1.54
CA GLN A 15 8.27 1.48 -1.32
C GLN A 15 8.35 2.06 0.09
N ASN A 16 7.22 2.51 0.59
CA ASN A 16 7.15 3.09 1.93
C ASN A 16 5.81 2.74 2.56
N VAL A 17 5.84 2.21 3.77
CA VAL A 17 4.62 1.88 4.50
C VAL A 17 4.50 2.73 5.76
N VAL A 18 3.62 3.71 5.73
CA VAL A 18 3.48 4.66 6.82
C VAL A 18 2.01 4.82 7.21
N PRO A 19 1.73 4.97 8.51
CA PRO A 19 0.38 5.32 8.98
C PRO A 19 -0.07 6.67 8.45
N GLY A 20 -1.34 6.76 8.06
CA GLY A 20 -1.87 7.99 7.51
C GLY A 20 -1.89 9.13 8.51
N ASP A 21 -1.91 8.76 9.79
CA ASP A 21 -1.88 9.74 10.87
C ASP A 21 -0.47 9.86 11.43
N SER A 22 0.47 9.18 10.78
CA SER A 22 1.87 9.24 11.16
C SER A 22 2.48 10.56 10.72
N ASP A 23 3.53 10.99 11.38
CA ASP A 23 4.21 12.22 11.01
C ASP A 23 4.62 12.17 9.55
N LEU A 24 5.10 11.00 9.12
CA LEU A 24 5.48 10.80 7.74
C LEU A 24 4.24 10.68 6.87
N GLY A 25 3.39 9.72 7.18
CA GLY A 25 2.20 9.46 6.37
C GLY A 25 1.34 10.70 6.17
N THR A 26 1.20 11.49 7.23
CA THR A 26 0.37 12.67 7.19
C THR A 26 1.02 13.74 6.31
N LEU A 27 2.33 13.87 6.43
CA LEU A 27 3.09 14.81 5.61
C LEU A 27 3.05 14.35 4.16
N LEU A 28 3.10 13.03 3.96
CA LEU A 28 3.12 12.46 2.62
C LEU A 28 1.81 12.69 1.90
N LEU A 29 0.70 12.41 2.58
CA LEU A 29 -0.61 12.57 1.98
C LEU A 29 -0.98 14.04 1.87
N ASP A 30 -0.36 14.85 2.73
CA ASP A 30 -0.51 16.30 2.67
C ASP A 30 0.01 16.82 1.34
N GLU A 31 1.08 16.19 0.88
CA GLU A 31 1.71 16.53 -0.38
C GLU A 31 0.85 16.05 -1.54
N LEU A 32 0.14 14.96 -1.29
CA LEU A 32 -0.62 14.27 -2.31
C LEU A 32 -2.07 14.76 -2.38
N GLY A 33 -2.51 15.44 -1.34
CA GLY A 33 -3.86 15.98 -1.32
C GLY A 33 -4.89 14.93 -1.00
N ILE A 34 -4.55 13.98 -0.13
CA ILE A 34 -5.44 12.88 0.20
C ILE A 34 -6.24 13.20 1.46
N VAL A 35 -7.51 12.84 1.45
CA VAL A 35 -8.36 13.01 2.62
C VAL A 35 -8.94 11.67 3.06
N LEU A 36 -8.31 11.07 4.05
CA LEU A 36 -8.72 9.76 4.52
C LEU A 36 -9.87 9.86 5.51
N GLU A 37 -10.85 9.00 5.33
CA GLU A 37 -11.96 8.88 6.26
C GLU A 37 -11.50 8.21 7.55
N ASP A 38 -10.44 7.42 7.42
CA ASP A 38 -9.84 6.74 8.54
C ASP A 38 -8.33 6.88 8.42
N PRO A 39 -7.76 7.94 9.01
CA PRO A 39 -6.33 8.21 8.92
C PRO A 39 -5.50 7.23 9.74
N THR A 40 -6.19 6.31 10.40
CA THR A 40 -5.51 5.34 11.25
C THR A 40 -5.22 4.06 10.49
N VAL A 41 -5.20 4.15 9.17
CA VAL A 41 -4.82 3.04 8.32
C VAL A 41 -3.40 3.24 7.81
N LEU A 42 -2.79 2.17 7.33
CA LEU A 42 -1.46 2.24 6.76
C LEU A 42 -1.56 2.60 5.29
N ILE A 43 -0.92 3.70 4.92
CA ILE A 43 -0.87 4.10 3.53
C ILE A 43 0.50 3.80 2.95
N GLY A 44 0.51 3.29 1.73
CA GLY A 44 1.74 2.90 1.11
C GLY A 44 2.16 3.84 0.00
N ASP A 45 3.22 4.59 0.24
CA ASP A 45 3.78 5.45 -0.78
C ASP A 45 4.75 4.66 -1.63
N GLY A 46 4.64 4.77 -2.94
CA GLY A 46 5.53 4.05 -3.81
C GLY A 46 5.11 2.59 -3.95
N CYS A 47 3.81 2.37 -3.99
CA CYS A 47 3.27 1.02 -3.97
C CYS A 47 2.80 0.59 -5.35
N ASP A 48 3.45 -0.42 -5.89
CA ASP A 48 3.04 -1.00 -7.15
C ASP A 48 2.24 -2.28 -6.88
N PRO A 49 1.09 -2.42 -7.53
CA PRO A 49 0.25 -3.60 -7.38
C PRO A 49 0.97 -4.85 -7.90
N ILE A 50 1.12 -5.86 -7.05
CA ILE A 50 1.87 -7.04 -7.43
C ILE A 50 1.01 -7.98 -8.27
N THR A 51 1.05 -7.77 -9.57
CA THR A 51 0.32 -8.61 -10.49
C THR A 51 1.27 -9.14 -11.56
N VAL A 52 2.55 -9.00 -11.29
CA VAL A 52 3.59 -9.49 -12.18
C VAL A 52 3.81 -10.98 -11.94
N ALA A 53 4.15 -11.70 -12.99
CA ALA A 53 4.41 -13.14 -12.88
C ALA A 53 5.82 -13.39 -12.36
N GLY A 54 6.08 -12.89 -11.16
CA GLY A 54 7.38 -13.06 -10.55
C GLY A 54 7.27 -13.72 -9.20
N SER A 55 7.78 -14.94 -9.10
CA SER A 55 7.75 -15.67 -7.84
C SER A 55 9.00 -15.40 -7.02
N SER A 56 10.10 -15.11 -7.70
CA SER A 56 11.34 -14.78 -7.03
C SER A 56 11.44 -13.27 -6.80
N ASP A 57 10.74 -12.52 -7.63
CA ASP A 57 10.77 -11.06 -7.57
C ASP A 57 9.36 -10.50 -7.66
N ALA A 58 8.67 -10.53 -6.54
CA ALA A 58 7.31 -10.01 -6.47
C ALA A 58 7.30 -8.62 -5.83
N CYS A 59 8.24 -8.40 -4.95
CA CYS A 59 8.33 -7.13 -4.23
C CYS A 59 9.79 -6.78 -3.94
N SER A 60 10.10 -5.50 -4.02
CA SER A 60 11.46 -5.02 -3.78
C SER A 60 11.58 -4.37 -2.40
N ALA A 61 10.58 -3.60 -2.01
CA ALA A 61 10.63 -2.88 -0.74
C ALA A 61 9.81 -3.59 0.34
N THR A 62 8.52 -3.30 0.41
CA THR A 62 7.67 -3.89 1.44
C THR A 62 6.38 -4.45 0.84
N ALA A 63 6.06 -5.69 1.16
CA ALA A 63 4.85 -6.33 0.67
C ALA A 63 3.68 -6.02 1.58
N VAL A 64 2.58 -5.58 1.00
CA VAL A 64 1.42 -5.18 1.76
C VAL A 64 0.12 -5.57 1.06
N CYS A 65 -0.98 -5.44 1.78
CA CYS A 65 -2.28 -5.80 1.26
C CYS A 65 -3.30 -4.73 1.64
N CYS A 66 -3.73 -3.95 0.66
CA CYS A 66 -4.67 -2.86 0.90
C CYS A 66 -6.11 -3.31 0.68
N SER A 67 -6.98 -2.88 1.58
CA SER A 67 -8.39 -3.20 1.51
C SER A 67 -9.14 -2.18 0.66
N ASP A 68 -8.54 -1.02 0.48
CA ASP A 68 -9.17 0.06 -0.28
C ASP A 68 -8.64 0.08 -1.71
N ASN A 69 -9.37 0.71 -2.60
CA ASN A 69 -9.03 0.69 -4.03
C ASN A 69 -8.75 2.09 -4.56
N ASN A 70 -8.74 3.08 -3.68
CA ASN A 70 -8.51 4.47 -4.11
C ASN A 70 -7.02 4.75 -4.20
N VAL A 71 -6.45 4.51 -5.37
CA VAL A 71 -5.03 4.75 -5.58
C VAL A 71 -4.81 6.07 -6.32
N SER A 72 -3.90 6.89 -5.79
CA SER A 72 -3.59 8.18 -6.39
C SER A 72 -2.62 8.01 -7.56
N GLY A 73 -2.23 6.76 -7.80
CA GLY A 73 -1.33 6.46 -8.89
C GLY A 73 -0.13 5.67 -8.45
N VAL A 74 0.36 5.92 -7.25
CA VAL A 74 1.46 5.14 -6.71
C VAL A 74 1.28 4.83 -5.24
N ILE A 75 0.15 5.22 -4.68
CA ILE A 75 -0.10 4.96 -3.27
C ILE A 75 -1.00 3.76 -3.06
N ALA A 76 -1.19 3.45 -1.80
CA ALA A 76 -2.10 2.40 -1.38
C ALA A 76 -2.76 2.79 -0.06
N ILE A 77 -4.04 2.50 0.11
CA ILE A 77 -4.77 2.88 1.31
C ILE A 77 -5.35 1.66 2.02
N GLY A 78 -5.05 1.54 3.31
CA GLY A 78 -5.58 0.43 4.10
C GLY A 78 -4.79 -0.83 3.92
N CYS A 79 -3.47 -0.73 4.03
CA CYS A 79 -2.58 -1.85 3.78
C CYS A 79 -2.13 -2.54 5.06
N LEU A 80 -2.07 -3.86 5.00
CA LEU A 80 -1.48 -4.66 6.06
C LEU A 80 -0.19 -5.29 5.55
N PRO A 81 0.89 -5.19 6.34
CA PRO A 81 2.20 -5.74 5.96
C PRO A 81 2.20 -7.27 5.89
N VAL A 82 2.54 -7.79 4.71
CA VAL A 82 2.59 -9.21 4.48
C VAL A 82 3.97 -9.62 3.98
N THR A 83 4.28 -10.90 4.08
CA THR A 83 5.55 -11.40 3.58
C THR A 83 5.37 -12.81 3.01
N LEU A 84 5.94 -13.03 1.83
CA LEU A 84 5.90 -14.32 1.15
C LEU A 84 4.48 -14.85 1.00
N GLY A 1 1.17 -18.85 -8.02
CA GLY A 1 1.43 -18.10 -9.27
C GLY A 1 1.76 -16.65 -9.00
N SER A 2 1.87 -15.86 -10.06
CA SER A 2 2.24 -14.45 -9.93
C SER A 2 1.02 -13.56 -9.74
N TRP A 3 0.12 -13.97 -8.84
CA TRP A 3 -1.03 -13.16 -8.51
C TRP A 3 -1.00 -12.75 -7.05
N GLY A 4 -1.08 -11.45 -6.81
CA GLY A 4 -1.08 -10.95 -5.46
C GLY A 4 -2.49 -10.86 -4.89
N GLN A 5 -3.13 -12.01 -4.73
CA GLN A 5 -4.48 -12.06 -4.19
C GLN A 5 -4.44 -12.13 -2.67
N CYS A 6 -5.27 -11.33 -2.04
CA CYS A 6 -5.31 -11.24 -0.60
C CYS A 6 -6.75 -11.26 -0.11
N SER A 7 -6.98 -11.90 1.03
CA SER A 7 -8.32 -12.06 1.57
C SER A 7 -8.84 -10.75 2.17
N THR A 8 -7.96 -9.76 2.30
CA THR A 8 -8.34 -8.46 2.80
C THR A 8 -8.45 -7.46 1.65
N GLY A 9 -8.02 -7.86 0.47
CA GLY A 9 -8.07 -6.99 -0.69
C GLY A 9 -7.01 -7.31 -1.73
N SER A 10 -6.23 -6.32 -2.09
CA SER A 10 -5.20 -6.47 -3.11
C SER A 10 -3.81 -6.47 -2.47
N ILE A 11 -2.87 -7.16 -3.09
CA ILE A 11 -1.49 -7.10 -2.63
C ILE A 11 -0.66 -6.19 -3.53
N GLN A 12 0.17 -5.39 -2.90
CA GLN A 12 1.05 -4.46 -3.59
C GLN A 12 2.38 -4.35 -2.87
N CYS A 13 3.40 -3.91 -3.59
CA CYS A 13 4.72 -3.72 -3.03
C CYS A 13 4.98 -2.23 -2.82
N CYS A 14 4.86 -1.79 -1.58
CA CYS A 14 5.02 -0.39 -1.24
C CYS A 14 6.47 -0.04 -1.01
N GLN A 15 6.88 1.08 -1.57
CA GLN A 15 8.21 1.60 -1.35
C GLN A 15 8.28 2.23 0.04
N ASN A 16 7.15 2.76 0.50
CA ASN A 16 7.07 3.38 1.81
C ASN A 16 5.76 2.98 2.49
N VAL A 17 5.87 2.31 3.63
CA VAL A 17 4.69 1.90 4.38
C VAL A 17 4.60 2.69 5.67
N VAL A 18 3.71 3.67 5.69
CA VAL A 18 3.60 4.58 6.81
C VAL A 18 2.14 4.77 7.23
N PRO A 19 1.88 4.88 8.53
CA PRO A 19 0.54 5.23 9.03
C PRO A 19 0.09 6.58 8.52
N GLY A 20 -1.19 6.67 8.16
CA GLY A 20 -1.73 7.92 7.65
C GLY A 20 -1.74 9.01 8.70
N ASP A 21 -1.71 8.60 9.97
CA ASP A 21 -1.64 9.53 11.09
C ASP A 21 -0.18 9.73 11.52
N SER A 22 0.71 8.98 10.90
CA SER A 22 2.14 9.07 11.18
C SER A 22 2.69 10.41 10.70
N ASP A 23 3.76 10.86 11.32
CA ASP A 23 4.40 12.10 10.91
C ASP A 23 4.70 12.08 9.42
N LEU A 24 5.20 10.95 8.96
CA LEU A 24 5.50 10.77 7.55
C LEU A 24 4.22 10.67 6.74
N GLY A 25 3.39 9.68 7.08
CA GLY A 25 2.16 9.43 6.33
C GLY A 25 1.26 10.65 6.23
N THR A 26 1.17 11.39 7.31
CA THR A 26 0.32 12.58 7.35
C THR A 26 0.88 13.66 6.43
N LEU A 27 2.19 13.82 6.46
CA LEU A 27 2.86 14.74 5.55
C LEU A 27 2.65 14.30 4.12
N LEU A 28 2.76 12.99 3.91
CA LEU A 28 2.67 12.41 2.58
C LEU A 28 1.30 12.68 1.96
N LEU A 29 0.25 12.35 2.69
CA LEU A 29 -1.10 12.48 2.14
C LEU A 29 -1.56 13.93 2.11
N ASP A 30 -0.98 14.75 2.97
CA ASP A 30 -1.29 16.18 2.98
C ASP A 30 -0.78 16.82 1.71
N GLU A 31 0.34 16.31 1.24
CA GLU A 31 0.97 16.81 0.02
C GLU A 31 0.23 16.28 -1.20
N LEU A 32 -0.44 15.15 -1.01
CA LEU A 32 -1.11 14.45 -2.09
C LEU A 32 -2.59 14.79 -2.16
N GLY A 33 -3.05 15.56 -1.19
CA GLY A 33 -4.44 16.01 -1.16
C GLY A 33 -5.42 14.88 -0.91
N ILE A 34 -5.11 14.02 0.04
CA ILE A 34 -5.96 12.88 0.36
C ILE A 34 -6.86 13.19 1.54
N VAL A 35 -8.07 12.65 1.50
CA VAL A 35 -9.02 12.79 2.60
C VAL A 35 -9.15 11.46 3.33
N LEU A 36 -8.75 11.43 4.59
CA LEU A 36 -8.81 10.22 5.38
C LEU A 36 -10.14 10.11 6.12
N GLU A 37 -10.79 8.96 6.00
CA GLU A 37 -11.95 8.66 6.80
C GLU A 37 -11.50 7.93 8.06
N ASP A 38 -10.37 7.27 7.95
CA ASP A 38 -9.74 6.57 9.06
C ASP A 38 -8.25 6.80 8.99
N PRO A 39 -7.73 7.80 9.71
CA PRO A 39 -6.30 8.13 9.68
C PRO A 39 -5.45 7.04 10.31
N THR A 40 -6.13 6.05 10.86
CA THR A 40 -5.47 4.97 11.58
C THR A 40 -5.03 3.85 10.65
N VAL A 41 -5.19 4.06 9.35
CA VAL A 41 -4.80 3.07 8.37
C VAL A 41 -3.38 3.31 7.89
N LEU A 42 -2.76 2.26 7.37
CA LEU A 42 -1.45 2.35 6.78
C LEU A 42 -1.56 2.74 5.31
N ILE A 43 -0.84 3.76 4.92
CA ILE A 43 -0.80 4.15 3.52
C ILE A 43 0.54 3.77 2.91
N GLY A 44 0.46 3.17 1.74
CA GLY A 44 1.65 2.68 1.09
C GLY A 44 2.06 3.52 -0.10
N ASP A 45 3.01 4.41 0.13
CA ASP A 45 3.53 5.23 -0.94
C ASP A 45 4.50 4.41 -1.80
N GLY A 46 4.40 4.58 -3.10
CA GLY A 46 5.26 3.82 -4.00
C GLY A 46 4.87 2.36 -4.06
N CYS A 47 3.57 2.10 -4.08
CA CYS A 47 3.07 0.74 -4.04
C CYS A 47 2.59 0.29 -5.40
N ASP A 48 3.31 -0.65 -5.98
CA ASP A 48 2.91 -1.25 -7.25
C ASP A 48 2.27 -2.61 -7.04
N PRO A 49 1.19 -2.87 -7.78
CA PRO A 49 0.48 -4.14 -7.75
C PRO A 49 1.40 -5.31 -8.12
N ILE A 50 1.56 -6.25 -7.20
CA ILE A 50 2.46 -7.38 -7.43
C ILE A 50 1.78 -8.44 -8.28
N THR A 51 2.13 -8.47 -9.55
CA THR A 51 1.56 -9.43 -10.47
C THR A 51 2.65 -10.08 -11.32
N VAL A 52 3.89 -9.93 -10.87
CA VAL A 52 5.03 -10.51 -11.54
C VAL A 52 5.88 -11.31 -10.55
N ALA A 53 6.60 -12.30 -11.06
CA ALA A 53 7.54 -13.10 -10.26
C ALA A 53 6.82 -14.03 -9.28
N GLY A 54 6.11 -13.45 -8.34
CA GLY A 54 5.41 -14.24 -7.33
C GLY A 54 4.75 -13.37 -6.29
N SER A 55 5.23 -13.47 -5.06
CA SER A 55 4.71 -12.64 -3.97
C SER A 55 5.78 -12.38 -2.92
N SER A 56 6.62 -13.37 -2.65
CA SER A 56 7.69 -13.22 -1.69
C SER A 56 8.88 -12.50 -2.32
N ASP A 57 9.47 -13.12 -3.34
CA ASP A 57 10.62 -12.56 -4.03
C ASP A 57 10.15 -11.68 -5.19
N ALA A 58 9.10 -10.92 -4.92
CA ALA A 58 8.51 -10.04 -5.92
C ALA A 58 8.35 -8.64 -5.36
N CYS A 59 9.06 -8.36 -4.28
CA CYS A 59 9.00 -7.06 -3.63
C CYS A 59 10.32 -6.77 -2.94
N SER A 60 10.90 -5.62 -3.23
CA SER A 60 12.17 -5.25 -2.65
C SER A 60 12.00 -4.42 -1.39
N ALA A 61 10.99 -3.53 -1.39
CA ALA A 61 10.78 -2.64 -0.27
C ALA A 61 9.91 -3.29 0.81
N THR A 62 8.59 -3.19 0.68
CA THR A 62 7.68 -3.76 1.67
C THR A 62 6.37 -4.18 1.03
N ALA A 63 5.93 -5.41 1.31
CA ALA A 63 4.70 -5.94 0.74
C ALA A 63 3.54 -5.72 1.67
N VAL A 64 2.40 -5.36 1.12
CA VAL A 64 1.21 -5.07 1.90
C VAL A 64 -0.06 -5.49 1.18
N CYS A 65 -1.13 -5.60 1.94
CA CYS A 65 -2.44 -5.90 1.41
C CYS A 65 -3.38 -4.72 1.63
N CYS A 66 -3.70 -4.00 0.56
CA CYS A 66 -4.54 -2.81 0.66
C CYS A 66 -5.98 -3.10 0.29
N SER A 67 -6.90 -2.51 1.04
CA SER A 67 -8.32 -2.69 0.80
C SER A 67 -8.89 -1.54 -0.02
N ASP A 68 -8.19 -0.41 -0.02
CA ASP A 68 -8.65 0.77 -0.70
C ASP A 68 -7.77 1.06 -1.93
N ASN A 69 -8.41 1.47 -3.02
CA ASN A 69 -7.70 1.67 -4.28
C ASN A 69 -7.75 3.12 -4.74
N ASN A 70 -7.91 4.04 -3.80
CA ASN A 70 -7.89 5.47 -4.13
C ASN A 70 -6.45 5.95 -4.28
N VAL A 71 -5.82 5.54 -5.36
CA VAL A 71 -4.41 5.79 -5.58
C VAL A 71 -4.16 7.16 -6.20
N SER A 72 -3.04 7.76 -5.83
CA SER A 72 -2.63 9.04 -6.38
C SER A 72 -1.66 8.84 -7.54
N GLY A 73 -1.47 7.58 -7.90
CA GLY A 73 -0.52 7.23 -8.93
C GLY A 73 0.44 6.18 -8.47
N VAL A 74 0.78 6.19 -7.17
CA VAL A 74 1.64 5.15 -6.63
C VAL A 74 1.20 4.70 -5.24
N ILE A 75 0.43 5.52 -4.53
CA ILE A 75 0.10 5.20 -3.15
C ILE A 75 -0.92 4.07 -3.05
N ALA A 76 -1.18 3.68 -1.82
CA ALA A 76 -2.15 2.64 -1.50
C ALA A 76 -2.73 2.94 -0.13
N ILE A 77 -4.02 2.71 0.04
CA ILE A 77 -4.68 3.07 1.30
C ILE A 77 -5.30 1.84 1.98
N GLY A 78 -5.17 1.78 3.31
CA GLY A 78 -5.75 0.70 4.07
C GLY A 78 -5.00 -0.59 3.87
N CYS A 79 -3.69 -0.54 4.07
CA CYS A 79 -2.85 -1.69 3.79
C CYS A 79 -2.37 -2.38 5.06
N LEU A 80 -2.26 -3.71 4.99
CA LEU A 80 -1.69 -4.49 6.07
C LEU A 80 -0.41 -5.16 5.61
N PRO A 81 0.66 -5.07 6.42
CA PRO A 81 1.98 -5.60 6.07
C PRO A 81 2.00 -7.13 5.93
N VAL A 82 2.54 -7.60 4.82
CA VAL A 82 2.66 -9.02 4.55
C VAL A 82 4.02 -9.33 3.96
N THR A 83 4.44 -10.59 4.09
CA THR A 83 5.70 -11.05 3.50
C THR A 83 6.92 -10.37 4.14
N LEU A 84 8.11 -10.95 3.94
CA LEU A 84 9.36 -10.40 4.46
C LEU A 84 9.32 -10.27 5.98
N GLY A 1 -6.25 -13.59 -14.30
CA GLY A 1 -6.02 -12.27 -13.67
C GLY A 1 -5.63 -12.40 -12.21
N SER A 2 -4.37 -12.11 -11.92
CA SER A 2 -3.88 -12.23 -10.55
C SER A 2 -3.26 -10.90 -10.10
N TRP A 3 -3.51 -10.55 -8.85
CA TRP A 3 -2.97 -9.34 -8.26
C TRP A 3 -2.50 -9.64 -6.83
N GLY A 4 -2.07 -10.88 -6.64
CA GLY A 4 -1.67 -11.31 -5.32
C GLY A 4 -2.83 -11.95 -4.58
N GLN A 5 -2.55 -13.04 -3.88
CA GLN A 5 -3.58 -13.74 -3.15
C GLN A 5 -3.78 -13.12 -1.78
N CYS A 6 -4.90 -12.45 -1.60
CA CYS A 6 -5.22 -11.83 -0.33
C CYS A 6 -6.74 -11.78 -0.16
N SER A 7 -7.21 -12.04 1.05
CA SER A 7 -8.64 -12.08 1.32
C SER A 7 -9.15 -10.72 1.76
N THR A 8 -8.26 -9.85 2.17
CA THR A 8 -8.66 -8.54 2.67
C THR A 8 -8.48 -7.43 1.61
N GLY A 9 -8.09 -7.83 0.40
CA GLY A 9 -7.96 -6.86 -0.67
C GLY A 9 -6.89 -7.23 -1.66
N SER A 10 -6.38 -6.23 -2.38
CA SER A 10 -5.35 -6.42 -3.38
C SER A 10 -3.97 -6.39 -2.72
N ILE A 11 -3.00 -7.08 -3.32
CA ILE A 11 -1.65 -7.03 -2.82
C ILE A 11 -0.77 -6.12 -3.66
N GLN A 12 -0.02 -5.30 -2.98
CA GLN A 12 0.93 -4.40 -3.61
C GLN A 12 2.22 -4.36 -2.81
N CYS A 13 3.29 -3.93 -3.46
CA CYS A 13 4.57 -3.82 -2.79
C CYS A 13 4.92 -2.35 -2.61
N CYS A 14 4.85 -1.89 -1.36
CA CYS A 14 5.03 -0.49 -1.05
C CYS A 14 6.48 -0.18 -0.75
N GLN A 15 6.97 0.85 -1.40
CA GLN A 15 8.31 1.36 -1.15
C GLN A 15 8.34 2.04 0.22
N ASN A 16 7.24 2.68 0.57
CA ASN A 16 7.13 3.38 1.85
C ASN A 16 5.84 2.97 2.55
N VAL A 17 5.96 2.34 3.70
CA VAL A 17 4.79 1.94 4.47
C VAL A 17 4.68 2.77 5.74
N VAL A 18 3.78 3.74 5.71
CA VAL A 18 3.66 4.70 6.80
C VAL A 18 2.22 4.83 7.26
N PRO A 19 2.00 5.01 8.57
CA PRO A 19 0.68 5.32 9.12
C PRO A 19 0.15 6.64 8.58
N GLY A 20 -1.14 6.69 8.31
CA GLY A 20 -1.74 7.89 7.76
C GLY A 20 -1.71 9.05 8.74
N ASP A 21 -1.68 8.74 10.02
CA ASP A 21 -1.60 9.76 11.07
C ASP A 21 -0.14 9.94 11.51
N SER A 22 0.76 9.28 10.81
CA SER A 22 2.18 9.41 11.06
C SER A 22 2.67 10.74 10.52
N ASP A 23 3.75 11.25 11.09
CA ASP A 23 4.32 12.52 10.64
C ASP A 23 4.71 12.42 9.17
N LEU A 24 5.10 11.23 8.75
CA LEU A 24 5.35 10.97 7.35
C LEU A 24 4.05 10.89 6.58
N GLY A 25 3.23 9.89 6.92
CA GLY A 25 2.02 9.62 6.17
C GLY A 25 1.09 10.81 6.07
N THR A 26 0.99 11.58 7.13
CA THR A 26 0.09 12.73 7.17
C THR A 26 0.56 13.81 6.22
N LEU A 27 1.85 14.10 6.24
CA LEU A 27 2.43 15.08 5.34
C LEU A 27 2.29 14.60 3.90
N LEU A 28 2.45 13.28 3.72
CA LEU A 28 2.39 12.70 2.40
C LEU A 28 0.97 12.84 1.82
N LEU A 29 -0.02 12.47 2.60
CA LEU A 29 -1.40 12.49 2.12
C LEU A 29 -1.95 13.91 2.06
N ASP A 30 -1.36 14.81 2.82
CA ASP A 30 -1.74 16.22 2.77
C ASP A 30 -1.38 16.79 1.42
N GLU A 31 -0.27 16.31 0.88
CA GLU A 31 0.23 16.73 -0.41
C GLU A 31 -0.65 16.14 -1.50
N LEU A 32 -1.36 15.09 -1.13
CA LEU A 32 -2.20 14.35 -2.04
C LEU A 32 -3.65 14.78 -1.92
N GLY A 33 -3.99 15.41 -0.80
CA GLY A 33 -5.34 15.89 -0.57
C GLY A 33 -6.28 14.78 -0.12
N ILE A 34 -5.72 13.73 0.47
CA ILE A 34 -6.52 12.58 0.87
C ILE A 34 -7.25 12.85 2.18
N VAL A 35 -8.53 12.51 2.20
CA VAL A 35 -9.35 12.66 3.39
C VAL A 35 -9.75 11.28 3.92
N LEU A 36 -9.02 10.80 4.90
CA LEU A 36 -9.30 9.50 5.48
C LEU A 36 -10.19 9.64 6.71
N GLU A 37 -11.16 8.75 6.82
CA GLU A 37 -12.03 8.72 8.00
C GLU A 37 -11.30 8.04 9.15
N ASP A 38 -10.33 7.21 8.79
CA ASP A 38 -9.49 6.52 9.76
C ASP A 38 -8.04 6.65 9.35
N PRO A 39 -7.35 7.69 9.85
CA PRO A 39 -5.94 7.91 9.52
C PRO A 39 -5.04 6.89 10.21
N THR A 40 -5.67 5.92 10.85
CA THR A 40 -4.95 4.89 11.58
C THR A 40 -4.52 3.78 10.65
N VAL A 41 -4.98 3.83 9.41
CA VAL A 41 -4.63 2.83 8.42
C VAL A 41 -3.23 3.11 7.86
N LEU A 42 -2.57 2.04 7.45
CA LEU A 42 -1.26 2.16 6.84
C LEU A 42 -1.40 2.52 5.37
N ILE A 43 -0.82 3.63 5.00
CA ILE A 43 -0.80 4.06 3.61
C ILE A 43 0.55 3.77 3.00
N GLY A 44 0.54 3.16 1.83
CA GLY A 44 1.75 2.73 1.20
C GLY A 44 2.14 3.59 0.02
N ASP A 45 3.07 4.50 0.25
CA ASP A 45 3.59 5.32 -0.82
C ASP A 45 4.64 4.54 -1.58
N GLY A 46 4.64 4.66 -2.90
CA GLY A 46 5.60 3.91 -3.68
C GLY A 46 5.18 2.47 -3.84
N CYS A 47 3.88 2.25 -3.94
CA CYS A 47 3.35 0.89 -3.97
C CYS A 47 2.96 0.49 -5.38
N ASP A 48 3.61 -0.54 -5.86
CA ASP A 48 3.29 -1.10 -7.16
C ASP A 48 2.44 -2.35 -6.98
N PRO A 49 1.35 -2.48 -7.75
CA PRO A 49 0.48 -3.66 -7.69
C PRO A 49 1.24 -4.90 -8.14
N ILE A 50 1.28 -5.91 -7.27
CA ILE A 50 2.01 -7.13 -7.60
C ILE A 50 1.15 -8.04 -8.44
N THR A 51 1.23 -7.85 -9.74
CA THR A 51 0.44 -8.63 -10.69
C THR A 51 1.36 -9.42 -11.61
N VAL A 52 2.61 -9.55 -11.19
CA VAL A 52 3.59 -10.28 -11.96
C VAL A 52 3.64 -11.75 -11.49
N ALA A 53 3.79 -12.65 -12.44
CA ALA A 53 3.91 -14.06 -12.13
C ALA A 53 5.32 -14.38 -11.70
N GLY A 54 5.47 -15.30 -10.77
CA GLY A 54 6.77 -15.62 -10.23
C GLY A 54 7.14 -14.65 -9.12
N SER A 55 6.45 -14.78 -7.99
CA SER A 55 6.64 -13.86 -6.88
C SER A 55 7.89 -14.20 -6.06
N SER A 56 9.02 -14.30 -6.74
CA SER A 56 10.29 -14.53 -6.08
C SER A 56 10.87 -13.20 -5.62
N ASP A 57 11.06 -12.29 -6.56
CA ASP A 57 11.51 -10.94 -6.26
C ASP A 57 10.49 -9.96 -6.81
N ALA A 58 9.23 -10.19 -6.47
CA ALA A 58 8.13 -9.36 -6.96
C ALA A 58 7.89 -8.18 -6.03
N CYS A 59 8.65 -8.15 -4.95
CA CYS A 59 8.58 -7.05 -4.01
C CYS A 59 9.98 -6.69 -3.52
N SER A 60 10.40 -5.47 -3.79
CA SER A 60 11.73 -5.03 -3.44
C SER A 60 11.71 -4.03 -2.27
N ALA A 61 10.60 -3.98 -1.55
CA ALA A 61 10.50 -3.08 -0.41
C ALA A 61 9.67 -3.70 0.72
N THR A 62 8.35 -3.60 0.63
CA THR A 62 7.47 -4.15 1.66
C THR A 62 6.14 -4.59 1.05
N ALA A 63 5.79 -5.86 1.26
CA ALA A 63 4.58 -6.41 0.70
C ALA A 63 3.40 -6.14 1.60
N VAL A 64 2.34 -5.60 1.05
CA VAL A 64 1.16 -5.25 1.82
C VAL A 64 -0.11 -5.59 1.05
N CYS A 65 -1.20 -5.66 1.77
CA CYS A 65 -2.50 -5.90 1.18
C CYS A 65 -3.42 -4.74 1.50
N CYS A 66 -3.77 -3.95 0.49
CA CYS A 66 -4.58 -2.77 0.70
C CYS A 66 -6.05 -3.04 0.39
N SER A 67 -6.92 -2.63 1.30
CA SER A 67 -8.35 -2.84 1.16
C SER A 67 -8.98 -1.75 0.30
N ASP A 68 -8.34 -0.59 0.29
CA ASP A 68 -8.85 0.56 -0.44
C ASP A 68 -8.09 0.73 -1.75
N ASN A 69 -8.82 0.96 -2.84
CA ASN A 69 -8.22 1.02 -4.15
C ASN A 69 -8.03 2.47 -4.61
N ASN A 70 -8.23 3.40 -3.71
CA ASN A 70 -8.05 4.82 -4.02
C ASN A 70 -6.58 5.19 -4.01
N VAL A 71 -6.01 5.33 -5.20
CA VAL A 71 -4.58 5.55 -5.33
C VAL A 71 -4.29 6.83 -6.11
N SER A 72 -3.37 7.64 -5.57
CA SER A 72 -3.02 8.93 -6.14
C SER A 72 -2.05 8.77 -7.31
N GLY A 73 -1.75 7.53 -7.64
CA GLY A 73 -0.82 7.24 -8.71
C GLY A 73 0.28 6.32 -8.26
N VAL A 74 0.67 6.43 -6.99
CA VAL A 74 1.74 5.59 -6.47
C VAL A 74 1.44 5.07 -5.07
N ILE A 75 0.39 5.59 -4.44
CA ILE A 75 0.11 5.21 -3.06
C ILE A 75 -0.79 3.99 -2.96
N ALA A 76 -1.08 3.63 -1.73
CA ALA A 76 -2.01 2.56 -1.42
C ALA A 76 -2.65 2.85 -0.06
N ILE A 77 -3.93 2.56 0.10
CA ILE A 77 -4.64 2.90 1.33
C ILE A 77 -5.20 1.67 2.03
N GLY A 78 -5.06 1.62 3.36
CA GLY A 78 -5.59 0.53 4.14
C GLY A 78 -4.84 -0.75 3.89
N CYS A 79 -3.53 -0.69 4.03
CA CYS A 79 -2.67 -1.82 3.68
C CYS A 79 -2.20 -2.56 4.92
N LEU A 80 -2.28 -3.88 4.86
CA LEU A 80 -1.77 -4.73 5.91
C LEU A 80 -0.51 -5.43 5.45
N PRO A 81 0.55 -5.40 6.26
CA PRO A 81 1.83 -6.04 5.92
C PRO A 81 1.72 -7.55 5.78
N VAL A 82 2.07 -8.05 4.59
CA VAL A 82 2.05 -9.46 4.32
C VAL A 82 3.43 -9.94 3.92
N THR A 83 3.80 -11.12 4.40
CA THR A 83 5.14 -11.69 4.20
C THR A 83 6.23 -10.84 4.86
N LEU A 84 7.22 -11.50 5.41
CA LEU A 84 8.34 -10.84 6.09
C LEU A 84 7.87 -10.10 7.35
N GLY A 1 -2.76 -15.32 -15.31
CA GLY A 1 -2.36 -14.15 -14.49
C GLY A 1 -2.14 -14.55 -13.05
N SER A 2 -1.20 -13.88 -12.38
CA SER A 2 -0.91 -14.17 -11.00
C SER A 2 -1.79 -13.33 -10.08
N TRP A 3 -1.48 -12.04 -9.99
CA TRP A 3 -2.23 -11.10 -9.16
C TRP A 3 -2.23 -11.52 -7.70
N GLY A 4 -1.28 -11.01 -6.94
CA GLY A 4 -1.18 -11.35 -5.54
C GLY A 4 -2.30 -10.77 -4.72
N GLN A 5 -3.21 -11.62 -4.29
CA GLN A 5 -4.26 -11.23 -3.36
C GLN A 5 -4.01 -11.89 -2.01
N CYS A 6 -4.20 -11.13 -0.93
CA CYS A 6 -3.96 -11.65 0.40
C CYS A 6 -5.18 -12.42 0.90
N SER A 7 -6.31 -11.73 0.96
CA SER A 7 -7.56 -12.32 1.41
C SER A 7 -8.73 -11.45 0.97
N THR A 8 -8.79 -10.23 1.52
CA THR A 8 -9.89 -9.32 1.23
C THR A 8 -9.50 -8.27 0.19
N GLY A 9 -8.21 -7.99 0.08
CA GLY A 9 -7.74 -6.99 -0.85
C GLY A 9 -6.64 -7.49 -1.75
N SER A 10 -6.12 -6.62 -2.59
CA SER A 10 -5.02 -6.94 -3.46
C SER A 10 -3.70 -6.61 -2.77
N ILE A 11 -2.66 -7.33 -3.12
CA ILE A 11 -1.34 -7.10 -2.57
C ILE A 11 -0.52 -6.21 -3.48
N GLN A 12 0.17 -5.27 -2.86
CA GLN A 12 1.06 -4.37 -3.57
C GLN A 12 2.39 -4.29 -2.85
N CYS A 13 3.39 -3.80 -3.54
CA CYS A 13 4.72 -3.64 -2.97
C CYS A 13 4.99 -2.18 -2.70
N CYS A 14 4.82 -1.78 -1.45
CA CYS A 14 4.94 -0.39 -1.05
C CYS A 14 6.38 -0.03 -0.76
N GLN A 15 6.82 1.07 -1.34
CA GLN A 15 8.16 1.58 -1.11
C GLN A 15 8.22 2.30 0.24
N ASN A 16 7.10 2.89 0.63
CA ASN A 16 6.98 3.54 1.93
C ASN A 16 5.69 3.13 2.64
N VAL A 17 5.78 2.18 3.54
CA VAL A 17 4.63 1.80 4.36
C VAL A 17 4.61 2.64 5.62
N VAL A 18 3.76 3.65 5.62
CA VAL A 18 3.70 4.60 6.71
C VAL A 18 2.27 4.76 7.22
N PRO A 19 2.10 4.89 8.53
CA PRO A 19 0.80 5.19 9.12
C PRO A 19 0.25 6.52 8.60
N GLY A 20 -1.02 6.54 8.25
CA GLY A 20 -1.64 7.75 7.74
C GLY A 20 -1.73 8.83 8.79
N ASP A 21 -1.54 8.44 10.04
CA ASP A 21 -1.51 9.36 11.16
C ASP A 21 -0.07 9.59 11.61
N SER A 22 0.87 9.00 10.88
CA SER A 22 2.29 9.17 11.17
C SER A 22 2.77 10.51 10.66
N ASP A 23 3.87 11.02 11.20
CA ASP A 23 4.43 12.27 10.71
C ASP A 23 4.65 12.20 9.22
N LEU A 24 5.15 11.06 8.75
CA LEU A 24 5.38 10.85 7.33
C LEU A 24 4.05 10.76 6.60
N GLY A 25 3.27 9.73 6.91
CA GLY A 25 2.03 9.47 6.20
C GLY A 25 1.08 10.65 6.19
N THR A 26 1.06 11.40 7.29
CA THR A 26 0.16 12.53 7.41
C THR A 26 0.59 13.65 6.48
N LEU A 27 1.88 13.93 6.45
CA LEU A 27 2.42 14.94 5.57
C LEU A 27 2.25 14.49 4.12
N LEU A 28 2.41 13.19 3.91
CA LEU A 28 2.33 12.62 2.57
C LEU A 28 0.92 12.72 2.01
N LEU A 29 -0.08 12.36 2.81
CA LEU A 29 -1.45 12.40 2.33
C LEU A 29 -1.98 13.82 2.32
N ASP A 30 -1.38 14.68 3.14
CA ASP A 30 -1.70 16.10 3.11
C ASP A 30 -1.22 16.69 1.79
N GLU A 31 -0.08 16.18 1.34
CA GLU A 31 0.53 16.59 0.09
C GLU A 31 -0.33 16.12 -1.07
N LEU A 32 -0.95 14.97 -0.87
CA LEU A 32 -1.76 14.33 -1.88
C LEU A 32 -3.23 14.74 -1.79
N GLY A 33 -3.57 15.42 -0.70
CA GLY A 33 -4.93 15.88 -0.51
C GLY A 33 -5.91 14.75 -0.30
N ILE A 34 -5.48 13.70 0.37
CA ILE A 34 -6.30 12.52 0.58
C ILE A 34 -7.36 12.76 1.64
N VAL A 35 -8.60 12.46 1.30
CA VAL A 35 -9.67 12.49 2.29
C VAL A 35 -9.74 11.15 3.02
N LEU A 36 -9.19 11.12 4.21
CA LEU A 36 -9.14 9.89 4.99
C LEU A 36 -10.49 9.56 5.60
N GLU A 37 -10.90 8.32 5.45
CA GLU A 37 -12.09 7.82 6.13
C GLU A 37 -11.70 7.33 7.51
N ASP A 38 -10.47 6.87 7.61
CA ASP A 38 -9.88 6.47 8.87
C ASP A 38 -8.41 6.83 8.81
N PRO A 39 -7.97 7.80 9.62
CA PRO A 39 -6.62 8.33 9.55
C PRO A 39 -5.59 7.39 10.15
N THR A 40 -6.04 6.27 10.69
CA THR A 40 -5.14 5.36 11.36
C THR A 40 -4.87 4.12 10.53
N VAL A 41 -5.11 4.25 9.23
CA VAL A 41 -4.80 3.18 8.29
C VAL A 41 -3.36 3.30 7.81
N LEU A 42 -2.79 2.20 7.36
CA LEU A 42 -1.45 2.21 6.81
C LEU A 42 -1.51 2.57 5.33
N ILE A 43 -0.83 3.64 4.97
CA ILE A 43 -0.76 4.05 3.59
C ILE A 43 0.61 3.74 3.01
N GLY A 44 0.63 3.30 1.78
CA GLY A 44 1.86 2.88 1.16
C GLY A 44 2.24 3.71 -0.03
N ASP A 45 3.25 4.53 0.12
CA ASP A 45 3.76 5.31 -1.00
C ASP A 45 4.68 4.44 -1.82
N GLY A 46 4.72 4.67 -3.11
CA GLY A 46 5.61 3.88 -3.96
C GLY A 46 5.18 2.44 -4.04
N CYS A 47 3.88 2.22 -4.09
CA CYS A 47 3.33 0.88 -4.01
C CYS A 47 2.90 0.40 -5.39
N ASP A 48 3.57 -0.63 -5.86
CA ASP A 48 3.22 -1.23 -7.14
C ASP A 48 2.40 -2.49 -6.93
N PRO A 49 1.28 -2.63 -7.66
CA PRO A 49 0.46 -3.83 -7.62
C PRO A 49 1.29 -5.04 -8.02
N ILE A 50 1.41 -6.02 -7.13
CA ILE A 50 2.23 -7.17 -7.41
C ILE A 50 1.47 -8.14 -8.30
N THR A 51 1.62 -7.92 -9.59
CA THR A 51 0.96 -8.74 -10.60
C THR A 51 2.01 -9.56 -11.34
N VAL A 52 3.17 -9.66 -10.73
CA VAL A 52 4.24 -10.49 -11.25
C VAL A 52 4.31 -11.79 -10.46
N ALA A 53 4.66 -12.88 -11.13
CA ALA A 53 4.73 -14.18 -10.47
C ALA A 53 6.11 -14.40 -9.87
N GLY A 54 6.33 -13.85 -8.68
CA GLY A 54 7.60 -14.00 -8.02
C GLY A 54 7.42 -14.35 -6.55
N SER A 55 8.09 -15.40 -6.12
CA SER A 55 7.96 -15.86 -4.74
C SER A 55 8.66 -14.93 -3.76
N SER A 56 9.78 -14.35 -4.19
CA SER A 56 10.53 -13.44 -3.33
C SER A 56 10.85 -12.15 -4.08
N ASP A 57 11.42 -12.27 -5.27
CA ASP A 57 11.86 -11.13 -6.04
C ASP A 57 10.69 -10.46 -6.77
N ALA A 58 9.58 -10.31 -6.07
CA ALA A 58 8.40 -9.67 -6.61
C ALA A 58 8.14 -8.33 -5.94
N CYS A 59 8.98 -8.02 -4.95
CA CYS A 59 8.84 -6.78 -4.21
C CYS A 59 10.20 -6.26 -3.78
N SER A 60 10.45 -4.99 -4.04
CA SER A 60 11.73 -4.38 -3.75
C SER A 60 11.74 -3.71 -2.37
N ALA A 61 10.56 -3.50 -1.79
CA ALA A 61 10.47 -2.78 -0.53
C ALA A 61 9.65 -3.55 0.53
N THR A 62 8.34 -3.42 0.48
CA THR A 62 7.49 -4.03 1.49
C THR A 62 6.20 -4.57 0.88
N ALA A 63 5.86 -5.81 1.21
CA ALA A 63 4.66 -6.43 0.71
C ALA A 63 3.48 -6.10 1.62
N VAL A 64 2.42 -5.56 1.04
CA VAL A 64 1.26 -5.15 1.79
C VAL A 64 -0.02 -5.46 1.04
N CYS A 65 -1.14 -5.42 1.74
CA CYS A 65 -2.42 -5.70 1.13
C CYS A 65 -3.42 -4.60 1.50
N CYS A 66 -3.85 -3.83 0.51
CA CYS A 66 -4.72 -2.70 0.76
C CYS A 66 -6.19 -3.04 0.56
N SER A 67 -7.00 -2.57 1.48
CA SER A 67 -8.43 -2.81 1.48
C SER A 67 -9.15 -1.72 0.68
N ASP A 68 -8.48 -0.61 0.49
CA ASP A 68 -9.05 0.51 -0.28
C ASP A 68 -8.52 0.48 -1.70
N ASN A 69 -9.32 0.99 -2.62
CA ASN A 69 -8.96 1.00 -4.03
C ASN A 69 -8.51 2.40 -4.46
N ASN A 70 -8.76 3.37 -3.59
CA ASN A 70 -8.40 4.77 -3.86
C ASN A 70 -6.88 4.94 -3.89
N VAL A 71 -6.34 5.18 -5.07
CA VAL A 71 -4.92 5.41 -5.24
C VAL A 71 -4.66 6.74 -5.94
N SER A 72 -3.53 7.34 -5.62
CA SER A 72 -3.11 8.58 -6.25
C SER A 72 -2.17 8.26 -7.42
N GLY A 73 -2.09 6.99 -7.76
CA GLY A 73 -1.28 6.55 -8.88
C GLY A 73 -0.13 5.69 -8.46
N VAL A 74 0.43 5.95 -7.29
CA VAL A 74 1.54 5.14 -6.80
C VAL A 74 1.40 4.82 -5.33
N ILE A 75 0.34 5.31 -4.71
CA ILE A 75 0.13 5.03 -3.29
C ILE A 75 -0.87 3.92 -3.08
N ALA A 76 -1.01 3.54 -1.83
CA ALA A 76 -1.97 2.54 -1.41
C ALA A 76 -2.57 2.94 -0.07
N ILE A 77 -3.86 2.70 0.11
CA ILE A 77 -4.54 3.11 1.33
C ILE A 77 -5.19 1.92 2.03
N GLY A 78 -4.96 1.81 3.33
CA GLY A 78 -5.53 0.73 4.11
C GLY A 78 -4.83 -0.58 3.87
N CYS A 79 -3.51 -0.57 4.00
CA CYS A 79 -2.70 -1.73 3.73
C CYS A 79 -2.30 -2.47 4.99
N LEU A 80 -2.36 -3.79 4.91
CA LEU A 80 -1.83 -4.64 5.97
C LEU A 80 -0.54 -5.30 5.50
N PRO A 81 0.50 -5.27 6.33
CA PRO A 81 1.80 -5.86 6.00
C PRO A 81 1.72 -7.37 5.87
N VAL A 82 2.14 -7.89 4.71
CA VAL A 82 2.11 -9.31 4.46
C VAL A 82 3.50 -9.81 4.11
N THR A 83 3.69 -11.10 4.26
CA THR A 83 4.96 -11.75 3.93
C THR A 83 4.69 -13.00 3.11
N LEU A 84 5.56 -13.26 2.13
CA LEU A 84 5.45 -14.43 1.28
C LEU A 84 4.20 -14.35 0.40
#